data_9J37
#
_entry.id   9J37
#
loop_
_entity.id
_entity.type
_entity.pdbx_description
1 polymer 'Neuronal acetylcholine receptor subunit alpha-7'
2 branched 2-acetamido-2-deoxy-beta-D-glucopyranose-(1-4)-2-acetamido-2-deoxy-beta-D-glucopyranose
3 non-polymer 2-acetamido-2-deoxy-beta-D-glucopyranose
4 non-polymer CHOLESTEROL
#
_entity_poly.entity_id   1
_entity_poly.type   'polypeptide(L)'
_entity_poly.pdbx_seq_one_letter_code
;GEFQRKLYKELVKNYNPLERPVANDSQPLTVYFSLSLLQIMDVDEKNQVLTTNIWLQMSWTDHYLQWNVSEYPGVKTVRF
PDGQIWKPDILLYNSADERFDATFHTNVLVNSSGHCQYLPPGIFKSSCYIDVRWFPFDVQHCKLKFGSWSYGGWSLDLQM
QEADISGYIPNGEWDLVGIPGKRSERFYECCKEPYPDVTFTVTMRRRTLYYGLNLLIPCVLISALALLVFLLPADSGEKI
SLGITVLLSLTVFMLLVAEIMPATSDSVPLIAQYFASTMIIVGLSVVVTVIVLQYHHHDPDGGKMPKWTRVILLNWCAWF
LRMKRPGEDKVRPACQHKQRRCSLASVEMSAVAPPPASNGNLLYIGFRGLDGVHCVPTPDSGVVCGRMACSPTHDEHLLH
GGQPPEGDPDLAKILEEVRYIANRFRCQDESEAVCSEWKFAACVVDRLCLMAFSVFTIICTIGILMSAPNFVEAVSKDFA
;
_entity_poly.pdbx_strand_id   A,B,C,D,E
#
# COMPACT_ATOMS: atom_id res chain seq x y z
N GLY A 1 -17.55 27.65 -48.13
CA GLY A 1 -17.59 28.58 -49.24
C GLY A 1 -17.87 27.90 -50.57
N GLU A 2 -17.98 28.71 -51.62
CA GLU A 2 -18.25 28.17 -52.95
C GLU A 2 -17.01 27.53 -53.57
N PHE A 3 -15.83 28.07 -53.28
CA PHE A 3 -14.60 27.62 -53.93
C PHE A 3 -13.96 26.44 -53.23
N GLN A 4 -13.87 26.47 -51.90
CA GLN A 4 -13.25 25.36 -51.19
C GLN A 4 -14.10 24.10 -51.27
N ARG A 5 -15.42 24.24 -51.45
CA ARG A 5 -16.27 23.07 -51.64
C ARG A 5 -15.86 22.31 -52.91
N LYS A 6 -15.75 23.02 -54.03
CA LYS A 6 -15.32 22.38 -55.27
C LYS A 6 -13.88 21.93 -55.20
N LEU A 7 -13.02 22.65 -54.46
CA LEU A 7 -11.64 22.21 -54.31
C LEU A 7 -11.57 20.88 -53.57
N TYR A 8 -12.34 20.74 -52.48
CA TYR A 8 -12.36 19.48 -51.74
C TYR A 8 -12.99 18.37 -52.57
N LYS A 9 -14.00 18.70 -53.38
CA LYS A 9 -14.60 17.69 -54.25
C LYS A 9 -13.63 17.22 -55.32
N GLU A 10 -12.76 18.12 -55.80
CA GLU A 10 -11.82 17.80 -56.87
C GLU A 10 -10.57 17.08 -56.37
N LEU A 11 -10.08 17.42 -55.18
CA LEU A 11 -8.84 16.85 -54.70
C LEU A 11 -8.97 15.35 -54.45
N VAL A 12 -10.07 14.91 -53.84
CA VAL A 12 -10.22 13.50 -53.46
C VAL A 12 -10.76 12.63 -54.57
N LYS A 13 -10.92 13.16 -55.78
CA LYS A 13 -11.39 12.36 -56.90
C LYS A 13 -10.28 11.45 -57.40
N ASN A 14 -10.60 10.16 -57.52
CA ASN A 14 -9.65 9.14 -58.01
C ASN A 14 -8.38 9.12 -57.17
N TYR A 15 -8.53 9.23 -55.85
CA TYR A 15 -7.41 9.21 -54.93
C TYR A 15 -7.42 7.90 -54.15
N ASN A 16 -6.24 7.26 -54.08
CA ASN A 16 -6.08 6.02 -53.34
C ASN A 16 -5.21 6.26 -52.12
N PRO A 17 -5.73 6.07 -50.91
CA PRO A 17 -4.92 6.27 -49.71
C PRO A 17 -3.94 5.15 -49.40
N LEU A 18 -3.73 4.23 -50.34
CA LEU A 18 -2.82 3.10 -50.14
C LEU A 18 -1.50 3.24 -50.89
N GLU A 19 -1.43 4.10 -51.89
CA GLU A 19 -0.24 4.22 -52.73
C GLU A 19 0.68 5.31 -52.20
N ARG A 20 1.96 5.16 -52.49
CA ARG A 20 2.94 6.17 -52.12
C ARG A 20 2.85 7.35 -53.07
N PRO A 21 2.67 8.58 -52.57
CA PRO A 21 2.44 9.74 -53.45
C PRO A 21 3.73 10.25 -54.09
N VAL A 22 4.24 9.50 -55.06
CA VAL A 22 5.43 9.87 -55.80
C VAL A 22 5.10 9.80 -57.29
N ALA A 23 5.90 10.51 -58.09
CA ALA A 23 5.61 10.71 -59.49
C ALA A 23 6.28 9.72 -60.43
N ASN A 24 7.16 8.84 -59.92
CA ASN A 24 7.87 7.91 -60.78
C ASN A 24 7.87 6.47 -60.29
N ASP A 25 7.61 6.21 -59.00
CA ASP A 25 7.59 4.90 -58.37
C ASP A 25 8.97 4.26 -58.27
N SER A 26 10.01 4.91 -58.79
CA SER A 26 11.37 4.41 -58.67
C SER A 26 12.28 5.31 -57.84
N GLN A 27 11.80 6.49 -57.44
CA GLN A 27 12.55 7.46 -56.66
C GLN A 27 12.09 7.45 -55.21
N PRO A 28 13.02 7.62 -54.26
CA PRO A 28 12.63 7.64 -52.85
C PRO A 28 11.82 8.87 -52.51
N LEU A 29 11.04 8.76 -51.43
CA LEU A 29 10.25 9.88 -50.91
C LEU A 29 10.89 10.31 -49.59
N THR A 30 11.49 11.50 -49.59
CA THR A 30 12.19 12.01 -48.42
C THR A 30 11.18 12.47 -47.37
N VAL A 31 11.32 11.95 -46.16
CA VAL A 31 10.45 12.31 -45.04
C VAL A 31 11.34 12.86 -43.93
N TYR A 32 11.03 14.08 -43.48
CA TYR A 32 11.80 14.73 -42.42
C TYR A 32 11.12 14.45 -41.08
N PHE A 33 11.89 13.91 -40.14
CA PHE A 33 11.38 13.45 -38.84
C PHE A 33 12.11 14.21 -37.74
N SER A 34 11.34 14.65 -36.73
CA SER A 34 11.90 15.37 -35.59
C SER A 34 11.05 15.05 -34.37
N LEU A 35 11.55 15.43 -33.19
CA LEU A 35 10.92 15.06 -31.93
C LEU A 35 10.94 16.27 -31.00
N SER A 36 9.96 16.33 -30.10
CA SER A 36 9.89 17.38 -29.10
C SER A 36 9.54 16.74 -27.76
N LEU A 37 10.42 16.94 -26.77
CA LEU A 37 10.22 16.39 -25.44
C LEU A 37 9.55 17.43 -24.55
N LEU A 38 8.41 17.06 -23.94
CA LEU A 38 7.65 17.99 -23.11
C LEU A 38 7.93 17.83 -21.62
N GLN A 39 8.08 16.59 -21.14
CA GLN A 39 8.39 16.32 -19.75
C GLN A 39 8.67 14.83 -19.58
N ILE A 40 9.41 14.50 -18.53
CA ILE A 40 9.71 13.12 -18.18
C ILE A 40 8.74 12.70 -17.08
N MET A 41 7.93 11.67 -17.35
CA MET A 41 6.88 11.31 -16.41
C MET A 41 7.38 10.31 -15.37
N ASP A 42 8.03 9.22 -15.79
CA ASP A 42 8.44 8.22 -14.82
C ASP A 42 9.61 7.41 -15.36
N VAL A 43 10.39 6.84 -14.44
CA VAL A 43 11.47 5.92 -14.75
C VAL A 43 11.31 4.74 -13.81
N ASP A 44 10.76 3.63 -14.31
CA ASP A 44 10.43 2.47 -13.50
C ASP A 44 11.53 1.43 -13.65
N GLU A 45 12.14 1.07 -12.53
CA GLU A 45 13.22 0.08 -12.52
C GLU A 45 12.72 -1.34 -12.30
N LYS A 46 11.46 -1.52 -11.92
CA LYS A 46 10.92 -2.86 -11.74
C LYS A 46 10.72 -3.55 -13.10
N ASN A 47 9.91 -2.94 -13.96
CA ASN A 47 9.71 -3.43 -15.31
C ASN A 47 10.69 -2.82 -16.31
N GLN A 48 11.56 -1.91 -15.85
CA GLN A 48 12.59 -1.29 -16.69
C GLN A 48 11.95 -0.56 -17.88
N VAL A 49 11.15 0.47 -17.56
CA VAL A 49 10.48 1.27 -18.57
C VAL A 49 10.69 2.75 -18.26
N LEU A 50 10.44 3.57 -19.27
CA LEU A 50 10.57 5.02 -19.17
C LEU A 50 9.37 5.66 -19.83
N THR A 51 8.58 6.41 -19.05
CA THR A 51 7.37 7.06 -19.51
C THR A 51 7.64 8.55 -19.70
N THR A 52 7.41 9.06 -20.91
CA THR A 52 7.71 10.44 -21.25
C THR A 52 6.57 11.01 -22.09
N ASN A 53 6.56 12.33 -22.22
CA ASN A 53 5.59 13.06 -23.04
C ASN A 53 6.32 13.62 -24.25
N ILE A 54 5.87 13.24 -25.45
CA ILE A 54 6.62 13.54 -26.67
C ILE A 54 5.64 13.90 -27.79
N TRP A 55 6.01 14.93 -28.55
CA TRP A 55 5.31 15.30 -29.79
C TRP A 55 6.24 15.00 -30.95
N LEU A 56 5.84 14.06 -31.81
CA LEU A 56 6.60 13.79 -33.02
C LEU A 56 6.29 14.87 -34.07
N GLN A 57 7.15 14.94 -35.09
CA GLN A 57 6.95 15.90 -36.17
C GLN A 57 7.41 15.25 -37.47
N MET A 58 6.51 15.13 -38.43
CA MET A 58 6.80 14.53 -39.73
C MET A 58 6.43 15.51 -40.83
N SER A 59 7.28 15.57 -41.86
CA SER A 59 7.03 16.44 -42.99
C SER A 59 7.42 15.73 -44.28
N TRP A 60 6.61 15.91 -45.32
CA TRP A 60 6.91 15.31 -46.62
C TRP A 60 6.21 16.12 -47.71
N THR A 61 6.18 15.58 -48.92
CA THR A 61 5.60 16.25 -50.07
C THR A 61 4.65 15.31 -50.79
N ASP A 62 3.48 15.83 -51.16
CA ASP A 62 2.48 15.08 -51.91
C ASP A 62 2.34 15.65 -53.32
N HIS A 63 2.11 14.75 -54.28
CA HIS A 63 2.07 15.11 -55.68
C HIS A 63 0.66 15.28 -56.23
N TYR A 64 -0.32 14.58 -55.67
CA TYR A 64 -1.69 14.65 -56.17
C TYR A 64 -2.55 15.68 -55.44
N LEU A 65 -1.95 16.47 -54.53
CA LEU A 65 -2.68 17.45 -53.74
C LEU A 65 -2.21 18.86 -54.06
N GLN A 66 -2.02 19.15 -55.35
CA GLN A 66 -1.55 20.45 -55.80
C GLN A 66 -2.65 21.16 -56.57
N TRP A 67 -2.80 22.46 -56.32
CA TRP A 67 -3.81 23.26 -57.01
C TRP A 67 -3.26 24.65 -57.24
N ASN A 68 -3.97 25.41 -58.09
CA ASN A 68 -3.58 26.77 -58.44
C ASN A 68 -4.35 27.76 -57.59
N VAL A 69 -3.63 28.62 -56.87
CA VAL A 69 -4.27 29.58 -55.97
C VAL A 69 -5.05 30.63 -56.72
N SER A 70 -4.67 30.94 -57.96
CA SER A 70 -5.41 31.95 -58.72
C SER A 70 -6.82 31.50 -59.03
N GLU A 71 -7.00 30.21 -59.34
CA GLU A 71 -8.34 29.69 -59.61
C GLU A 71 -9.20 29.62 -58.36
N TYR A 72 -8.59 29.51 -57.18
CA TYR A 72 -9.31 29.44 -55.91
C TYR A 72 -8.72 30.52 -55.01
N PRO A 73 -9.11 31.78 -55.22
CA PRO A 73 -8.42 32.89 -54.54
C PRO A 73 -8.72 33.00 -53.05
N GLY A 74 -9.44 32.04 -52.48
CA GLY A 74 -9.81 32.13 -51.09
C GLY A 74 -9.10 31.15 -50.17
N VAL A 75 -8.56 30.07 -50.73
CA VAL A 75 -7.99 28.99 -49.93
C VAL A 75 -6.50 28.88 -50.24
N LYS A 76 -5.72 28.67 -49.18
CA LYS A 76 -4.29 28.45 -49.29
C LYS A 76 -3.82 27.12 -48.70
N THR A 77 -4.55 26.59 -47.71
CA THR A 77 -4.22 25.30 -47.10
C THR A 77 -5.49 24.49 -46.94
N VAL A 78 -5.32 23.16 -46.84
CA VAL A 78 -6.43 22.25 -46.60
C VAL A 78 -6.03 21.30 -45.48
N ARG A 79 -7.04 20.64 -44.91
CA ARG A 79 -6.85 19.71 -43.81
C ARG A 79 -7.61 18.43 -44.07
N PHE A 80 -6.95 17.29 -43.83
CA PHE A 80 -7.56 15.98 -44.03
C PHE A 80 -7.47 15.15 -42.76
N PRO A 81 -8.52 14.40 -42.44
CA PRO A 81 -8.50 13.59 -41.21
C PRO A 81 -7.75 12.29 -41.37
N ASP A 82 -7.77 11.45 -40.34
CA ASP A 82 -7.08 10.16 -40.40
C ASP A 82 -7.83 9.21 -41.32
N GLY A 83 -7.10 8.59 -42.24
CA GLY A 83 -7.66 7.59 -43.11
C GLY A 83 -8.11 8.07 -44.48
N GLN A 84 -7.84 9.32 -44.83
CA GLN A 84 -8.25 9.85 -46.12
C GLN A 84 -7.08 10.14 -47.06
N ILE A 85 -5.87 10.29 -46.54
CA ILE A 85 -4.68 10.50 -47.36
C ILE A 85 -3.55 9.63 -46.83
N TRP A 86 -2.49 9.53 -47.62
CA TRP A 86 -1.36 8.67 -47.27
C TRP A 86 -0.50 9.32 -46.20
N LYS A 87 -0.10 8.54 -45.20
CA LYS A 87 0.79 8.98 -44.14
C LYS A 87 1.90 7.95 -43.93
N PRO A 88 3.09 8.39 -43.56
CA PRO A 88 4.17 7.44 -43.27
C PRO A 88 3.87 6.62 -42.02
N ASP A 89 4.40 5.41 -42.00
CA ASP A 89 4.16 4.46 -40.92
C ASP A 89 5.31 4.41 -39.92
N ILE A 90 5.94 5.56 -39.66
CA ILE A 90 7.04 5.61 -38.70
C ILE A 90 6.49 5.40 -37.30
N LEU A 91 7.09 4.45 -36.57
CA LEU A 91 6.63 4.17 -35.22
C LEU A 91 7.79 3.67 -34.37
N LEU A 92 7.63 3.81 -33.05
CA LEU A 92 8.66 3.43 -32.10
C LEU A 92 8.85 1.92 -32.09
N TYR A 93 10.11 1.48 -32.03
CA TYR A 93 10.40 0.05 -32.06
C TYR A 93 10.27 -0.59 -30.69
N ASN A 94 10.83 0.04 -29.65
CA ASN A 94 10.78 -0.54 -28.31
C ASN A 94 9.34 -0.66 -27.83
N SER A 95 8.68 0.47 -27.63
CA SER A 95 7.24 0.57 -27.41
C SER A 95 6.73 -0.52 -26.48
N ALA A 96 7.24 -0.52 -25.25
CA ALA A 96 6.79 -1.46 -24.23
C ALA A 96 5.43 -1.03 -23.66
N ASP A 97 4.46 -0.95 -24.55
CA ASP A 97 3.12 -0.47 -24.25
C ASP A 97 2.08 -1.53 -24.58
N GLU A 98 0.93 -1.44 -23.92
CA GLU A 98 -0.14 -2.40 -24.16
C GLU A 98 -0.70 -2.26 -25.57
N ARG A 99 -1.00 -1.03 -25.99
CA ARG A 99 -1.53 -0.77 -27.32
C ARG A 99 -0.45 -0.48 -28.35
N PHE A 100 0.79 -0.27 -27.92
CA PHE A 100 1.98 -0.25 -28.78
C PHE A 100 2.06 0.99 -29.65
N ASP A 101 1.03 1.84 -29.67
CA ASP A 101 1.05 3.02 -30.53
C ASP A 101 1.07 4.32 -29.75
N ALA A 102 0.04 4.59 -28.95
CA ALA A 102 -0.05 5.81 -28.14
C ALA A 102 0.30 7.05 -28.97
N THR A 103 -0.50 7.29 -30.00
CA THR A 103 -0.12 8.33 -30.95
C THR A 103 -1.18 9.41 -31.13
N PHE A 104 -2.47 9.07 -31.09
CA PHE A 104 -3.56 10.02 -31.26
C PHE A 104 -3.43 10.77 -32.59
N HIS A 105 -3.62 10.01 -33.67
CA HIS A 105 -3.52 10.56 -35.02
C HIS A 105 -4.43 11.77 -35.18
N THR A 106 -3.82 12.93 -35.42
CA THR A 106 -4.53 14.18 -35.62
C THR A 106 -4.69 14.45 -37.12
N ASN A 107 -5.17 15.65 -37.44
CA ASN A 107 -5.37 16.04 -38.84
C ASN A 107 -4.03 16.29 -39.53
N VAL A 108 -4.06 16.28 -40.85
CA VAL A 108 -2.89 16.54 -41.68
C VAL A 108 -3.14 17.81 -42.47
N LEU A 109 -2.18 18.73 -42.43
CA LEU A 109 -2.30 20.04 -43.06
C LEU A 109 -1.46 20.07 -44.34
N VAL A 110 -2.07 20.54 -45.44
CA VAL A 110 -1.45 20.54 -46.75
C VAL A 110 -1.45 21.96 -47.28
N ASN A 111 -0.29 22.42 -47.77
CA ASN A 111 -0.19 23.72 -48.39
C ASN A 111 -0.68 23.65 -49.84
N SER A 112 -0.54 24.75 -50.57
CA SER A 112 -0.97 24.80 -51.95
C SER A 112 0.02 24.16 -52.92
N SER A 113 1.18 23.75 -52.43
CA SER A 113 2.18 23.08 -53.24
C SER A 113 2.34 21.61 -52.89
N GLY A 114 1.49 21.08 -52.00
CA GLY A 114 1.53 19.69 -51.62
C GLY A 114 2.38 19.37 -50.42
N HIS A 115 3.08 20.35 -49.85
CA HIS A 115 3.94 20.10 -48.70
C HIS A 115 3.10 19.78 -47.48
N CYS A 116 3.19 18.54 -47.00
CA CYS A 116 2.35 18.05 -45.92
C CYS A 116 3.14 18.00 -44.61
N GLN A 117 2.47 18.41 -43.53
CA GLN A 117 3.03 18.40 -42.18
C GLN A 117 2.07 17.67 -41.26
N TYR A 118 2.61 16.83 -40.37
CA TYR A 118 1.78 16.00 -39.51
C TYR A 118 2.53 15.76 -38.21
N LEU A 119 1.99 16.24 -37.10
CA LEU A 119 2.63 16.10 -35.79
C LEU A 119 1.64 15.56 -34.76
N PRO A 120 1.74 14.29 -34.38
CA PRO A 120 0.87 13.76 -33.34
C PRO A 120 1.53 13.82 -31.96
N PRO A 121 0.79 14.20 -30.94
CA PRO A 121 1.31 14.16 -29.57
C PRO A 121 0.98 12.84 -28.87
N GLY A 122 1.79 12.51 -27.87
CA GLY A 122 1.50 11.28 -27.16
C GLY A 122 2.36 11.11 -25.92
N ILE A 123 2.03 10.07 -25.17
CA ILE A 123 2.79 9.63 -24.01
C ILE A 123 3.43 8.29 -24.36
N PHE A 124 4.75 8.26 -24.41
CA PHE A 124 5.49 7.09 -24.88
C PHE A 124 6.13 6.35 -23.72
N LYS A 125 5.98 5.02 -23.72
CA LYS A 125 6.56 4.13 -22.72
C LYS A 125 7.62 3.29 -23.41
N SER A 126 8.87 3.73 -23.34
CA SER A 126 9.99 3.02 -23.93
C SER A 126 10.56 2.01 -22.93
N SER A 127 11.37 1.09 -23.44
CA SER A 127 11.98 0.04 -22.62
C SER A 127 13.49 0.18 -22.71
N CYS A 128 14.13 0.60 -21.61
CA CYS A 128 15.56 0.75 -21.54
C CYS A 128 16.09 0.10 -20.26
N TYR A 129 17.31 -0.40 -20.33
CA TYR A 129 17.94 -1.05 -19.18
C TYR A 129 18.39 0.00 -18.17
N ILE A 130 18.15 -0.26 -16.90
CA ILE A 130 18.45 0.67 -15.81
C ILE A 130 19.49 0.03 -14.91
N ASP A 131 20.62 0.72 -14.74
CA ASP A 131 21.70 0.27 -13.88
C ASP A 131 21.63 1.04 -12.55
N VAL A 132 21.60 0.29 -11.45
CA VAL A 132 21.37 0.88 -10.14
C VAL A 132 22.49 0.48 -9.17
N ARG A 133 23.69 0.25 -9.71
CA ARG A 133 24.81 -0.13 -8.87
C ARG A 133 25.11 0.94 -7.84
N TRP A 134 25.09 2.20 -8.24
CA TRP A 134 25.21 3.35 -7.33
C TRP A 134 23.84 4.00 -7.27
N PHE A 135 23.00 3.53 -6.34
CA PHE A 135 21.59 3.94 -6.34
C PHE A 135 21.39 5.44 -6.16
N PRO A 136 21.96 6.11 -5.15
CA PRO A 136 21.68 7.55 -5.00
C PRO A 136 22.33 8.39 -6.08
N PHE A 137 23.61 8.13 -6.34
CA PHE A 137 24.38 8.85 -7.34
C PHE A 137 24.31 8.06 -8.64
N ASP A 138 23.28 8.32 -9.44
CA ASP A 138 22.97 7.53 -10.61
C ASP A 138 22.86 8.41 -11.84
N VAL A 139 23.37 7.91 -12.97
CA VAL A 139 23.24 8.55 -14.27
C VAL A 139 22.74 7.50 -15.25
N GLN A 140 21.69 7.84 -16.01
CA GLN A 140 21.03 6.88 -16.89
C GLN A 140 21.02 7.38 -18.32
N HIS A 141 21.16 6.43 -19.25
CA HIS A 141 21.06 6.67 -20.69
C HIS A 141 19.99 5.73 -21.25
N CYS A 142 18.92 6.29 -21.78
CA CYS A 142 17.87 5.51 -22.42
C CYS A 142 17.74 5.92 -23.88
N LYS A 143 17.15 5.04 -24.68
CA LYS A 143 17.09 5.21 -26.12
C LYS A 143 15.67 5.17 -26.63
N LEU A 144 15.41 5.97 -27.68
CA LEU A 144 14.14 5.96 -28.40
C LEU A 144 14.48 5.75 -29.87
N LYS A 145 14.02 4.63 -30.43
CA LYS A 145 14.42 4.19 -31.75
C LYS A 145 13.22 4.20 -32.69
N PHE A 146 13.23 5.11 -33.66
CA PHE A 146 12.12 5.30 -34.59
C PHE A 146 12.51 4.85 -35.99
N GLY A 147 11.55 4.31 -36.70
CA GLY A 147 11.76 3.84 -38.06
C GLY A 147 10.46 3.40 -38.67
N SER A 148 10.53 3.07 -39.96
CA SER A 148 9.38 2.64 -40.73
C SER A 148 9.20 1.13 -40.63
N TRP A 149 7.95 0.69 -40.52
CA TRP A 149 7.67 -0.72 -40.30
C TRP A 149 7.90 -1.56 -41.56
N SER A 150 7.44 -1.07 -42.72
CA SER A 150 7.45 -1.91 -43.92
C SER A 150 7.92 -1.17 -45.16
N TYR A 151 8.78 -0.16 -45.03
CA TYR A 151 9.33 0.57 -46.17
C TYR A 151 10.85 0.49 -46.13
N GLY A 152 11.45 0.24 -47.30
CA GLY A 152 12.89 0.15 -47.41
C GLY A 152 13.54 1.51 -47.54
N GLY A 153 14.83 1.49 -47.91
CA GLY A 153 15.57 2.72 -48.08
C GLY A 153 15.46 3.33 -49.45
N TRP A 154 14.98 2.58 -50.44
CA TRP A 154 14.77 3.10 -51.78
C TRP A 154 13.34 3.54 -52.02
N SER A 155 12.49 3.48 -51.00
CA SER A 155 11.10 3.95 -51.10
C SER A 155 10.81 5.07 -50.12
N LEU A 156 11.22 4.94 -48.87
CA LEU A 156 10.98 5.95 -47.84
C LEU A 156 12.25 6.09 -47.02
N ASP A 157 13.07 7.09 -47.32
CA ASP A 157 14.33 7.31 -46.64
C ASP A 157 14.15 8.35 -45.55
N LEU A 158 14.42 7.97 -44.31
CA LEU A 158 14.27 8.89 -43.18
C LEU A 158 15.38 9.93 -43.19
N GLN A 159 15.05 11.13 -42.73
CA GLN A 159 16.01 12.19 -42.48
C GLN A 159 15.80 12.71 -41.07
N MET A 160 16.89 13.17 -40.46
CA MET A 160 16.88 13.55 -39.05
C MET A 160 17.00 15.06 -38.90
N GLN A 161 16.34 15.59 -37.88
CA GLN A 161 16.45 16.98 -37.49
C GLN A 161 16.62 17.05 -35.97
N GLU A 162 17.22 18.14 -35.50
CA GLU A 162 17.51 18.27 -34.08
C GLU A 162 16.22 18.32 -33.28
N ALA A 163 16.30 17.85 -32.03
CA ALA A 163 15.14 17.83 -31.15
C ALA A 163 14.86 19.25 -30.64
N ASP A 164 13.88 19.38 -29.76
CA ASP A 164 13.47 20.69 -29.24
C ASP A 164 13.17 20.53 -27.76
N ILE A 165 14.04 21.09 -26.92
CA ILE A 165 13.87 21.01 -25.47
C ILE A 165 13.24 22.26 -24.88
N SER A 166 12.71 23.16 -25.71
CA SER A 166 12.00 24.33 -25.20
C SER A 166 10.71 23.89 -24.52
N GLY A 167 10.44 24.49 -23.36
CA GLY A 167 9.30 24.09 -22.56
C GLY A 167 9.44 22.68 -22.04
N TYR A 168 10.38 22.48 -21.13
CA TYR A 168 10.71 21.15 -20.62
C TYR A 168 9.98 20.80 -19.32
N ILE A 169 9.58 21.78 -18.53
CA ILE A 169 8.89 21.55 -17.26
C ILE A 169 9.72 20.60 -16.40
N PRO A 170 10.80 21.06 -15.79
CA PRO A 170 11.75 20.14 -15.13
C PRO A 170 11.07 19.25 -14.11
N ASN A 171 11.51 17.98 -14.07
CA ASN A 171 10.82 16.95 -13.30
C ASN A 171 10.86 17.23 -11.81
N GLY A 172 12.02 17.66 -11.31
CA GLY A 172 12.24 17.82 -9.89
C GLY A 172 12.84 16.62 -9.19
N GLU A 173 12.98 15.51 -9.89
CA GLU A 173 13.65 14.32 -9.37
C GLU A 173 14.79 13.84 -10.25
N TRP A 174 14.65 13.96 -11.57
CA TRP A 174 15.71 13.62 -12.52
C TRP A 174 16.18 14.87 -13.22
N ASP A 175 17.49 15.09 -13.23
CA ASP A 175 18.10 16.25 -13.88
C ASP A 175 18.52 15.86 -15.28
N LEU A 176 17.86 16.44 -16.28
CA LEU A 176 18.14 16.10 -17.68
C LEU A 176 19.51 16.62 -18.07
N VAL A 177 20.33 15.75 -18.66
CA VAL A 177 21.63 16.15 -19.15
C VAL A 177 21.59 16.48 -20.64
N GLY A 178 20.94 15.64 -21.44
CA GLY A 178 20.87 15.94 -22.86
C GLY A 178 20.04 14.92 -23.61
N ILE A 179 19.89 15.17 -24.90
CA ILE A 179 19.15 14.28 -25.80
C ILE A 179 19.65 14.48 -27.23
N PRO A 180 20.75 13.85 -27.62
CA PRO A 180 21.20 13.91 -29.02
C PRO A 180 20.67 12.76 -29.85
N GLY A 181 20.59 13.02 -31.16
CA GLY A 181 20.07 12.06 -32.12
C GLY A 181 21.14 11.58 -33.09
N LYS A 182 20.81 10.48 -33.77
CA LYS A 182 21.73 9.86 -34.72
C LYS A 182 20.94 9.00 -35.69
N ARG A 183 21.31 9.07 -36.97
CA ARG A 183 20.67 8.29 -38.03
C ARG A 183 21.63 7.20 -38.50
N SER A 184 21.10 5.99 -38.66
CA SER A 184 21.92 4.84 -39.02
C SER A 184 21.24 4.04 -40.12
N GLU A 185 22.04 3.27 -40.85
CA GLU A 185 21.56 2.40 -41.93
C GLU A 185 22.00 0.96 -41.62
N ARG A 186 21.12 0.01 -41.88
CA ARG A 186 21.38 -1.41 -41.60
C ARG A 186 21.14 -2.21 -42.88
N PHE A 187 22.22 -2.71 -43.47
CA PHE A 187 22.11 -3.54 -44.67
C PHE A 187 21.79 -4.98 -44.30
N TYR A 188 21.16 -5.69 -45.24
CA TYR A 188 20.87 -7.11 -45.09
C TYR A 188 21.42 -7.83 -46.30
N GLU A 189 21.89 -9.07 -46.09
CA GLU A 189 22.58 -9.81 -47.14
C GLU A 189 21.56 -10.64 -47.91
N CYS A 190 20.48 -9.98 -48.32
CA CYS A 190 19.56 -10.58 -49.27
C CYS A 190 19.04 -9.55 -50.27
N CYS A 191 19.21 -8.26 -49.96
CA CYS A 191 18.61 -7.18 -50.74
C CYS A 191 19.60 -6.12 -51.19
N LYS A 192 20.66 -5.87 -50.41
CA LYS A 192 21.66 -4.84 -50.73
C LYS A 192 21.05 -3.45 -50.80
N GLU A 193 20.07 -3.16 -49.94
CA GLU A 193 19.51 -1.82 -49.82
C GLU A 193 19.46 -1.43 -48.36
N PRO A 194 19.62 -0.14 -48.05
CA PRO A 194 19.64 0.30 -46.65
C PRO A 194 18.25 0.34 -46.04
N TYR A 195 18.23 0.30 -44.70
CA TYR A 195 17.00 0.42 -43.93
C TYR A 195 17.25 1.43 -42.81
N PRO A 196 17.15 2.73 -43.12
CA PRO A 196 17.54 3.75 -42.15
C PRO A 196 16.61 3.83 -40.96
N ASP A 197 17.17 4.30 -39.84
CA ASP A 197 16.42 4.52 -38.61
C ASP A 197 17.05 5.68 -37.85
N VAL A 198 16.28 6.27 -36.95
CA VAL A 198 16.71 7.45 -36.21
C VAL A 198 16.55 7.17 -34.72
N THR A 199 17.62 7.36 -33.95
CA THR A 199 17.61 7.08 -32.52
C THR A 199 17.98 8.33 -31.74
N PHE A 200 17.25 8.58 -30.66
CA PHE A 200 17.51 9.69 -29.75
C PHE A 200 17.87 9.13 -28.38
N THR A 201 18.95 9.64 -27.80
CA THR A 201 19.49 9.13 -26.55
C THR A 201 19.26 10.15 -25.44
N VAL A 202 18.32 9.85 -24.54
CA VAL A 202 18.06 10.72 -23.40
C VAL A 202 19.03 10.34 -22.28
N THR A 203 19.87 11.29 -21.89
CA THR A 203 20.83 11.12 -20.80
C THR A 203 20.41 12.03 -19.65
N MET A 204 20.24 11.44 -18.46
CA MET A 204 19.72 12.15 -17.31
C MET A 204 20.47 11.72 -16.05
N ARG A 205 20.35 12.55 -15.01
CA ARG A 205 21.06 12.35 -13.75
C ARG A 205 20.09 12.48 -12.58
N ARG A 206 20.27 11.64 -11.57
CA ARG A 206 19.40 11.64 -10.40
C ARG A 206 19.82 12.72 -9.41
N ARG A 207 18.83 13.34 -8.76
CA ARG A 207 19.08 14.35 -7.74
C ARG A 207 19.10 13.70 -6.36
N THR A 208 20.12 14.03 -5.57
CA THR A 208 20.41 13.35 -4.31
C THR A 208 20.25 14.27 -3.11
N LEU A 209 19.19 15.09 -3.09
CA LEU A 209 18.91 15.95 -1.94
C LEU A 209 17.92 15.31 -0.97
N TYR A 210 16.90 14.64 -1.49
CA TYR A 210 15.94 13.95 -0.62
C TYR A 210 16.60 12.81 0.14
N TYR A 211 17.44 12.04 -0.54
CA TYR A 211 18.05 10.87 0.09
C TYR A 211 19.09 11.28 1.12
N GLY A 212 19.80 12.39 0.86
CA GLY A 212 20.83 12.84 1.79
C GLY A 212 20.28 13.51 3.04
N LEU A 213 18.99 13.83 3.05
CA LEU A 213 18.36 14.47 4.21
C LEU A 213 17.41 13.55 4.95
N ASN A 214 16.64 12.72 4.25
CA ASN A 214 15.64 11.86 4.88
C ASN A 214 16.15 10.47 5.19
N LEU A 215 17.31 10.08 4.68
CA LEU A 215 17.83 8.73 4.90
C LEU A 215 19.18 8.74 5.61
N LEU A 216 20.12 9.58 5.17
CA LEU A 216 21.47 9.54 5.72
C LEU A 216 21.51 10.12 7.13
N ILE A 217 21.18 11.39 7.28
CA ILE A 217 21.32 12.11 8.54
C ILE A 217 20.56 11.39 9.67
N PRO A 218 19.33 10.88 9.43
CA PRO A 218 18.66 10.08 10.47
C PRO A 218 19.51 8.93 11.00
N CYS A 219 20.27 8.27 10.12
CA CYS A 219 21.02 7.07 10.49
C CYS A 219 22.43 7.37 10.95
N VAL A 220 22.84 8.65 10.95
CA VAL A 220 24.09 9.06 11.58
C VAL A 220 23.86 9.58 12.98
N LEU A 221 22.62 9.94 13.31
CA LEU A 221 22.25 10.29 14.67
C LEU A 221 21.93 9.06 15.50
N ILE A 222 21.79 7.89 14.88
CA ILE A 222 21.58 6.65 15.59
C ILE A 222 22.86 5.81 15.67
N SER A 223 23.67 5.79 14.62
CA SER A 223 24.95 5.09 14.67
C SER A 223 25.87 5.70 15.72
N ALA A 224 25.88 7.03 15.82
CA ALA A 224 26.69 7.71 16.83
C ALA A 224 26.02 7.74 18.19
N LEU A 225 24.73 7.42 18.29
CA LEU A 225 24.05 7.37 19.58
C LEU A 225 24.40 6.12 20.36
N ALA A 226 24.80 5.04 19.66
CA ALA A 226 25.19 3.82 20.35
C ALA A 226 26.47 4.00 21.14
N LEU A 227 27.42 4.78 20.62
CA LEU A 227 28.72 4.95 21.26
C LEU A 227 28.62 5.50 22.66
N LEU A 228 27.52 6.19 22.99
CA LEU A 228 27.33 6.70 24.35
C LEU A 228 27.33 5.60 25.39
N VAL A 229 27.07 4.35 24.99
CA VAL A 229 27.11 3.25 25.95
C VAL A 229 28.50 3.06 26.52
N PHE A 230 29.53 3.60 25.85
CA PHE A 230 30.89 3.52 26.34
C PHE A 230 31.28 4.71 27.21
N LEU A 231 30.36 5.63 27.46
CA LEU A 231 30.60 6.77 28.34
C LEU A 231 29.64 6.76 29.53
N LEU A 232 28.92 5.66 29.73
CA LEU A 232 27.94 5.54 30.80
C LEU A 232 28.50 4.65 31.90
N PRO A 233 28.60 5.13 33.13
CA PRO A 233 29.15 4.29 34.21
C PRO A 233 28.30 3.04 34.44
N ALA A 234 28.98 1.93 34.73
CA ALA A 234 28.30 0.65 34.93
C ALA A 234 27.58 0.56 36.27
N ASP A 235 27.81 1.51 37.18
CA ASP A 235 27.11 1.49 38.46
C ASP A 235 25.61 1.65 38.26
N SER A 236 25.20 2.52 37.33
CA SER A 236 23.80 2.65 37.00
C SER A 236 23.29 1.37 36.36
N GLY A 237 22.09 0.94 36.75
CA GLY A 237 21.54 -0.31 36.29
C GLY A 237 20.90 -0.24 34.91
N GLU A 238 21.53 0.46 33.98
CA GLU A 238 21.01 0.61 32.62
C GLU A 238 22.19 0.79 31.65
N LYS A 239 22.69 -0.33 31.12
CA LYS A 239 23.77 -0.26 30.14
C LYS A 239 23.37 -1.03 28.88
N ILE A 240 22.54 -2.05 29.04
CA ILE A 240 21.91 -2.74 27.92
C ILE A 240 20.51 -2.20 27.67
N SER A 241 19.91 -1.53 28.65
CA SER A 241 18.65 -0.83 28.43
C SER A 241 18.81 0.32 27.46
N LEU A 242 20.04 0.74 27.21
CA LEU A 242 20.39 1.72 26.18
C LEU A 242 21.01 1.07 24.95
N GLY A 243 21.83 0.04 25.14
CA GLY A 243 22.46 -0.61 24.01
C GLY A 243 21.48 -1.36 23.13
N ILE A 244 20.51 -2.03 23.74
CA ILE A 244 19.54 -2.84 22.97
C ILE A 244 18.36 -2.03 22.47
N THR A 245 18.13 -0.82 23.00
CA THR A 245 17.06 0.02 22.51
C THR A 245 17.45 0.83 21.28
N VAL A 246 18.73 1.16 21.12
CA VAL A 246 19.20 1.78 19.87
C VAL A 246 19.11 0.82 18.70
N LEU A 247 19.39 -0.46 18.91
CA LEU A 247 19.23 -1.46 17.85
C LEU A 247 17.78 -1.67 17.46
N LEU A 248 16.86 -1.67 18.43
CA LEU A 248 15.44 -1.79 18.12
C LEU A 248 14.91 -0.52 17.47
N SER A 249 15.40 0.64 17.88
CA SER A 249 15.00 1.91 17.27
C SER A 249 15.53 2.07 15.86
N LEU A 250 16.50 1.26 15.46
CA LEU A 250 17.01 1.28 14.10
C LEU A 250 16.48 0.14 13.25
N THR A 251 16.04 -0.95 13.89
CA THR A 251 15.33 -2.01 13.17
C THR A 251 14.00 -1.51 12.63
N VAL A 252 13.32 -0.63 13.37
CA VAL A 252 12.10 0.00 12.89
C VAL A 252 12.39 1.10 11.87
N PHE A 253 13.63 1.54 11.76
CA PHE A 253 14.02 2.50 10.74
C PHE A 253 14.20 1.86 9.37
N MET A 254 14.36 0.54 9.31
CA MET A 254 14.48 -0.18 8.05
C MET A 254 13.13 -0.46 7.40
N LEU A 255 12.03 -0.12 8.09
CA LEU A 255 10.71 -0.24 7.50
C LEU A 255 10.41 0.88 6.52
N LEU A 256 10.96 2.07 6.74
CA LEU A 256 10.82 3.19 5.83
C LEU A 256 11.98 3.29 4.85
N VAL A 257 12.93 2.37 4.92
CA VAL A 257 14.05 2.32 3.99
C VAL A 257 13.74 1.29 2.92
N ALA A 258 13.11 0.19 3.31
CA ALA A 258 12.77 -0.86 2.36
C ALA A 258 11.78 -0.40 1.30
N GLU A 259 11.07 0.69 1.53
CA GLU A 259 10.16 1.25 0.55
C GLU A 259 10.85 2.17 -0.45
N ILE A 260 12.17 2.31 -0.36
CA ILE A 260 12.93 3.19 -1.23
C ILE A 260 13.95 2.41 -2.06
N MET A 261 14.65 1.45 -1.45
CA MET A 261 15.69 0.72 -2.14
C MET A 261 15.10 -0.14 -3.25
N PRO A 262 15.84 -0.34 -4.34
CA PRO A 262 15.35 -1.19 -5.43
C PRO A 262 15.44 -2.67 -5.06
N ALA A 263 14.64 -3.46 -5.79
CA ALA A 263 14.55 -4.90 -5.55
C ALA A 263 15.33 -5.71 -6.59
N THR A 264 16.18 -5.07 -7.39
CA THR A 264 16.95 -5.79 -8.39
C THR A 264 18.05 -6.62 -7.74
N SER A 265 18.27 -7.82 -8.26
CA SER A 265 19.28 -8.74 -7.76
C SER A 265 20.53 -8.77 -8.63
N ASP A 266 20.67 -7.84 -9.57
CA ASP A 266 21.82 -7.85 -10.46
C ASP A 266 23.09 -7.39 -9.74
N SER A 267 22.98 -6.40 -8.86
CA SER A 267 24.14 -5.85 -8.17
C SER A 267 23.71 -5.36 -6.80
N VAL A 268 24.70 -4.98 -5.99
CA VAL A 268 24.47 -4.52 -4.62
C VAL A 268 24.54 -2.99 -4.63
N PRO A 269 23.45 -2.29 -4.33
CA PRO A 269 23.51 -0.82 -4.30
C PRO A 269 24.41 -0.32 -3.19
N LEU A 270 24.93 0.90 -3.38
CA LEU A 270 25.83 1.49 -2.41
C LEU A 270 25.13 1.76 -1.08
N ILE A 271 23.89 2.26 -1.12
CA ILE A 271 23.17 2.55 0.11
C ILE A 271 22.87 1.26 0.86
N ALA A 272 22.68 0.15 0.14
CA ALA A 272 22.42 -1.13 0.80
C ALA A 272 23.60 -1.58 1.64
N GLN A 273 24.81 -1.50 1.08
CA GLN A 273 25.98 -1.91 1.84
C GLN A 273 26.32 -0.91 2.94
N TYR A 274 26.03 0.37 2.73
CA TYR A 274 26.19 1.35 3.80
C TYR A 274 25.29 1.02 4.99
N PHE A 275 24.02 0.72 4.71
CA PHE A 275 23.10 0.36 5.78
C PHE A 275 23.47 -0.97 6.43
N ALA A 276 24.01 -1.91 5.64
CA ALA A 276 24.49 -3.16 6.22
C ALA A 276 25.66 -2.93 7.16
N SER A 277 26.58 -2.04 6.78
CA SER A 277 27.70 -1.71 7.66
C SER A 277 27.22 -1.06 8.95
N THR A 278 26.26 -0.15 8.84
CA THR A 278 25.69 0.46 10.05
C THR A 278 25.03 -0.60 10.93
N MET A 279 24.26 -1.50 10.32
CA MET A 279 23.64 -2.60 11.05
C MET A 279 24.68 -3.43 11.80
N ILE A 280 25.74 -3.83 11.10
CA ILE A 280 26.75 -4.69 11.70
C ILE A 280 27.45 -3.97 12.85
N ILE A 281 27.78 -2.69 12.68
CA ILE A 281 28.49 -1.96 13.72
C ILE A 281 27.61 -1.80 14.96
N VAL A 282 26.34 -1.44 14.76
CA VAL A 282 25.43 -1.27 15.89
C VAL A 282 25.21 -2.60 16.60
N GLY A 283 25.07 -3.69 15.85
CA GLY A 283 24.90 -4.98 16.48
C GLY A 283 26.12 -5.44 17.25
N LEU A 284 27.31 -5.18 16.70
CA LEU A 284 28.54 -5.58 17.38
C LEU A 284 28.84 -4.72 18.59
N SER A 285 28.30 -3.50 18.64
CA SER A 285 28.51 -2.66 19.82
C SER A 285 27.89 -3.28 21.07
N VAL A 286 26.83 -4.06 20.91
CA VAL A 286 26.19 -4.71 22.06
C VAL A 286 26.98 -5.90 22.57
N VAL A 287 27.74 -6.57 21.72
CA VAL A 287 28.53 -7.71 22.16
C VAL A 287 29.59 -7.28 23.16
N VAL A 288 30.25 -6.14 22.91
CA VAL A 288 31.34 -5.70 23.78
C VAL A 288 30.87 -5.39 25.19
N THR A 289 29.73 -4.72 25.34
CA THR A 289 29.27 -4.29 26.66
C THR A 289 28.86 -5.46 27.55
N VAL A 290 28.79 -6.68 27.01
CA VAL A 290 28.61 -7.87 27.82
C VAL A 290 29.94 -8.42 28.35
N ILE A 291 31.04 -8.19 27.65
CA ILE A 291 32.36 -8.59 28.12
C ILE A 291 32.95 -7.54 29.07
N VAL A 292 32.21 -6.48 29.36
CA VAL A 292 32.66 -5.45 30.28
C VAL A 292 32.01 -5.69 31.64
N LEU A 293 30.73 -5.99 31.64
CA LEU A 293 30.02 -6.29 32.87
C LEU A 293 30.44 -7.63 33.48
N GLN A 294 31.01 -8.53 32.69
CA GLN A 294 31.65 -9.71 33.27
C GLN A 294 32.88 -9.32 34.08
N TYR A 295 33.58 -8.28 33.63
CA TYR A 295 34.73 -7.77 34.38
C TYR A 295 34.30 -7.00 35.61
N HIS A 296 33.22 -6.24 35.51
CA HIS A 296 32.74 -5.41 36.62
C HIS A 296 32.07 -6.22 37.72
N HIS A 297 31.36 -7.29 37.37
CA HIS A 297 30.60 -8.08 38.33
C HIS A 297 31.32 -9.38 38.68
N HIS A 298 32.64 -9.36 38.70
CA HIS A 298 33.42 -10.55 39.00
C HIS A 298 33.35 -10.87 40.49
N ASP A 299 33.31 -12.17 40.80
CA ASP A 299 33.26 -12.60 42.19
C ASP A 299 34.62 -12.34 42.86
N PRO A 300 34.61 -11.73 44.05
CA PRO A 300 35.90 -11.45 44.73
C PRO A 300 36.73 -12.70 44.97
N ASP A 301 36.11 -13.83 45.29
CA ASP A 301 36.82 -15.05 45.66
C ASP A 301 36.53 -16.16 44.66
N GLY A 302 36.53 -15.84 43.38
CA GLY A 302 36.27 -16.83 42.35
C GLY A 302 37.17 -16.69 41.13
N GLY A 303 38.27 -15.96 41.28
CA GLY A 303 39.19 -15.74 40.17
C GLY A 303 40.59 -15.49 40.68
N LYS A 304 41.50 -15.26 39.74
CA LYS A 304 42.90 -15.05 40.09
C LYS A 304 43.56 -13.85 39.41
N MET A 305 42.88 -13.16 38.48
CA MET A 305 43.43 -12.03 37.75
C MET A 305 44.71 -12.47 37.04
N PRO A 306 44.58 -13.24 35.94
CA PRO A 306 45.77 -13.71 35.22
C PRO A 306 46.82 -12.64 34.97
N LYS A 307 48.08 -13.04 34.92
CA LYS A 307 49.18 -12.07 34.79
C LYS A 307 49.07 -11.29 33.49
N TRP A 308 48.72 -11.96 32.39
CA TRP A 308 48.57 -11.27 31.11
C TRP A 308 47.50 -10.19 31.18
N THR A 309 46.38 -10.47 31.85
CA THR A 309 45.35 -9.46 32.02
C THR A 309 45.86 -8.28 32.83
N ARG A 310 46.66 -8.54 33.85
CA ARG A 310 47.20 -7.46 34.68
C ARG A 310 48.25 -6.63 33.95
N VAL A 311 49.00 -7.21 33.03
CA VAL A 311 49.99 -6.45 32.27
C VAL A 311 49.35 -5.66 31.14
N ILE A 312 48.51 -6.31 30.33
CA ILE A 312 47.94 -5.63 29.17
C ILE A 312 46.95 -4.56 29.61
N LEU A 313 46.05 -4.90 30.54
CA LEU A 313 44.89 -4.07 30.85
C LEU A 313 45.14 -3.09 31.99
N LEU A 314 46.32 -3.11 32.62
CA LEU A 314 46.58 -2.24 33.75
C LEU A 314 47.89 -1.47 33.66
N ASN A 315 48.82 -1.87 32.79
CA ASN A 315 50.10 -1.21 32.67
C ASN A 315 50.31 -0.55 31.31
N TRP A 316 50.10 -1.29 30.23
CA TRP A 316 50.34 -0.74 28.89
C TRP A 316 49.16 0.09 28.42
N CYS A 317 47.98 -0.52 28.31
CA CYS A 317 46.80 0.17 27.83
C CYS A 317 46.25 1.18 28.84
N ALA A 318 46.70 1.13 30.09
CA ALA A 318 46.31 2.12 31.09
C ALA A 318 47.25 3.32 31.13
N TRP A 319 48.38 3.26 30.44
CA TRP A 319 49.29 4.39 30.36
C TRP A 319 49.16 5.17 29.05
N PHE A 320 48.76 4.51 27.97
CA PHE A 320 48.43 5.23 26.73
C PHE A 320 47.30 6.22 26.98
N LEU A 321 46.29 5.80 27.73
CA LEU A 321 45.05 6.54 27.90
C LEU A 321 45.12 7.59 28.99
N ARG A 322 46.18 7.58 29.81
CA ARG A 322 46.33 8.51 30.94
C ARG A 322 45.11 8.44 31.87
N MET A 323 44.89 7.25 32.41
CA MET A 323 43.75 6.98 33.28
C MET A 323 44.08 7.03 34.76
N LYS A 324 45.14 6.34 35.18
CA LYS A 324 45.56 6.30 36.58
C LYS A 324 44.43 5.82 37.49
N ASP A 410 34.18 -13.05 82.38
CA ASP A 410 35.56 -12.56 82.48
C ASP A 410 35.89 -11.63 81.30
N LEU A 411 37.17 -11.33 81.14
CA LEU A 411 37.63 -10.43 80.09
C LEU A 411 38.02 -11.15 78.81
N ALA A 412 38.47 -12.39 78.90
CA ALA A 412 38.98 -13.10 77.73
C ALA A 412 37.91 -13.31 76.67
N LYS A 413 36.70 -13.69 77.09
CA LYS A 413 35.63 -13.90 76.12
C LYS A 413 35.22 -12.61 75.42
N ILE A 414 35.14 -11.50 76.17
CA ILE A 414 34.84 -10.21 75.55
C ILE A 414 35.90 -9.85 74.53
N LEU A 415 37.17 -10.03 74.91
CA LEU A 415 38.27 -9.73 73.99
C LEU A 415 38.17 -10.58 72.74
N GLU A 416 37.87 -11.88 72.90
CA GLU A 416 37.77 -12.77 71.75
C GLU A 416 36.64 -12.34 70.82
N GLU A 417 35.50 -11.96 71.38
CA GLU A 417 34.38 -11.53 70.54
C GLU A 417 34.71 -10.27 69.75
N VAL A 418 35.28 -9.26 70.42
CA VAL A 418 35.61 -8.03 69.71
C VAL A 418 36.67 -8.29 68.65
N ARG A 419 37.63 -9.17 68.94
CA ARG A 419 38.64 -9.52 67.96
C ARG A 419 38.02 -10.21 66.75
N TYR A 420 37.02 -11.06 66.99
CA TYR A 420 36.29 -11.71 65.89
C TYR A 420 35.64 -10.67 64.99
N ILE A 421 34.97 -9.69 65.60
CA ILE A 421 34.31 -8.64 64.80
C ILE A 421 35.34 -7.88 63.96
N ALA A 422 36.47 -7.53 64.58
CA ALA A 422 37.51 -6.80 63.86
C ALA A 422 38.03 -7.61 62.68
N ASN A 423 38.28 -8.90 62.88
CA ASN A 423 38.76 -9.75 61.79
C ASN A 423 37.75 -9.81 60.65
N ARG A 424 36.47 -9.92 60.98
CA ARG A 424 35.42 -9.89 59.96
C ARG A 424 35.52 -8.61 59.12
N PHE A 425 35.67 -7.47 59.80
CA PHE A 425 35.74 -6.20 59.08
C PHE A 425 36.95 -6.15 58.16
N ARG A 426 38.10 -6.64 58.63
CA ARG A 426 39.30 -6.63 57.79
C ARG A 426 39.13 -7.51 56.55
N CYS A 427 38.50 -8.67 56.71
CA CYS A 427 38.26 -9.53 55.55
C CYS A 427 37.36 -8.83 54.54
N GLN A 428 36.30 -8.15 55.01
CA GLN A 428 35.44 -7.41 54.09
C GLN A 428 36.22 -6.34 53.35
N ASP A 429 37.12 -5.66 54.05
CA ASP A 429 37.93 -4.62 53.39
C ASP A 429 38.79 -5.21 52.27
N GLU A 430 39.42 -6.36 52.53
CA GLU A 430 40.24 -6.99 51.49
C GLU A 430 39.40 -7.36 50.27
N SER A 431 38.22 -7.94 50.50
CA SER A 431 37.35 -8.28 49.38
C SER A 431 36.97 -7.04 48.58
N GLU A 432 36.68 -5.94 49.27
CA GLU A 432 36.34 -4.70 48.57
C GLU A 432 37.50 -4.21 47.71
N ALA A 433 38.73 -4.32 48.21
CA ALA A 433 39.89 -3.90 47.42
C ALA A 433 40.01 -4.72 46.14
N VAL A 434 39.82 -6.04 46.24
CA VAL A 434 39.90 -6.88 45.04
C VAL A 434 38.83 -6.47 44.03
N CYS A 435 37.60 -6.24 44.52
CA CYS A 435 36.54 -5.81 43.63
C CYS A 435 36.88 -4.48 42.95
N SER A 436 37.52 -3.57 43.68
CA SER A 436 37.90 -2.29 43.11
C SER A 436 38.89 -2.46 41.96
N GLU A 437 39.86 -3.36 42.15
CA GLU A 437 40.80 -3.64 41.05
C GLU A 437 40.06 -4.12 39.81
N TRP A 438 39.12 -5.06 40.00
CA TRP A 438 38.39 -5.57 38.84
C TRP A 438 37.58 -4.48 38.15
N LYS A 439 36.95 -3.59 38.94
CA LYS A 439 36.18 -2.50 38.33
C LYS A 439 37.07 -1.56 37.53
N PHE A 440 38.27 -1.26 38.03
CA PHE A 440 39.18 -0.41 37.26
C PHE A 440 39.56 -1.07 35.94
N ALA A 441 39.81 -2.38 35.97
CA ALA A 441 40.08 -3.10 34.72
C ALA A 441 38.91 -2.94 33.75
N ALA A 442 37.68 -3.04 34.26
CA ALA A 442 36.50 -2.88 33.40
C ALA A 442 36.46 -1.48 32.77
N CYS A 443 36.76 -0.44 33.55
CA CYS A 443 36.77 0.91 33.00
C CYS A 443 37.82 1.07 31.91
N VAL A 444 39.00 0.47 32.12
CA VAL A 444 40.04 0.52 31.09
C VAL A 444 39.55 -0.13 29.80
N VAL A 445 38.88 -1.28 29.93
CA VAL A 445 38.32 -1.95 28.76
C VAL A 445 37.30 -1.05 28.06
N ASP A 446 36.46 -0.37 28.84
CA ASP A 446 35.45 0.51 28.27
C ASP A 446 36.09 1.62 27.42
N ARG A 447 37.13 2.27 27.96
CA ARG A 447 37.75 3.34 27.19
C ARG A 447 38.47 2.81 25.95
N LEU A 448 39.13 1.66 26.06
CA LEU A 448 39.78 1.05 24.91
C LEU A 448 38.77 0.77 23.80
N CYS A 449 37.61 0.21 24.16
CA CYS A 449 36.58 -0.06 23.17
C CYS A 449 35.97 1.22 22.60
N LEU A 450 35.85 2.27 23.41
CA LEU A 450 35.35 3.54 22.91
C LEU A 450 36.27 4.14 21.85
N MET A 451 37.58 4.05 22.05
CA MET A 451 38.52 4.72 21.16
C MET A 451 38.54 4.14 19.73
N ALA A 452 38.05 2.92 19.53
CA ALA A 452 38.18 2.24 18.24
C ALA A 452 36.91 2.27 17.40
N PHE A 453 35.75 2.16 18.03
CA PHE A 453 34.50 2.16 17.28
C PHE A 453 34.28 3.48 16.56
N SER A 454 34.76 4.58 17.14
CA SER A 454 34.63 5.88 16.51
C SER A 454 35.38 5.93 15.18
N VAL A 455 36.64 5.52 15.18
CA VAL A 455 37.40 5.53 13.93
C VAL A 455 36.82 4.51 12.95
N PHE A 456 36.32 3.38 13.45
CA PHE A 456 35.67 2.41 12.56
C PHE A 456 34.50 3.03 11.82
N THR A 457 33.58 3.66 12.56
CA THR A 457 32.39 4.20 11.92
C THR A 457 32.72 5.39 11.04
N ILE A 458 33.68 6.23 11.44
CA ILE A 458 34.08 7.36 10.60
C ILE A 458 34.66 6.87 9.29
N ILE A 459 35.57 5.90 9.36
CA ILE A 459 36.22 5.37 8.16
C ILE A 459 35.18 4.75 7.23
N CYS A 460 34.28 3.93 7.79
CA CYS A 460 33.27 3.29 6.96
C CYS A 460 32.36 4.31 6.30
N THR A 461 31.87 5.29 7.07
CA THR A 461 30.94 6.28 6.52
C THR A 461 31.59 7.10 5.42
N ILE A 462 32.84 7.53 5.62
CA ILE A 462 33.51 8.33 4.60
C ILE A 462 33.82 7.48 3.37
N GLY A 463 34.38 6.29 3.57
CA GLY A 463 34.83 5.50 2.45
C GLY A 463 33.72 4.97 1.57
N ILE A 464 32.61 4.53 2.18
CA ILE A 464 31.53 3.97 1.38
C ILE A 464 30.91 5.04 0.48
N LEU A 465 30.65 6.23 1.05
CA LEU A 465 30.02 7.29 0.27
C LEU A 465 30.98 7.88 -0.76
N MET A 466 32.26 8.05 -0.40
CA MET A 466 33.19 8.71 -1.29
C MET A 466 33.70 7.80 -2.41
N SER A 467 33.38 6.51 -2.38
CA SER A 467 33.85 5.60 -3.41
C SER A 467 33.10 5.77 -4.73
N ALA A 468 31.88 6.29 -4.69
CA ALA A 468 31.09 6.43 -5.90
C ALA A 468 31.67 7.55 -6.78
N PRO A 469 31.62 7.38 -8.10
CA PRO A 469 32.05 8.47 -8.99
C PRO A 469 31.02 9.58 -9.03
N ASN A 470 31.43 10.71 -9.59
CA ASN A 470 30.63 11.95 -9.67
C ASN A 470 29.94 12.28 -8.35
N PHE A 471 30.55 11.87 -7.24
CA PHE A 471 30.04 12.25 -5.93
C PHE A 471 30.25 13.74 -5.67
N VAL A 472 31.44 14.25 -5.98
CA VAL A 472 31.71 15.67 -5.81
C VAL A 472 30.84 16.49 -6.73
N GLU A 473 30.62 16.02 -7.96
CA GLU A 473 29.72 16.71 -8.88
C GLU A 473 28.31 16.76 -8.34
N ALA A 474 27.82 15.65 -7.79
CA ALA A 474 26.46 15.61 -7.26
C ALA A 474 26.31 16.53 -6.07
N VAL A 475 27.28 16.53 -5.14
CA VAL A 475 27.14 17.37 -3.96
C VAL A 475 27.34 18.84 -4.30
N SER A 476 28.10 19.13 -5.37
CA SER A 476 28.28 20.52 -5.77
C SER A 476 27.03 21.06 -6.47
N LYS A 477 26.42 20.26 -7.35
CA LYS A 477 25.25 20.73 -8.08
C LYS A 477 23.99 20.73 -7.22
N ASP A 478 23.88 19.78 -6.29
CA ASP A 478 22.61 19.58 -5.60
C ASP A 478 22.52 20.39 -4.31
N PHE A 479 23.47 20.19 -3.40
CA PHE A 479 23.39 20.84 -2.09
C PHE A 479 23.72 22.32 -2.19
N ALA A 480 24.92 22.64 -2.67
CA ALA A 480 25.35 24.03 -2.79
C ALA A 480 24.56 24.75 -3.89
N GLY B 1 -10.33 -20.43 -53.57
CA GLY B 1 -10.57 -21.29 -54.71
C GLY B 1 -11.69 -20.80 -55.60
N GLU B 2 -11.95 -21.54 -56.68
CA GLU B 2 -13.02 -21.17 -57.59
C GLU B 2 -14.40 -21.46 -57.03
N PHE B 3 -14.53 -22.52 -56.24
CA PHE B 3 -15.84 -22.98 -55.77
C PHE B 3 -16.27 -22.27 -54.49
N GLN B 4 -15.36 -22.11 -53.52
CA GLN B 4 -15.75 -21.45 -52.28
C GLN B 4 -16.02 -19.97 -52.50
N ARG B 5 -15.39 -19.36 -53.51
CA ARG B 5 -15.68 -17.97 -53.83
C ARG B 5 -17.14 -17.80 -54.22
N LYS B 6 -17.62 -18.64 -55.15
CA LYS B 6 -19.02 -18.56 -55.55
C LYS B 6 -19.95 -19.01 -54.43
N LEU B 7 -19.51 -19.95 -53.59
CA LEU B 7 -20.33 -20.34 -52.46
C LEU B 7 -20.53 -19.18 -51.48
N TYR B 8 -19.46 -18.45 -51.18
CA TYR B 8 -19.57 -17.30 -50.29
C TYR B 8 -20.39 -16.19 -50.94
N LYS B 9 -20.25 -16.01 -52.25
CA LYS B 9 -21.05 -15.00 -52.94
C LYS B 9 -22.54 -15.35 -52.93
N GLU B 10 -22.87 -16.65 -53.00
CA GLU B 10 -24.25 -17.10 -53.04
C GLU B 10 -24.91 -17.14 -51.67
N LEU B 11 -24.16 -17.51 -50.63
CA LEU B 11 -24.77 -17.68 -49.30
C LEU B 11 -25.28 -16.35 -48.74
N VAL B 12 -24.51 -15.27 -48.89
CA VAL B 12 -24.88 -14.00 -48.28
C VAL B 12 -25.81 -13.16 -49.14
N LYS B 13 -26.30 -13.70 -50.25
CA LYS B 13 -27.24 -12.97 -51.09
C LYS B 13 -28.61 -12.95 -50.44
N ASN B 14 -29.21 -11.75 -50.35
CA ASN B 14 -30.54 -11.56 -49.79
C ASN B 14 -30.63 -12.11 -48.37
N TYR B 15 -29.59 -11.87 -47.58
CA TYR B 15 -29.52 -12.34 -46.19
C TYR B 15 -29.64 -11.16 -45.25
N ASN B 16 -30.53 -11.29 -44.26
CA ASN B 16 -30.74 -10.27 -43.24
C ASN B 16 -30.22 -10.77 -41.91
N PRO B 17 -29.20 -10.13 -41.32
CA PRO B 17 -28.69 -10.56 -40.02
C PRO B 17 -29.55 -10.17 -38.84
N LEU B 18 -30.78 -9.70 -39.07
CA LEU B 18 -31.67 -9.27 -38.00
C LEU B 18 -32.80 -10.25 -37.72
N GLU B 19 -33.11 -11.14 -38.65
CA GLU B 19 -34.23 -12.07 -38.50
C GLU B 19 -33.78 -13.38 -37.88
N ARG B 20 -34.72 -14.04 -37.21
CA ARG B 20 -34.45 -15.36 -36.64
C ARG B 20 -34.45 -16.41 -37.73
N PRO B 21 -33.41 -17.22 -37.86
CA PRO B 21 -33.31 -18.17 -38.99
C PRO B 21 -34.15 -19.42 -38.78
N VAL B 22 -35.47 -19.26 -38.89
CA VAL B 22 -36.40 -20.36 -38.76
C VAL B 22 -37.30 -20.37 -40.00
N ALA B 23 -37.92 -21.52 -40.26
CA ALA B 23 -38.63 -21.75 -41.51
C ALA B 23 -40.13 -21.49 -41.41
N ASN B 24 -40.67 -21.20 -40.24
CA ASN B 24 -42.10 -20.99 -40.09
C ASN B 24 -42.49 -19.75 -39.30
N ASP B 25 -41.59 -19.19 -38.49
CA ASP B 25 -41.81 -18.00 -37.66
C ASP B 25 -42.78 -18.26 -36.50
N SER B 26 -43.35 -19.46 -36.39
CA SER B 26 -44.22 -19.81 -35.28
C SER B 26 -43.67 -20.92 -34.40
N GLN B 27 -42.55 -21.54 -34.79
CA GLN B 27 -41.91 -22.61 -34.06
C GLN B 27 -40.67 -22.10 -33.33
N PRO B 28 -40.42 -22.60 -32.12
CA PRO B 28 -39.23 -22.16 -31.37
C PRO B 28 -37.95 -22.64 -32.03
N LEU B 29 -36.87 -21.91 -31.77
CA LEU B 29 -35.54 -22.27 -32.23
C LEU B 29 -34.74 -22.78 -31.03
N THR B 30 -34.43 -24.07 -31.03
CA THR B 30 -33.71 -24.68 -29.91
C THR B 30 -32.24 -24.28 -29.96
N VAL B 31 -31.73 -23.79 -28.84
CA VAL B 31 -30.33 -23.37 -28.70
C VAL B 31 -29.74 -24.15 -27.54
N TYR B 32 -28.65 -24.87 -27.79
CA TYR B 32 -27.98 -25.65 -26.75
C TYR B 32 -26.85 -24.81 -26.16
N PHE B 33 -26.86 -24.65 -24.85
CA PHE B 33 -25.94 -23.79 -24.12
C PHE B 33 -25.16 -24.62 -23.10
N SER B 34 -23.85 -24.38 -23.02
CA SER B 34 -22.99 -25.08 -22.08
C SER B 34 -21.86 -24.14 -21.68
N LEU B 35 -21.10 -24.54 -20.65
CA LEU B 35 -20.08 -23.68 -20.08
C LEU B 35 -18.84 -24.51 -19.78
N SER B 36 -17.68 -23.85 -19.80
CA SER B 36 -16.43 -24.49 -19.46
C SER B 36 -15.64 -23.56 -18.54
N LEU B 37 -15.28 -24.06 -17.36
CA LEU B 37 -14.53 -23.28 -16.37
C LEU B 37 -13.04 -23.58 -16.51
N LEU B 38 -12.24 -22.53 -16.67
CA LEU B 38 -10.79 -22.70 -16.86
C LEU B 38 -9.99 -22.46 -15.59
N GLN B 39 -10.37 -21.48 -14.78
CA GLN B 39 -9.71 -21.21 -13.50
C GLN B 39 -10.51 -20.15 -12.76
N ILE B 40 -10.31 -20.10 -11.45
CA ILE B 40 -10.92 -19.10 -10.59
C ILE B 40 -9.87 -18.03 -10.31
N MET B 41 -10.17 -16.79 -10.70
CA MET B 41 -9.16 -15.73 -10.59
C MET B 41 -9.20 -15.06 -9.23
N ASP B 42 -10.37 -14.62 -8.78
CA ASP B 42 -10.42 -13.89 -7.52
C ASP B 42 -11.82 -13.99 -6.91
N VAL B 43 -11.86 -13.83 -5.59
CA VAL B 43 -13.11 -13.75 -4.82
C VAL B 43 -12.96 -12.54 -3.90
N ASP B 44 -13.56 -11.42 -4.28
CA ASP B 44 -13.38 -10.16 -3.57
C ASP B 44 -14.59 -9.98 -2.66
N GLU B 45 -14.34 -9.82 -1.36
CA GLU B 45 -15.39 -9.63 -0.37
C GLU B 45 -15.72 -8.17 -0.12
N LYS B 46 -14.89 -7.24 -0.56
CA LYS B 46 -15.18 -5.82 -0.38
C LYS B 46 -16.36 -5.40 -1.25
N ASN B 47 -16.22 -5.56 -2.56
CA ASN B 47 -17.31 -5.29 -3.49
C ASN B 47 -18.18 -6.51 -3.75
N GLN B 48 -17.86 -7.65 -3.14
CA GLN B 48 -18.64 -8.89 -3.27
C GLN B 48 -18.76 -9.33 -4.73
N VAL B 49 -17.62 -9.63 -5.34
CA VAL B 49 -17.56 -10.06 -6.72
C VAL B 49 -16.72 -11.33 -6.82
N LEU B 50 -16.88 -12.03 -7.94
CA LEU B 50 -16.16 -13.25 -8.23
C LEU B 50 -15.66 -13.19 -9.67
N THR B 51 -14.35 -13.24 -9.85
CA THR B 51 -13.71 -13.14 -11.17
C THR B 51 -13.22 -14.52 -11.57
N THR B 52 -13.70 -15.01 -12.71
CA THR B 52 -13.39 -16.35 -13.20
C THR B 52 -13.08 -16.30 -14.69
N ASN B 53 -12.50 -17.39 -15.19
CA ASN B 53 -12.20 -17.56 -16.61
C ASN B 53 -13.13 -18.62 -17.18
N ILE B 54 -13.91 -18.27 -18.20
CA ILE B 54 -14.99 -19.13 -18.67
C ILE B 54 -15.07 -19.06 -20.18
N TRP B 55 -15.28 -20.22 -20.81
CA TRP B 55 -15.58 -20.31 -22.24
C TRP B 55 -17.02 -20.80 -22.37
N LEU B 56 -17.88 -19.97 -22.93
CA LEU B 56 -19.25 -20.38 -23.23
C LEU B 56 -19.28 -21.24 -24.48
N GLN B 57 -20.41 -21.94 -24.67
CA GLN B 57 -20.58 -22.78 -25.84
C GLN B 57 -22.04 -22.74 -26.25
N MET B 58 -22.32 -22.28 -27.47
CA MET B 58 -23.67 -22.23 -27.99
C MET B 58 -23.75 -22.97 -29.32
N SER B 59 -24.85 -23.68 -29.53
CA SER B 59 -25.06 -24.43 -30.76
C SER B 59 -26.51 -24.29 -31.20
N TRP B 60 -26.72 -24.14 -32.50
CA TRP B 60 -28.08 -24.05 -33.03
C TRP B 60 -28.06 -24.50 -34.50
N THR B 61 -29.16 -24.26 -35.20
CA THR B 61 -29.30 -24.65 -36.59
C THR B 61 -29.78 -23.47 -37.42
N ASP B 62 -29.19 -23.31 -38.60
CA ASP B 62 -29.58 -22.25 -39.53
C ASP B 62 -30.19 -22.85 -40.79
N HIS B 63 -31.19 -22.15 -41.33
CA HIS B 63 -31.95 -22.64 -42.46
C HIS B 63 -31.51 -22.07 -43.80
N TYR B 64 -30.96 -20.86 -43.82
CA TYR B 64 -30.55 -20.22 -45.06
C TYR B 64 -29.08 -20.45 -45.41
N LEU B 65 -28.37 -21.27 -44.63
CA LEU B 65 -26.96 -21.53 -44.85
C LEU B 65 -26.72 -23.00 -45.20
N GLN B 66 -27.56 -23.55 -46.07
CA GLN B 66 -27.48 -24.94 -46.49
C GLN B 66 -27.08 -25.02 -47.96
N TRP B 67 -26.17 -25.92 -48.27
CA TRP B 67 -25.72 -26.11 -49.65
C TRP B 67 -25.45 -27.58 -49.89
N ASN B 68 -25.33 -27.94 -51.16
CA ASN B 68 -25.07 -29.31 -51.57
C ASN B 68 -23.58 -29.52 -51.80
N VAL B 69 -23.00 -30.50 -51.11
CA VAL B 69 -21.57 -30.73 -51.18
C VAL B 69 -21.14 -31.28 -52.53
N SER B 70 -22.06 -31.93 -53.26
CA SER B 70 -21.71 -32.46 -54.58
C SER B 70 -21.40 -31.34 -55.56
N GLU B 71 -22.17 -30.25 -55.51
CA GLU B 71 -21.92 -29.11 -56.40
C GLU B 71 -20.66 -28.36 -56.03
N TYR B 72 -20.22 -28.43 -54.78
CA TYR B 72 -19.00 -27.76 -54.31
C TYR B 72 -18.14 -28.82 -53.63
N PRO B 73 -17.45 -29.65 -54.42
CA PRO B 73 -16.78 -30.82 -53.85
C PRO B 73 -15.53 -30.51 -53.03
N GLY B 74 -15.25 -29.23 -52.80
CA GLY B 74 -14.04 -28.87 -52.09
C GLY B 74 -14.26 -28.32 -50.69
N VAL B 75 -15.47 -27.86 -50.39
CA VAL B 75 -15.77 -27.19 -49.14
C VAL B 75 -16.78 -28.00 -48.34
N LYS B 76 -16.56 -28.07 -47.03
CA LYS B 76 -17.47 -28.74 -46.11
C LYS B 76 -17.98 -27.83 -45.00
N THR B 77 -17.20 -26.81 -44.61
CA THR B 77 -17.60 -25.87 -43.58
C THR B 77 -17.25 -24.46 -44.02
N VAL B 78 -17.94 -23.47 -43.45
CA VAL B 78 -17.68 -22.07 -43.71
C VAL B 78 -17.58 -21.33 -42.39
N ARG B 79 -17.00 -20.13 -42.43
CA ARG B 79 -16.81 -19.32 -41.24
C ARG B 79 -17.25 -17.89 -41.53
N PHE B 80 -17.98 -17.31 -40.58
CA PHE B 80 -18.47 -15.94 -40.71
C PHE B 80 -18.06 -15.11 -39.51
N PRO B 81 -17.68 -13.85 -39.72
CA PRO B 81 -17.25 -13.00 -38.60
C PRO B 81 -18.42 -12.41 -37.84
N ASP B 82 -18.13 -11.56 -36.86
CA ASP B 82 -19.18 -10.95 -36.05
C ASP B 82 -19.90 -9.90 -36.89
N GLY B 83 -21.23 -9.95 -36.89
CA GLY B 83 -22.04 -8.96 -37.56
C GLY B 83 -22.51 -9.33 -38.95
N GLN B 84 -22.27 -10.55 -39.41
CA GLN B 84 -22.69 -10.96 -40.74
C GLN B 84 -23.80 -12.01 -40.74
N ILE B 85 -23.99 -12.74 -39.64
CA ILE B 85 -25.07 -13.72 -39.53
C ILE B 85 -25.71 -13.57 -38.15
N TRP B 86 -26.86 -14.22 -38.00
CA TRP B 86 -27.64 -14.11 -36.77
C TRP B 86 -26.99 -14.95 -35.66
N LYS B 87 -26.90 -14.36 -34.47
CA LYS B 87 -26.41 -15.05 -33.29
C LYS B 87 -27.36 -14.82 -32.12
N PRO B 88 -27.49 -15.79 -31.23
CA PRO B 88 -28.33 -15.58 -30.04
C PRO B 88 -27.73 -14.53 -29.11
N ASP B 89 -28.62 -13.87 -28.36
CA ASP B 89 -28.23 -12.76 -27.49
C ASP B 89 -28.19 -13.19 -26.03
N ILE B 90 -27.71 -14.40 -25.75
CA ILE B 90 -27.61 -14.88 -24.37
C ILE B 90 -26.46 -14.17 -23.67
N LEU B 91 -26.73 -13.61 -22.50
CA LEU B 91 -25.68 -12.96 -21.73
C LEU B 91 -25.92 -13.15 -20.24
N LEU B 92 -24.86 -12.95 -19.47
CA LEU B 92 -24.93 -13.07 -18.02
C LEU B 92 -25.79 -11.96 -17.43
N TYR B 93 -26.62 -12.30 -16.45
CA TYR B 93 -27.52 -11.31 -15.86
C TYR B 93 -26.83 -10.49 -14.78
N ASN B 94 -26.09 -11.13 -13.88
CA ASN B 94 -25.42 -10.41 -12.81
C ASN B 94 -24.41 -9.42 -13.36
N SER B 95 -23.37 -9.93 -14.00
CA SER B 95 -22.41 -9.15 -14.80
C SER B 95 -22.04 -7.83 -14.14
N ALA B 96 -21.45 -7.93 -12.95
CA ALA B 96 -20.98 -6.75 -12.23
C ALA B 96 -19.67 -6.24 -12.83
N ASP B 97 -19.76 -5.88 -14.11
CA ASP B 97 -18.61 -5.46 -14.91
C ASP B 97 -18.85 -4.08 -15.49
N GLU B 98 -17.75 -3.38 -15.79
CA GLU B 98 -17.85 -2.04 -16.36
C GLU B 98 -18.46 -2.08 -17.76
N ARG B 99 -17.95 -2.97 -18.62
CA ARG B 99 -18.46 -3.09 -19.98
C ARG B 99 -19.59 -4.11 -20.10
N PHE B 100 -19.83 -4.91 -19.05
CA PHE B 100 -21.02 -5.74 -18.90
C PHE B 100 -21.05 -6.94 -19.84
N ASP B 101 -20.10 -7.04 -20.77
CA ASP B 101 -20.12 -8.15 -21.73
C ASP B 101 -18.95 -9.09 -21.55
N ALA B 102 -17.72 -8.61 -21.69
CA ALA B 102 -16.50 -9.41 -21.57
C ALA B 102 -16.62 -10.74 -22.33
N THR B 103 -16.80 -10.63 -23.63
CA THR B 103 -17.15 -11.81 -24.41
C THR B 103 -16.18 -12.12 -25.54
N PHE B 104 -15.66 -11.09 -26.24
CA PHE B 104 -14.74 -11.27 -27.35
C PHE B 104 -15.33 -12.17 -28.43
N HIS B 105 -16.37 -11.64 -29.08
CA HIS B 105 -17.07 -12.37 -30.13
C HIS B 105 -16.11 -12.86 -31.20
N THR B 106 -15.99 -14.17 -31.32
CA THR B 106 -15.13 -14.82 -32.31
C THR B 106 -15.95 -15.19 -33.54
N ASN B 107 -15.33 -15.94 -34.45
CA ASN B 107 -15.99 -16.37 -35.68
C ASN B 107 -17.04 -17.44 -35.38
N VAL B 108 -17.95 -17.63 -36.32
CA VAL B 108 -18.99 -18.64 -36.23
C VAL B 108 -18.77 -19.67 -37.34
N LEU B 109 -18.76 -20.94 -36.98
CA LEU B 109 -18.47 -22.04 -37.90
C LEU B 109 -19.76 -22.76 -38.26
N VAL B 110 -19.98 -22.96 -39.56
CA VAL B 110 -21.21 -23.54 -40.09
C VAL B 110 -20.86 -24.78 -40.90
N ASN B 111 -21.55 -25.88 -40.65
CA ASN B 111 -21.36 -27.10 -41.42
C ASN B 111 -22.15 -26.99 -42.73
N SER B 112 -22.18 -28.09 -43.49
CA SER B 112 -22.90 -28.11 -44.76
C SER B 112 -24.40 -28.32 -44.59
N SER B 113 -24.86 -28.60 -43.37
CA SER B 113 -26.28 -28.77 -43.09
C SER B 113 -26.87 -27.61 -42.29
N GLY B 114 -26.08 -26.56 -42.06
CA GLY B 114 -26.55 -25.39 -41.35
C GLY B 114 -26.33 -25.41 -39.85
N HIS B 115 -25.79 -26.50 -39.30
CA HIS B 115 -25.57 -26.58 -37.86
C HIS B 115 -24.45 -25.65 -37.45
N CYS B 116 -24.79 -24.61 -36.69
CA CYS B 116 -23.85 -23.57 -36.31
C CYS B 116 -23.39 -23.76 -34.87
N GLN B 117 -22.09 -23.54 -34.66
CA GLN B 117 -21.46 -23.61 -33.34
C GLN B 117 -20.69 -22.33 -33.10
N TYR B 118 -20.78 -21.80 -31.87
CA TYR B 118 -20.15 -20.52 -31.54
C TYR B 118 -19.77 -20.53 -30.07
N LEU B 119 -18.48 -20.41 -29.79
CA LEU B 119 -17.97 -20.45 -28.42
C LEU B 119 -17.03 -19.28 -28.17
N PRO B 120 -17.45 -18.26 -27.42
CA PRO B 120 -16.54 -17.16 -27.09
C PRO B 120 -15.89 -17.37 -25.74
N PRO B 121 -14.61 -17.06 -25.61
CA PRO B 121 -13.94 -17.09 -24.31
C PRO B 121 -13.97 -15.73 -23.62
N GLY B 122 -13.85 -15.75 -22.30
CA GLY B 122 -13.82 -14.48 -21.60
C GLY B 122 -13.50 -14.62 -20.12
N ILE B 123 -13.34 -13.47 -19.49
CA ILE B 123 -13.16 -13.36 -18.05
C ILE B 123 -14.42 -12.70 -17.49
N PHE B 124 -15.14 -13.42 -16.64
CA PHE B 124 -16.43 -12.98 -16.14
C PHE B 124 -16.33 -12.55 -14.69
N LYS B 125 -16.93 -11.40 -14.38
CA LYS B 125 -16.99 -10.85 -13.03
C LYS B 125 -18.45 -10.88 -12.57
N SER B 126 -18.81 -11.94 -11.86
CA SER B 126 -20.16 -12.10 -11.34
C SER B 126 -20.27 -11.44 -9.96
N SER B 127 -21.51 -11.23 -9.52
CA SER B 127 -21.79 -10.61 -8.23
C SER B 127 -22.56 -11.58 -7.36
N CYS B 128 -21.90 -12.10 -6.32
CA CYS B 128 -22.52 -13.03 -5.39
C CYS B 128 -22.23 -12.59 -3.96
N TYR B 129 -23.17 -12.89 -3.07
CA TYR B 129 -23.03 -12.53 -1.66
C TYR B 129 -22.04 -13.47 -0.98
N ILE B 130 -21.16 -12.91 -0.16
CA ILE B 130 -20.11 -13.67 0.51
C ILE B 130 -20.34 -13.59 2.01
N ASP B 131 -20.44 -14.76 2.64
CA ASP B 131 -20.63 -14.86 4.09
C ASP B 131 -19.29 -15.21 4.74
N VAL B 132 -18.90 -14.41 5.73
CA VAL B 132 -17.57 -14.53 6.32
C VAL B 132 -17.68 -14.68 7.84
N ARG B 133 -18.78 -15.28 8.30
CA ARG B 133 -18.97 -15.47 9.73
C ARG B 133 -17.88 -16.34 10.32
N TRP B 134 -17.50 -17.42 9.63
CA TRP B 134 -16.37 -18.26 10.00
C TRP B 134 -15.28 -18.00 8.96
N PHE B 135 -14.44 -17.01 9.22
CA PHE B 135 -13.51 -16.54 8.20
C PHE B 135 -12.53 -17.60 7.72
N PRO B 136 -11.77 -18.31 8.59
CA PRO B 136 -10.81 -19.29 8.06
C PRO B 136 -11.48 -20.51 7.47
N PHE B 137 -12.45 -21.06 8.19
CA PHE B 137 -13.19 -22.25 7.75
C PHE B 137 -14.45 -21.79 7.05
N ASP B 138 -14.34 -21.53 5.75
CA ASP B 138 -15.41 -20.91 4.99
C ASP B 138 -15.74 -21.75 3.77
N VAL B 139 -17.04 -21.83 3.46
CA VAL B 139 -17.55 -22.49 2.27
C VAL B 139 -18.49 -21.52 1.57
N GLN B 140 -18.29 -21.32 0.26
CA GLN B 140 -19.04 -20.32 -0.49
C GLN B 140 -19.78 -20.95 -1.66
N HIS B 141 -20.96 -20.42 -1.94
CA HIS B 141 -21.79 -20.79 -3.08
C HIS B 141 -22.09 -19.52 -3.87
N CYS B 142 -21.64 -19.45 -5.11
CA CYS B 142 -21.93 -18.33 -5.99
C CYS B 142 -22.67 -18.82 -7.23
N LYS B 143 -23.39 -17.91 -7.86
CA LYS B 143 -24.27 -18.27 -8.97
C LYS B 143 -23.90 -17.51 -10.23
N LEU B 144 -24.09 -18.17 -11.37
CA LEU B 144 -23.93 -17.58 -12.69
C LEU B 144 -25.23 -17.83 -13.46
N LYS B 145 -25.94 -16.76 -13.81
CA LYS B 145 -27.29 -16.85 -14.35
C LYS B 145 -27.29 -16.34 -15.78
N PHE B 146 -27.51 -17.24 -16.74
CA PHE B 146 -27.47 -16.92 -18.16
C PHE B 146 -28.87 -17.02 -18.75
N GLY B 147 -29.14 -16.15 -19.72
CA GLY B 147 -30.43 -16.14 -20.39
C GLY B 147 -30.42 -15.14 -21.52
N SER B 148 -31.50 -15.16 -22.30
CA SER B 148 -31.66 -14.29 -23.44
C SER B 148 -32.27 -12.95 -23.01
N TRP B 149 -31.77 -11.87 -23.62
CA TRP B 149 -32.18 -10.54 -23.19
C TRP B 149 -33.59 -10.20 -23.67
N SER B 150 -33.92 -10.52 -24.93
CA SER B 150 -35.18 -10.06 -25.49
C SER B 150 -35.91 -11.12 -26.31
N TYR B 151 -35.78 -12.40 -25.96
CA TYR B 151 -36.49 -13.48 -26.63
C TYR B 151 -37.28 -14.28 -25.61
N GLY B 152 -38.52 -14.61 -25.97
CA GLY B 152 -39.38 -15.38 -25.10
C GLY B 152 -39.11 -16.87 -25.19
N GLY B 153 -40.03 -17.64 -24.59
CA GLY B 153 -39.90 -19.08 -24.61
C GLY B 153 -40.49 -19.74 -25.85
N TRP B 154 -41.29 -19.01 -26.61
CA TRP B 154 -41.86 -19.52 -27.86
C TRP B 154 -41.06 -19.10 -29.08
N SER B 155 -39.94 -18.40 -28.88
CA SER B 155 -39.07 -17.99 -29.97
C SER B 155 -37.67 -18.56 -29.84
N LEU B 156 -37.10 -18.55 -28.64
CA LEU B 156 -35.75 -19.06 -28.40
C LEU B 156 -35.76 -19.74 -27.04
N ASP B 157 -35.91 -21.07 -27.04
CA ASP B 157 -35.97 -21.85 -25.81
C ASP B 157 -34.58 -22.40 -25.50
N LEU B 158 -34.06 -22.04 -24.33
CA LEU B 158 -32.74 -22.50 -23.92
C LEU B 158 -32.78 -23.98 -23.54
N GLN B 159 -31.68 -24.67 -23.81
CA GLN B 159 -31.47 -26.04 -23.34
C GLN B 159 -30.12 -26.10 -22.63
N MET B 160 -30.03 -26.99 -21.66
CA MET B 160 -28.86 -27.06 -20.78
C MET B 160 -28.05 -28.32 -21.06
N GLN B 161 -26.73 -28.18 -20.92
CA GLN B 161 -25.81 -29.31 -21.00
C GLN B 161 -24.82 -29.20 -19.84
N GLU B 162 -24.25 -30.33 -19.46
CA GLU B 162 -23.35 -30.35 -18.31
C GLU B 162 -22.09 -29.53 -18.59
N ALA B 163 -21.52 -28.99 -17.53
CA ALA B 163 -20.32 -28.16 -17.65
C ALA B 163 -19.11 -29.05 -17.90
N ASP B 164 -17.92 -28.45 -17.94
CA ASP B 164 -16.70 -29.17 -18.26
C ASP B 164 -15.60 -28.65 -17.33
N ILE B 165 -15.20 -29.49 -16.38
CA ILE B 165 -14.14 -29.11 -15.43
C ILE B 165 -12.78 -29.64 -15.81
N SER B 166 -12.62 -30.20 -17.00
CA SER B 166 -11.31 -30.63 -17.46
C SER B 166 -10.40 -29.44 -17.68
N GLY B 167 -9.15 -29.56 -17.26
CA GLY B 167 -8.22 -28.45 -17.33
C GLY B 167 -8.64 -27.31 -16.42
N TYR B 168 -8.57 -27.53 -15.11
CA TYR B 168 -9.06 -26.57 -14.13
C TYR B 168 -7.98 -25.66 -13.57
N ILE B 169 -6.72 -26.08 -13.58
CA ILE B 169 -5.61 -25.29 -13.05
C ILE B 169 -5.93 -24.85 -11.62
N PRO B 170 -5.83 -25.75 -10.63
CA PRO B 170 -6.33 -25.44 -9.28
C PRO B 170 -5.73 -24.15 -8.72
N ASN B 171 -6.59 -23.39 -8.03
CA ASN B 171 -6.23 -22.04 -7.61
C ASN B 171 -5.08 -22.04 -6.61
N GLY B 172 -5.10 -22.95 -5.64
CA GLY B 172 -4.13 -22.95 -4.57
C GLY B 172 -4.56 -22.21 -3.33
N GLU B 173 -5.71 -21.52 -3.38
CA GLU B 173 -6.28 -20.85 -2.22
C GLU B 173 -7.72 -21.26 -1.96
N TRP B 174 -8.51 -21.49 -3.01
CA TRP B 174 -9.87 -21.96 -2.89
C TRP B 174 -9.97 -23.37 -3.47
N ASP B 175 -10.56 -24.28 -2.70
CA ASP B 175 -10.71 -25.67 -3.12
C ASP B 175 -12.09 -25.85 -3.73
N LEU B 176 -12.13 -26.08 -5.03
CA LEU B 176 -13.40 -26.21 -5.74
C LEU B 176 -14.11 -27.48 -5.31
N VAL B 177 -15.38 -27.35 -4.95
CA VAL B 177 -16.19 -28.50 -4.58
C VAL B 177 -17.04 -28.99 -5.75
N GLY B 178 -17.69 -28.08 -6.46
CA GLY B 178 -18.50 -28.51 -7.59
C GLY B 178 -19.10 -27.33 -8.33
N ILE B 179 -19.80 -27.66 -9.42
CA ILE B 179 -20.49 -26.67 -10.24
C ILE B 179 -21.65 -27.34 -10.98
N PRO B 180 -22.80 -27.54 -10.34
CA PRO B 180 -23.95 -28.08 -11.05
C PRO B 180 -24.84 -26.99 -11.64
N GLY B 181 -25.58 -27.37 -12.68
CA GLY B 181 -26.45 -26.47 -13.39
C GLY B 181 -27.93 -26.84 -13.24
N LYS B 182 -28.79 -25.88 -13.59
CA LYS B 182 -30.22 -26.07 -13.49
C LYS B 182 -30.92 -25.10 -14.41
N ARG B 183 -31.98 -25.56 -15.07
CA ARG B 183 -32.77 -24.76 -15.99
C ARG B 183 -34.13 -24.49 -15.37
N SER B 184 -34.59 -23.24 -15.46
CA SER B 184 -35.84 -22.84 -14.83
C SER B 184 -36.66 -22.00 -15.79
N GLU B 185 -37.97 -21.96 -15.56
CA GLU B 185 -38.90 -21.17 -16.35
C GLU B 185 -39.64 -20.22 -15.41
N ARG B 186 -39.85 -18.98 -15.88
CA ARG B 186 -40.51 -17.94 -15.09
C ARG B 186 -41.68 -17.37 -15.90
N PHE B 187 -42.89 -17.67 -15.45
CA PHE B 187 -44.08 -17.14 -16.10
C PHE B 187 -44.40 -15.74 -15.61
N TYR B 188 -45.08 -14.97 -16.45
CA TYR B 188 -45.56 -13.65 -16.10
C TYR B 188 -47.05 -13.57 -16.38
N GLU B 189 -47.76 -12.80 -15.55
CA GLU B 189 -49.22 -12.76 -15.62
C GLU B 189 -49.64 -11.65 -16.57
N CYS B 190 -49.04 -11.64 -17.75
CA CYS B 190 -49.52 -10.78 -18.83
C CYS B 190 -49.40 -11.49 -20.18
N CYS B 191 -48.64 -12.58 -20.24
CA CYS B 191 -48.32 -13.23 -21.50
C CYS B 191 -48.60 -14.72 -21.51
N LYS B 192 -48.47 -15.40 -20.37
CA LYS B 192 -48.70 -16.84 -20.26
C LYS B 192 -47.73 -17.64 -21.13
N GLU B 193 -46.48 -17.17 -21.24
CA GLU B 193 -45.45 -17.91 -21.93
C GLU B 193 -44.20 -17.97 -21.06
N PRO B 194 -43.43 -19.05 -21.13
CA PRO B 194 -42.25 -19.18 -20.27
C PRO B 194 -41.08 -18.33 -20.74
N TYR B 195 -40.17 -18.07 -19.81
CA TYR B 195 -38.94 -17.33 -20.09
C TYR B 195 -37.78 -18.09 -19.45
N PRO B 196 -37.29 -19.13 -20.13
CA PRO B 196 -36.29 -20.02 -19.51
C PRO B 196 -34.95 -19.34 -19.29
N ASP B 197 -34.23 -19.86 -18.30
CA ASP B 197 -32.88 -19.40 -17.98
C ASP B 197 -32.10 -20.58 -17.39
N VAL B 198 -30.78 -20.47 -17.45
CA VAL B 198 -29.88 -21.53 -17.02
C VAL B 198 -28.90 -20.97 -15.99
N THR B 199 -28.82 -21.60 -14.81
CA THR B 199 -27.98 -21.12 -13.73
C THR B 199 -27.01 -22.20 -13.30
N PHE B 200 -25.75 -21.83 -13.14
CA PHE B 200 -24.70 -22.73 -12.66
C PHE B 200 -24.23 -22.24 -11.29
N THR B 201 -24.13 -23.17 -10.34
CA THR B 201 -23.79 -22.82 -8.95
C THR B 201 -22.39 -23.35 -8.64
N VAL B 202 -21.43 -22.44 -8.52
CA VAL B 202 -20.07 -22.79 -8.15
C VAL B 202 -19.99 -22.86 -6.63
N THR B 203 -19.67 -24.04 -6.10
CA THR B 203 -19.48 -24.26 -4.67
C THR B 203 -18.02 -24.56 -4.43
N MET B 204 -17.41 -23.81 -3.50
CA MET B 204 -15.98 -23.90 -3.24
C MET B 204 -15.72 -23.77 -1.74
N ARG B 205 -14.53 -24.19 -1.33
CA ARG B 205 -14.12 -24.21 0.08
C ARG B 205 -12.75 -23.57 0.23
N ARG B 206 -12.57 -22.80 1.31
CA ARG B 206 -11.32 -22.11 1.56
C ARG B 206 -10.30 -23.05 2.21
N ARG B 207 -9.04 -22.89 1.81
CA ARG B 207 -7.94 -23.67 2.37
C ARG B 207 -7.34 -22.94 3.57
N THR B 208 -7.13 -23.68 4.66
CA THR B 208 -6.77 -23.10 5.95
C THR B 208 -5.38 -23.55 6.41
N LEU B 209 -4.40 -23.57 5.50
CA LEU B 209 -3.03 -23.91 5.86
C LEU B 209 -2.17 -22.68 6.12
N TYR B 210 -2.31 -21.64 5.29
CA TYR B 210 -1.55 -20.41 5.49
C TYR B 210 -1.95 -19.73 6.80
N TYR B 211 -3.26 -19.67 7.07
CA TYR B 211 -3.74 -18.97 8.27
C TYR B 211 -3.36 -19.73 9.54
N GLY B 212 -3.37 -21.06 9.48
CA GLY B 212 -3.03 -21.85 10.65
C GLY B 212 -1.56 -21.85 11.01
N LEU B 213 -0.70 -21.43 10.08
CA LEU B 213 0.74 -21.40 10.31
C LEU B 213 1.29 -19.98 10.52
N ASN B 214 0.79 -19.01 9.76
CA ASN B 214 1.32 -17.65 9.83
C ASN B 214 0.58 -16.76 10.81
N LEU B 215 -0.56 -17.19 11.33
CA LEU B 215 -1.36 -16.37 12.25
C LEU B 215 -1.56 -17.03 13.61
N LEU B 216 -1.93 -18.31 13.64
CA LEU B 216 -2.30 -18.94 14.91
C LEU B 216 -1.08 -19.22 15.76
N ILE B 217 -0.11 -19.97 15.24
CA ILE B 217 1.06 -20.40 16.00
C ILE B 217 1.85 -19.19 16.50
N PRO B 218 2.07 -18.13 15.68
CA PRO B 218 2.74 -16.93 16.21
C PRO B 218 2.08 -16.36 17.46
N CYS B 219 0.75 -16.37 17.50
CA CYS B 219 0.00 -15.78 18.61
C CYS B 219 -0.26 -16.76 19.74
N VAL B 220 0.21 -18.00 19.60
CA VAL B 220 0.19 -18.98 20.68
C VAL B 220 1.51 -18.96 21.45
N LEU B 221 2.62 -18.71 20.76
CA LEU B 221 3.91 -18.53 21.41
C LEU B 221 4.01 -17.23 22.18
N ILE B 222 3.08 -16.30 21.96
CA ILE B 222 3.04 -15.05 22.70
C ILE B 222 2.02 -15.08 23.83
N SER B 223 0.87 -15.71 23.63
CA SER B 223 -0.11 -15.84 24.71
C SER B 223 0.44 -16.67 25.86
N ALA B 224 1.19 -17.73 25.54
CA ALA B 224 1.80 -18.56 26.57
C ALA B 224 3.11 -17.99 27.09
N LEU B 225 3.66 -16.98 26.43
CA LEU B 225 4.90 -16.36 26.91
C LEU B 225 4.63 -15.39 28.06
N ALA B 226 3.40 -14.88 28.17
CA ALA B 226 3.06 -13.99 29.28
C ALA B 226 3.04 -14.72 30.61
N LEU B 227 2.57 -15.98 30.61
CA LEU B 227 2.43 -16.75 31.85
C LEU B 227 3.74 -16.91 32.60
N LEU B 228 4.88 -16.78 31.91
CA LEU B 228 6.17 -16.87 32.59
C LEU B 228 6.33 -15.80 33.67
N VAL B 229 5.57 -14.71 33.60
CA VAL B 229 5.66 -13.69 34.63
C VAL B 229 5.23 -14.23 35.99
N PHE B 230 4.50 -15.34 36.01
CA PHE B 230 4.08 -15.98 37.25
C PHE B 230 5.09 -17.00 37.76
N LEU B 231 6.19 -17.21 37.03
CA LEU B 231 7.25 -18.12 37.47
C LEU B 231 8.57 -17.38 37.70
N LEU B 232 8.53 -16.06 37.73
CA LEU B 232 9.72 -15.23 37.87
C LEU B 232 9.76 -14.61 39.26
N PRO B 233 10.79 -14.85 40.06
CA PRO B 233 10.81 -14.28 41.41
C PRO B 233 10.78 -12.77 41.40
N ALA B 234 10.08 -12.20 42.39
CA ALA B 234 9.91 -10.76 42.48
C ALA B 234 11.16 -10.04 42.97
N ASP B 235 12.16 -10.77 43.45
CA ASP B 235 13.40 -10.13 43.90
C ASP B 235 14.11 -9.43 42.74
N SER B 236 14.11 -10.06 41.57
CA SER B 236 14.66 -9.40 40.38
C SER B 236 13.79 -8.22 39.99
N GLY B 237 14.43 -7.14 39.55
CA GLY B 237 13.70 -5.93 39.20
C GLY B 237 13.09 -5.98 37.82
N GLU B 238 12.57 -7.14 37.41
CA GLU B 238 11.94 -7.33 36.11
C GLU B 238 10.70 -8.21 36.29
N LYS B 239 9.55 -7.58 36.49
CA LYS B 239 8.29 -8.31 36.50
C LYS B 239 7.25 -7.59 35.65
N ILE B 240 7.39 -6.27 35.51
CA ILE B 240 6.61 -5.49 34.55
C ILE B 240 7.43 -5.22 33.28
N SER B 241 8.76 -5.26 33.39
CA SER B 241 9.60 -5.18 32.20
C SER B 241 9.41 -6.37 31.27
N LEU B 242 8.81 -7.45 31.76
CA LEU B 242 8.42 -8.59 30.96
C LEU B 242 6.92 -8.64 30.69
N GLY B 243 6.10 -8.24 31.67
CA GLY B 243 4.67 -8.25 31.46
C GLY B 243 4.21 -7.22 30.44
N ILE B 244 4.83 -6.04 30.44
CA ILE B 244 4.41 -4.97 29.54
C ILE B 244 5.08 -5.05 28.18
N THR B 245 6.15 -5.82 28.03
CA THR B 245 6.80 -6.00 26.74
C THR B 245 6.15 -7.06 25.89
N VAL B 246 5.52 -8.07 26.50
CA VAL B 246 4.72 -9.04 25.74
C VAL B 246 3.47 -8.40 25.15
N LEU B 247 2.85 -7.47 25.86
CA LEU B 247 1.69 -6.75 25.32
C LEU B 247 2.07 -5.82 24.17
N LEU B 248 3.22 -5.14 24.28
CA LEU B 248 3.68 -4.30 23.19
C LEU B 248 4.15 -5.11 21.99
N SER B 249 4.78 -6.27 22.24
CA SER B 249 5.19 -7.16 21.16
C SER B 249 4.03 -7.82 20.45
N LEU B 250 2.83 -7.78 21.05
CA LEU B 250 1.63 -8.32 20.42
C LEU B 250 0.73 -7.24 19.86
N THR B 251 0.84 -6.00 20.36
CA THR B 251 0.19 -4.88 19.70
C THR B 251 0.77 -4.63 18.31
N VAL B 252 2.08 -4.82 18.15
CA VAL B 252 2.71 -4.72 16.83
C VAL B 252 2.42 -5.94 15.97
N PHE B 253 1.91 -7.03 16.55
CA PHE B 253 1.49 -8.19 15.79
C PHE B 253 0.13 -8.00 15.12
N MET B 254 -0.66 -7.04 15.57
CA MET B 254 -1.94 -6.74 14.97
C MET B 254 -1.82 -5.87 13.72
N LEU B 255 -0.60 -5.41 13.41
CA LEU B 255 -0.37 -4.67 12.17
C LEU B 255 -0.34 -5.58 10.95
N LEU B 256 0.10 -6.83 11.10
CA LEU B 256 0.08 -7.81 10.02
C LEU B 256 -1.16 -8.70 10.06
N VAL B 257 -2.07 -8.44 10.98
CA VAL B 257 -3.33 -9.18 11.08
C VAL B 257 -4.43 -8.35 10.44
N ALA B 258 -4.36 -7.02 10.63
CA ALA B 258 -5.37 -6.13 10.06
C ALA B 258 -5.35 -6.13 8.53
N GLU B 259 -4.27 -6.60 7.91
CA GLU B 259 -4.19 -6.71 6.47
C GLU B 259 -4.77 -8.02 5.95
N ILE B 260 -5.34 -8.85 6.82
CA ILE B 260 -5.91 -10.12 6.44
C ILE B 260 -7.40 -10.20 6.75
N MET B 261 -7.81 -9.72 7.92
CA MET B 261 -9.20 -9.83 8.33
C MET B 261 -10.10 -8.98 7.44
N PRO B 262 -11.33 -9.42 7.21
CA PRO B 262 -12.27 -8.63 6.39
C PRO B 262 -12.80 -7.43 7.15
N ALA B 263 -13.31 -6.46 6.37
CA ALA B 263 -13.84 -5.22 6.91
C ALA B 263 -15.37 -5.19 6.96
N THR B 264 -16.03 -6.33 6.72
CA THR B 264 -17.48 -6.37 6.74
C THR B 264 -18.01 -6.23 8.15
N SER B 265 -19.09 -5.45 8.30
CA SER B 265 -19.72 -5.21 9.59
C SER B 265 -20.99 -6.02 9.79
N ASP B 266 -21.26 -7.00 8.93
CA ASP B 266 -22.48 -7.79 9.06
C ASP B 266 -22.39 -8.77 10.23
N SER B 267 -21.23 -9.38 10.42
CA SER B 267 -21.04 -10.36 11.48
C SER B 267 -19.59 -10.32 11.94
N VAL B 268 -19.35 -10.86 13.13
CA VAL B 268 -18.03 -10.87 13.75
C VAL B 268 -17.34 -12.19 13.38
N PRO B 269 -16.19 -12.14 12.71
CA PRO B 269 -15.51 -13.39 12.33
C PRO B 269 -14.99 -14.13 13.55
N LEU B 270 -14.77 -15.44 13.37
CA LEU B 270 -14.24 -16.27 14.44
C LEU B 270 -12.82 -15.85 14.84
N ILE B 271 -11.98 -15.56 13.85
CA ILE B 271 -10.60 -15.18 14.16
C ILE B 271 -10.56 -13.85 14.89
N ALA B 272 -11.53 -12.96 14.61
CA ALA B 272 -11.57 -11.67 15.29
C ALA B 272 -11.82 -11.85 16.78
N GLN B 273 -12.79 -12.70 17.15
CA GLN B 273 -13.06 -12.90 18.57
C GLN B 273 -11.97 -13.73 19.24
N TYR B 274 -11.31 -14.62 18.50
CA TYR B 274 -10.16 -15.32 19.06
C TYR B 274 -9.04 -14.35 19.41
N PHE B 275 -8.73 -13.43 18.49
CA PHE B 275 -7.69 -12.44 18.75
C PHE B 275 -8.11 -11.48 19.86
N ALA B 276 -9.40 -11.16 19.94
CA ALA B 276 -9.89 -10.32 21.04
C ALA B 276 -9.72 -11.02 22.38
N SER B 277 -10.01 -12.32 22.43
CA SER B 277 -9.80 -13.07 23.67
C SER B 277 -8.34 -13.10 24.06
N THR B 278 -7.45 -13.31 23.09
CA THR B 278 -6.01 -13.27 23.39
C THR B 278 -5.60 -11.89 23.92
N MET B 279 -6.07 -10.83 23.26
CA MET B 279 -5.83 -9.47 23.73
C MET B 279 -6.26 -9.29 25.17
N ILE B 280 -7.49 -9.70 25.49
CA ILE B 280 -8.04 -9.47 26.82
C ILE B 280 -7.25 -10.26 27.86
N ILE B 281 -6.89 -11.50 27.56
CA ILE B 281 -6.17 -12.32 28.53
C ILE B 281 -4.78 -11.73 28.78
N VAL B 282 -4.07 -11.36 27.71
CA VAL B 282 -2.73 -10.79 27.88
C VAL B 282 -2.80 -9.47 28.65
N GLY B 283 -3.79 -8.64 28.36
CA GLY B 283 -3.93 -7.38 29.08
C GLY B 283 -4.27 -7.58 30.55
N LEU B 284 -5.11 -8.56 30.85
CA LEU B 284 -5.49 -8.83 32.24
C LEU B 284 -4.37 -9.51 33.02
N SER B 285 -3.43 -10.16 32.33
CA SER B 285 -2.30 -10.77 33.04
C SER B 285 -1.44 -9.72 33.73
N VAL B 286 -1.44 -8.48 33.22
CA VAL B 286 -0.65 -7.42 33.82
C VAL B 286 -1.33 -6.80 35.04
N VAL B 287 -2.66 -6.84 35.10
CA VAL B 287 -3.37 -6.28 36.26
C VAL B 287 -3.03 -7.06 37.52
N VAL B 288 -2.98 -8.38 37.42
CA VAL B 288 -2.73 -9.22 38.58
C VAL B 288 -1.33 -8.97 39.16
N THR B 289 -0.32 -8.84 38.30
CA THR B 289 1.06 -8.64 38.72
C THR B 289 1.22 -7.45 39.67
N VAL B 290 0.53 -6.35 39.41
CA VAL B 290 0.55 -5.19 40.30
C VAL B 290 -0.01 -5.50 41.68
N ILE B 291 -0.96 -6.43 41.80
CA ILE B 291 -1.53 -6.82 43.08
C ILE B 291 -0.67 -7.86 43.79
N VAL B 292 0.47 -8.24 43.19
CA VAL B 292 1.39 -9.19 43.80
C VAL B 292 2.54 -8.40 44.41
N LEU B 293 3.05 -7.41 43.68
CA LEU B 293 4.11 -6.55 44.19
C LEU B 293 3.64 -5.63 45.30
N GLN B 294 2.33 -5.38 45.41
CA GLN B 294 1.81 -4.67 46.57
C GLN B 294 1.94 -5.52 47.82
N TYR B 295 1.82 -6.84 47.67
CA TYR B 295 1.99 -7.74 48.80
C TYR B 295 3.47 -7.90 49.17
N HIS B 296 4.34 -7.91 48.17
CA HIS B 296 5.77 -8.12 48.39
C HIS B 296 6.46 -6.90 48.98
N HIS B 297 6.04 -5.69 48.61
CA HIS B 297 6.68 -4.46 49.04
C HIS B 297 5.89 -3.75 50.14
N HIS B 298 5.24 -4.53 51.01
CA HIS B 298 4.45 -3.97 52.08
C HIS B 298 5.35 -3.41 53.19
N ASP B 299 4.93 -2.30 53.78
CA ASP B 299 5.70 -1.69 54.84
C ASP B 299 5.64 -2.54 56.10
N PRO B 300 6.77 -2.78 56.77
CA PRO B 300 6.75 -3.60 57.99
C PRO B 300 5.82 -3.08 59.07
N ASP B 301 5.72 -1.77 59.24
CA ASP B 301 4.94 -1.17 60.31
C ASP B 301 3.85 -0.26 59.76
N GLY B 302 3.15 -0.73 58.72
CA GLY B 302 2.08 0.05 58.13
C GLY B 302 0.85 -0.76 57.82
N GLY B 303 0.76 -1.97 58.38
CA GLY B 303 -0.35 -2.84 58.16
C GLY B 303 -0.57 -3.75 59.35
N LYS B 304 -1.57 -4.64 59.22
CA LYS B 304 -1.90 -5.54 60.31
C LYS B 304 -2.15 -6.98 59.89
N MET B 305 -2.08 -7.31 58.59
CA MET B 305 -2.31 -8.67 58.11
C MET B 305 -3.69 -9.17 58.53
N PRO B 306 -4.77 -8.66 57.91
CA PRO B 306 -6.13 -9.08 58.30
C PRO B 306 -6.28 -10.59 58.46
N LYS B 307 -7.19 -11.00 59.35
CA LYS B 307 -7.35 -12.42 59.67
C LYS B 307 -7.79 -13.21 58.44
N TRP B 308 -8.70 -12.65 57.64
CA TRP B 308 -9.16 -13.33 56.44
C TRP B 308 -8.00 -13.57 55.48
N THR B 309 -7.12 -12.57 55.32
CA THR B 309 -5.96 -12.74 54.46
C THR B 309 -5.05 -13.86 54.98
N ARG B 310 -4.87 -13.94 56.30
CA ARG B 310 -4.02 -14.97 56.88
C ARG B 310 -4.63 -16.37 56.76
N VAL B 311 -5.95 -16.50 56.83
CA VAL B 311 -6.58 -17.81 56.72
C VAL B 311 -6.66 -18.28 55.27
N ILE B 312 -7.14 -17.42 54.37
CA ILE B 312 -7.32 -17.83 52.97
C ILE B 312 -5.97 -18.06 52.30
N LEU B 313 -5.04 -17.11 52.48
CA LEU B 313 -3.81 -17.07 51.70
C LEU B 313 -2.65 -17.81 52.33
N LEU B 314 -2.80 -18.36 53.53
CA LEU B 314 -1.71 -19.06 54.20
C LEU B 314 -2.10 -20.39 54.81
N ASN B 315 -3.39 -20.72 54.90
CA ASN B 315 -3.84 -21.98 55.48
C ASN B 315 -4.55 -22.86 54.47
N TRP B 316 -5.55 -22.33 53.78
CA TRP B 316 -6.32 -23.15 52.83
C TRP B 316 -5.60 -23.24 51.49
N CYS B 317 -5.40 -22.10 50.84
CA CYS B 317 -4.75 -22.07 49.51
C CYS B 317 -3.27 -22.41 49.57
N ALA B 318 -2.66 -22.38 50.75
CA ALA B 318 -1.27 -22.79 50.90
C ALA B 318 -1.11 -24.28 51.17
N TRP B 319 -2.20 -25.00 51.41
CA TRP B 319 -2.15 -26.45 51.59
C TRP B 319 -2.59 -27.21 50.35
N PHE B 320 -3.45 -26.61 49.52
CA PHE B 320 -3.77 -27.21 48.23
C PHE B 320 -2.53 -27.35 47.37
N LEU B 321 -1.68 -26.31 47.36
CA LEU B 321 -0.55 -26.22 46.46
C LEU B 321 0.69 -26.93 46.97
N ARG B 322 0.70 -27.36 48.24
CA ARG B 322 1.85 -28.00 48.87
C ARG B 322 3.09 -27.10 48.76
N MET B 323 2.97 -25.90 49.35
CA MET B 323 4.02 -24.90 49.31
C MET B 323 4.91 -24.89 50.55
N LYS B 324 4.30 -24.90 51.74
CA LYS B 324 5.03 -24.86 53.00
C LYS B 324 5.98 -23.65 53.08
N ASP B 410 32.73 4.81 83.83
CA ASP B 410 32.30 3.66 84.61
C ASP B 410 31.70 2.57 83.72
N LEU B 411 31.32 1.45 84.32
CA LEU B 411 30.78 0.31 83.59
C LEU B 411 29.33 0.51 83.16
N ALA B 412 28.56 1.31 83.90
CA ALA B 412 27.12 1.42 83.64
C ALA B 412 26.84 2.00 82.26
N LYS B 413 27.56 3.05 81.87
CA LYS B 413 27.32 3.67 80.57
C LYS B 413 27.69 2.73 79.42
N ILE B 414 28.81 2.02 79.55
CA ILE B 414 29.19 1.04 78.53
C ILE B 414 28.12 -0.03 78.40
N LEU B 415 27.63 -0.53 79.53
CA LEU B 415 26.57 -1.54 79.50
C LEU B 415 25.32 -1.01 78.83
N GLU B 416 24.94 0.23 79.15
CA GLU B 416 23.74 0.81 78.56
C GLU B 416 23.88 0.95 77.05
N GLU B 417 25.04 1.40 76.58
CA GLU B 417 25.24 1.56 75.13
C GLU B 417 25.18 0.22 74.41
N VAL B 418 25.86 -0.81 74.94
CA VAL B 418 25.84 -2.10 74.27
C VAL B 418 24.42 -2.68 74.29
N ARG B 419 23.69 -2.48 75.39
CA ARG B 419 22.31 -2.94 75.45
C ARG B 419 21.44 -2.23 74.41
N TYR B 420 21.68 -0.93 74.20
CA TYR B 420 20.98 -0.19 73.16
C TYR B 420 21.23 -0.80 71.78
N ILE B 421 22.48 -1.12 71.48
CA ILE B 421 22.79 -1.71 70.18
C ILE B 421 22.08 -3.05 70.01
N ALA B 422 22.10 -3.87 71.07
CA ALA B 422 21.44 -5.17 71.01
C ALA B 422 19.93 -5.01 70.76
N ASN B 423 19.30 -4.06 71.44
CA ASN B 423 17.86 -3.85 71.26
C ASN B 423 17.56 -3.42 69.82
N ARG B 424 18.40 -2.54 69.26
CA ARG B 424 18.25 -2.15 67.87
C ARG B 424 18.26 -3.37 66.96
N PHE B 425 19.24 -4.26 67.17
CA PHE B 425 19.34 -5.45 66.33
C PHE B 425 18.11 -6.33 66.44
N ARG B 426 17.59 -6.51 67.66
CA ARG B 426 16.39 -7.33 67.84
C ARG B 426 15.19 -6.73 67.12
N CYS B 427 15.03 -5.40 67.18
CA CYS B 427 13.93 -4.76 66.46
C CYS B 427 14.04 -4.99 64.96
N GLN B 428 15.26 -4.88 64.41
CA GLN B 428 15.45 -5.13 62.99
C GLN B 428 15.07 -6.57 62.63
N ASP B 429 15.43 -7.52 63.51
CA ASP B 429 15.08 -8.91 63.24
C ASP B 429 13.57 -9.11 63.20
N GLU B 430 12.84 -8.50 64.13
CA GLU B 430 11.38 -8.62 64.12
C GLU B 430 10.78 -8.05 62.84
N SER B 431 11.27 -6.88 62.42
CA SER B 431 10.78 -6.29 61.17
C SER B 431 11.03 -7.22 59.98
N GLU B 432 12.21 -7.83 59.93
CA GLU B 432 12.52 -8.74 58.84
C GLU B 432 11.58 -9.95 58.84
N ALA B 433 11.24 -10.46 60.03
CA ALA B 433 10.30 -11.59 60.11
C ALA B 433 8.93 -11.21 59.53
N VAL B 434 8.44 -10.03 59.88
CA VAL B 434 7.14 -9.58 59.33
C VAL B 434 7.21 -9.49 57.80
N CYS B 435 8.30 -8.91 57.30
CA CYS B 435 8.47 -8.80 55.85
C CYS B 435 8.47 -10.19 55.19
N SER B 436 9.11 -11.17 55.84
CA SER B 436 9.15 -12.52 55.30
C SER B 436 7.75 -13.11 55.19
N GLU B 437 6.93 -12.90 56.22
CA GLU B 437 5.55 -13.37 56.15
C GLU B 437 4.82 -12.78 54.95
N TRP B 438 4.97 -11.46 54.75
CA TRP B 438 4.28 -10.83 53.62
C TRP B 438 4.78 -11.38 52.28
N LYS B 439 6.09 -11.61 52.15
CA LYS B 439 6.61 -12.16 50.91
C LYS B 439 6.07 -13.56 50.64
N PHE B 440 5.94 -14.39 51.68
CA PHE B 440 5.35 -15.71 51.48
C PHE B 440 3.91 -15.59 50.99
N ALA B 441 3.15 -14.66 51.56
CA ALA B 441 1.78 -14.44 51.07
C ALA B 441 1.80 -14.08 49.58
N ALA B 442 2.74 -13.23 49.18
CA ALA B 442 2.85 -12.84 47.77
C ALA B 442 3.13 -14.04 46.88
N CYS B 443 4.03 -14.93 47.30
CA CYS B 443 4.34 -16.11 46.51
C CYS B 443 3.12 -17.03 46.37
N VAL B 444 2.35 -17.17 47.46
CA VAL B 444 1.14 -17.99 47.39
C VAL B 444 0.17 -17.40 46.37
N VAL B 445 0.01 -16.07 46.39
CA VAL B 445 -0.86 -15.41 45.41
C VAL B 445 -0.35 -15.67 44.00
N ASP B 446 0.96 -15.62 43.80
CA ASP B 446 1.52 -15.84 42.47
C ASP B 446 1.19 -17.22 41.94
N ARG B 447 1.37 -18.26 42.78
CA ARG B 447 1.04 -19.61 42.30
C ARG B 447 -0.46 -19.79 42.07
N LEU B 448 -1.30 -19.20 42.94
CA LEU B 448 -2.74 -19.29 42.73
C LEU B 448 -3.14 -18.67 41.39
N CYS B 449 -2.57 -17.51 41.07
CA CYS B 449 -2.86 -16.88 39.79
C CYS B 449 -2.30 -17.65 38.61
N LEU B 450 -1.14 -18.30 38.78
CA LEU B 450 -0.59 -19.12 37.71
C LEU B 450 -1.49 -20.30 37.37
N MET B 451 -2.07 -20.94 38.39
CA MET B 451 -2.84 -22.16 38.13
C MET B 451 -4.12 -21.93 37.32
N ALA B 452 -4.64 -20.70 37.24
CA ALA B 452 -5.93 -20.44 36.63
C ALA B 452 -5.83 -19.88 35.21
N PHE B 453 -4.86 -19.03 34.94
CA PHE B 453 -4.73 -18.45 33.61
C PHE B 453 -4.45 -19.51 32.56
N SER B 454 -3.74 -20.58 32.95
CA SER B 454 -3.45 -21.65 32.02
C SER B 454 -4.73 -22.34 31.55
N VAL B 455 -5.60 -22.71 32.50
CA VAL B 455 -6.85 -23.36 32.10
C VAL B 455 -7.74 -22.37 31.35
N PHE B 456 -7.70 -21.09 31.72
CA PHE B 456 -8.47 -20.10 30.98
C PHE B 456 -8.06 -20.07 29.51
N THR B 457 -6.76 -19.93 29.24
CA THR B 457 -6.31 -19.80 27.87
C THR B 457 -6.50 -21.10 27.09
N ILE B 458 -6.29 -22.24 27.75
CA ILE B 458 -6.50 -23.53 27.07
C ILE B 458 -7.96 -23.68 26.67
N ILE B 459 -8.88 -23.39 27.60
CA ILE B 459 -10.30 -23.54 27.32
C ILE B 459 -10.72 -22.60 26.21
N CYS B 460 -10.28 -21.34 26.27
CA CYS B 460 -10.66 -20.38 25.23
C CYS B 460 -10.14 -20.81 23.87
N THR B 461 -8.86 -21.19 23.80
CA THR B 461 -8.25 -21.55 22.52
C THR B 461 -8.93 -22.77 21.91
N ILE B 462 -9.23 -23.79 22.73
CA ILE B 462 -9.88 -24.98 22.19
C ILE B 462 -11.31 -24.68 21.78
N GLY B 463 -12.07 -24.00 22.65
CA GLY B 463 -13.49 -23.81 22.39
C GLY B 463 -13.78 -22.89 21.22
N ILE B 464 -13.01 -21.81 21.07
CA ILE B 464 -13.29 -20.88 19.98
C ILE B 464 -13.03 -21.54 18.63
N LEU B 465 -11.92 -22.26 18.50
CA LEU B 465 -11.60 -22.89 17.23
C LEU B 465 -12.50 -24.07 16.94
N MET B 466 -12.83 -24.88 17.95
CA MET B 466 -13.61 -26.08 17.73
C MET B 466 -15.11 -25.82 17.55
N SER B 467 -15.56 -24.58 17.76
CA SER B 467 -16.98 -24.28 17.61
C SER B 467 -17.41 -24.22 16.15
N ALA B 468 -16.48 -23.93 15.23
CA ALA B 468 -16.84 -23.81 13.83
C ALA B 468 -17.18 -25.19 13.25
N PRO B 469 -18.14 -25.25 12.34
CA PRO B 469 -18.43 -26.53 11.66
C PRO B 469 -17.35 -26.84 10.62
N ASN B 470 -17.37 -28.08 10.16
CA ASN B 470 -16.39 -28.63 9.20
C ASN B 470 -14.95 -28.28 9.58
N PHE B 471 -14.70 -28.11 10.88
CA PHE B 471 -13.34 -27.90 11.35
C PHE B 471 -12.52 -29.17 11.21
N VAL B 472 -13.08 -30.32 11.62
CA VAL B 472 -12.38 -31.58 11.49
C VAL B 472 -12.15 -31.91 10.02
N GLU B 473 -13.15 -31.63 9.17
CA GLU B 473 -13.00 -31.83 7.74
C GLU B 473 -11.87 -30.98 7.17
N ALA B 474 -11.81 -29.71 7.57
CA ALA B 474 -10.77 -28.81 7.06
C ALA B 474 -9.39 -29.26 7.51
N VAL B 475 -9.24 -29.64 8.77
CA VAL B 475 -7.91 -30.04 9.25
C VAL B 475 -7.53 -31.39 8.69
N SER B 476 -8.50 -32.24 8.34
CA SER B 476 -8.18 -33.52 7.74
C SER B 476 -7.73 -33.37 6.28
N LYS B 477 -8.43 -32.52 5.51
CA LYS B 477 -8.06 -32.36 4.12
C LYS B 477 -6.81 -31.49 3.95
N ASP B 478 -6.62 -30.50 4.82
CA ASP B 478 -5.57 -29.51 4.59
C ASP B 478 -4.23 -29.95 5.17
N PHE B 479 -4.19 -30.19 6.49
CA PHE B 479 -2.92 -30.45 7.15
C PHE B 479 -2.42 -31.85 6.84
N ALA B 480 -3.20 -32.87 7.17
CA ALA B 480 -2.80 -34.26 6.93
C ALA B 480 -2.79 -34.58 5.44
N GLY C 1 2.15 6.79 -57.76
CA GLY C 1 2.57 6.79 -59.15
C GLY C 1 1.48 6.36 -60.10
N GLU C 2 1.82 6.32 -61.40
CA GLU C 2 0.85 5.92 -62.41
C GLU C 2 0.62 4.42 -62.41
N PHE C 3 1.67 3.63 -62.11
CA PHE C 3 1.61 2.18 -62.24
C PHE C 3 1.07 1.49 -60.99
N GLN C 4 1.53 1.90 -59.80
CA GLN C 4 1.03 1.25 -58.59
C GLN C 4 -0.42 1.58 -58.33
N ARG C 5 -0.91 2.72 -58.84
CA ARG C 5 -2.33 3.04 -58.71
C ARG C 5 -3.18 2.00 -59.43
N LYS C 6 -2.85 1.72 -60.70
CA LYS C 6 -3.59 0.71 -61.44
C LYS C 6 -3.34 -0.69 -60.88
N LEU C 7 -2.15 -0.95 -60.34
CA LEU C 7 -1.89 -2.24 -59.72
C LEU C 7 -2.79 -2.45 -58.51
N TYR C 8 -2.91 -1.44 -57.66
CA TYR C 8 -3.79 -1.54 -56.49
C TYR C 8 -5.25 -1.64 -56.91
N LYS C 9 -5.63 -0.92 -57.96
CA LYS C 9 -7.02 -1.02 -58.45
C LYS C 9 -7.32 -2.41 -59.01
N GLU C 10 -6.33 -3.06 -59.62
CA GLU C 10 -6.50 -4.37 -60.22
C GLU C 10 -6.46 -5.51 -59.21
N LEU C 11 -5.60 -5.40 -58.19
CA LEU C 11 -5.44 -6.50 -57.25
C LEU C 11 -6.70 -6.75 -56.43
N VAL C 12 -7.35 -5.69 -55.95
CA VAL C 12 -8.50 -5.84 -55.06
C VAL C 12 -9.81 -6.02 -55.79
N LYS C 13 -9.78 -6.16 -57.11
CA LYS C 13 -11.00 -6.39 -57.87
C LYS C 13 -11.45 -7.83 -57.72
N ASN C 14 -12.72 -8.03 -57.40
CA ASN C 14 -13.32 -9.36 -57.24
C ASN C 14 -12.55 -10.19 -56.20
N TYR C 15 -12.18 -9.55 -55.10
CA TYR C 15 -11.44 -10.21 -54.03
C TYR C 15 -12.35 -10.34 -52.80
N ASN C 16 -12.37 -11.53 -52.22
CA ASN C 16 -13.16 -11.80 -51.03
C ASN C 16 -12.22 -12.07 -49.85
N PRO C 17 -12.24 -11.25 -48.81
CA PRO C 17 -11.36 -11.48 -47.66
C PRO C 17 -11.84 -12.58 -46.72
N LEU C 18 -12.81 -13.39 -47.13
CA LEU C 18 -13.34 -14.46 -46.30
C LEU C 18 -12.89 -15.85 -46.75
N GLU C 19 -12.40 -16.00 -47.97
CA GLU C 19 -12.04 -17.30 -48.50
C GLU C 19 -10.55 -17.59 -48.30
N ARG C 20 -10.23 -18.86 -48.18
CA ARG C 20 -8.84 -19.29 -48.07
C ARG C 20 -8.16 -19.17 -49.42
N PRO C 21 -7.04 -18.46 -49.53
CA PRO C 21 -6.41 -18.19 -50.84
C PRO C 21 -5.62 -19.39 -51.37
N VAL C 22 -6.34 -20.42 -51.76
CA VAL C 22 -5.75 -21.63 -52.32
C VAL C 22 -6.38 -21.89 -53.68
N ALA C 23 -5.68 -22.67 -54.51
CA ALA C 23 -6.04 -22.84 -55.90
C ALA C 23 -6.87 -24.09 -56.18
N ASN C 24 -7.10 -24.95 -55.20
CA ASN C 24 -7.84 -26.18 -55.41
C ASN C 24 -8.93 -26.46 -54.38
N ASP C 25 -8.88 -25.86 -53.19
CA ASP C 25 -9.83 -26.04 -52.10
C ASP C 25 -9.77 -27.42 -51.46
N SER C 26 -8.92 -28.31 -51.97
CA SER C 26 -8.74 -29.63 -51.37
C SER C 26 -7.35 -29.85 -50.82
N GLN C 27 -6.42 -28.92 -51.04
CA GLN C 27 -5.04 -28.99 -50.58
C GLN C 27 -4.83 -28.07 -49.39
N PRO C 28 -4.01 -28.48 -48.43
CA PRO C 28 -3.76 -27.61 -47.26
C PRO C 28 -2.92 -26.40 -47.64
N LEU C 29 -3.05 -25.36 -46.83
CA LEU C 29 -2.25 -24.14 -46.98
C LEU C 29 -1.21 -24.11 -45.86
N THR C 30 0.06 -24.24 -46.24
CA THR C 30 1.15 -24.28 -45.27
C THR C 30 1.41 -22.87 -44.73
N VAL C 31 1.42 -22.75 -43.40
CA VAL C 31 1.68 -21.48 -42.72
C VAL C 31 2.85 -21.68 -41.79
N TYR C 32 3.89 -20.86 -41.94
CA TYR C 32 5.08 -20.94 -41.10
C TYR C 32 4.95 -19.96 -39.95
N PHE C 33 5.12 -20.46 -38.73
CA PHE C 33 4.89 -19.71 -37.50
C PHE C 33 6.16 -19.71 -36.67
N SER C 34 6.51 -18.55 -36.12
CA SER C 34 7.70 -18.40 -35.28
C SER C 34 7.43 -17.31 -34.25
N LEU C 35 8.31 -17.22 -33.25
CA LEU C 35 8.09 -16.32 -32.12
C LEU C 35 9.41 -15.63 -31.79
N SER C 36 9.31 -14.42 -31.25
CA SER C 36 10.49 -13.68 -30.81
C SER C 36 10.21 -13.09 -29.44
N LEU C 37 10.98 -13.50 -28.44
CA LEU C 37 10.85 -13.01 -27.08
C LEU C 37 11.72 -11.78 -26.89
N LEU C 38 11.12 -10.69 -26.39
CA LEU C 38 11.83 -9.43 -26.22
C LEU C 38 12.25 -9.18 -24.78
N GLN C 39 11.40 -9.51 -23.81
CA GLN C 39 11.72 -9.38 -22.39
C GLN C 39 10.60 -10.02 -21.58
N ILE C 40 10.92 -10.37 -20.34
CA ILE C 40 9.96 -10.93 -19.40
C ILE C 40 9.52 -9.82 -18.46
N MET C 41 8.22 -9.53 -18.45
CA MET C 41 7.73 -8.38 -17.69
C MET C 41 7.41 -8.77 -16.25
N ASP C 42 6.62 -9.83 -16.04
CA ASP C 42 6.23 -10.17 -14.68
C ASP C 42 5.87 -11.64 -14.59
N VAL C 43 5.98 -12.18 -13.37
CA VAL C 43 5.56 -13.54 -13.04
C VAL C 43 4.76 -13.42 -11.76
N ASP C 44 3.43 -13.46 -11.86
CA ASP C 44 2.55 -13.22 -10.73
C ASP C 44 2.07 -14.57 -10.21
N GLU C 45 2.33 -14.83 -8.93
CA GLU C 45 1.94 -16.09 -8.29
C GLU C 45 0.56 -16.02 -7.65
N LYS C 46 0.01 -14.82 -7.45
CA LYS C 46 -1.32 -14.70 -6.87
C LYS C 46 -2.38 -15.21 -7.84
N ASN C 47 -2.44 -14.62 -9.03
CA ASN C 47 -3.34 -15.08 -10.08
C ASN C 47 -2.70 -16.11 -11.00
N GLN C 48 -1.42 -16.43 -10.78
CA GLN C 48 -0.70 -17.43 -11.56
C GLN C 48 -0.69 -17.07 -13.05
N VAL C 49 -0.07 -15.93 -13.35
CA VAL C 49 0.04 -15.46 -14.73
C VAL C 49 1.49 -15.08 -15.02
N LEU C 50 1.79 -14.98 -16.32
CA LEU C 50 3.11 -14.61 -16.78
C LEU C 50 2.95 -13.58 -17.89
N THR C 51 3.50 -12.38 -17.67
CA THR C 51 3.40 -11.27 -18.61
C THR C 51 4.74 -11.10 -19.32
N THR C 52 4.72 -11.20 -20.65
CA THR C 52 5.93 -11.14 -21.47
C THR C 52 5.70 -10.25 -22.67
N ASN C 53 6.79 -9.88 -23.33
CA ASN C 53 6.76 -9.09 -24.56
C ASN C 53 7.20 -9.98 -25.71
N ILE C 54 6.34 -10.12 -26.72
CA ILE C 54 6.55 -11.12 -27.76
C ILE C 54 6.12 -10.54 -29.11
N TRP C 55 6.93 -10.82 -30.14
CA TRP C 55 6.57 -10.53 -31.53
C TRP C 55 6.37 -11.85 -32.25
N LEU C 56 5.14 -12.09 -32.70
CA LEU C 56 4.87 -13.28 -33.51
C LEU C 56 5.36 -13.06 -34.94
N GLN C 57 5.49 -14.15 -35.69
CA GLN C 57 5.91 -14.07 -37.08
C GLN C 57 5.17 -15.14 -37.87
N MET C 58 4.41 -14.72 -38.87
CA MET C 58 3.63 -15.64 -39.69
C MET C 58 3.98 -15.41 -41.16
N SER C 59 4.06 -16.50 -41.91
CA SER C 59 4.36 -16.42 -43.33
C SER C 59 3.53 -17.44 -44.10
N TRP C 60 3.05 -17.06 -45.28
CA TRP C 60 2.28 -17.98 -46.11
C TRP C 60 2.36 -17.49 -47.56
N THR C 61 1.52 -18.07 -48.41
CA THR C 61 1.51 -17.76 -49.84
C THR C 61 0.08 -17.46 -50.29
N ASP C 62 -0.07 -16.43 -51.10
CA ASP C 62 -1.36 -16.05 -51.67
C ASP C 62 -1.35 -16.25 -53.17
N HIS C 63 -2.50 -16.67 -53.71
CA HIS C 63 -2.62 -17.01 -55.12
C HIS C 63 -3.23 -15.91 -55.97
N TYR C 64 -4.07 -15.06 -55.39
CA TYR C 64 -4.74 -14.00 -56.14
C TYR C 64 -3.98 -12.68 -56.11
N LEU C 65 -2.80 -12.63 -55.50
CA LEU C 65 -2.02 -11.41 -55.37
C LEU C 65 -0.71 -11.51 -56.13
N GLN C 66 -0.76 -12.06 -57.34
CA GLN C 66 0.41 -12.24 -58.18
C GLN C 66 0.33 -11.32 -59.39
N TRP C 67 1.45 -10.66 -59.71
CA TRP C 67 1.50 -9.78 -60.88
C TRP C 67 2.87 -9.93 -61.54
N ASN C 68 2.98 -9.34 -62.73
CA ASN C 68 4.20 -9.39 -63.51
C ASN C 68 4.98 -8.09 -63.34
N VAL C 69 6.24 -8.20 -62.91
CA VAL C 69 7.05 -7.02 -62.65
C VAL C 69 7.40 -6.26 -63.93
N SER C 70 7.47 -6.94 -65.06
CA SER C 70 7.78 -6.26 -66.32
C SER C 70 6.69 -5.26 -66.70
N GLU C 71 5.43 -5.63 -66.48
CA GLU C 71 4.33 -4.72 -66.79
C GLU C 71 4.27 -3.53 -65.84
N TYR C 72 4.78 -3.68 -64.62
CA TYR C 72 4.79 -2.62 -63.62
C TYR C 72 6.22 -2.48 -63.12
N PRO C 73 7.09 -1.82 -63.90
CA PRO C 73 8.53 -1.84 -63.60
C PRO C 73 8.93 -1.04 -62.37
N GLY C 74 7.97 -0.41 -61.71
CA GLY C 74 8.31 0.45 -60.58
C GLY C 74 8.01 -0.13 -59.21
N VAL C 75 7.24 -1.21 -59.15
CA VAL C 75 6.78 -1.76 -57.89
C VAL C 75 7.23 -3.21 -57.77
N LYS C 76 7.64 -3.60 -56.57
CA LYS C 76 8.03 -4.96 -56.26
C LYS C 76 7.26 -5.56 -55.09
N THR C 77 6.77 -4.75 -54.16
CA THR C 77 5.99 -5.22 -53.02
C THR C 77 4.80 -4.30 -52.81
N VAL C 78 3.77 -4.82 -52.15
CA VAL C 78 2.59 -4.05 -51.80
C VAL C 78 2.27 -4.30 -50.33
N ARG C 79 1.44 -3.41 -49.77
CA ARG C 79 1.06 -3.48 -48.37
C ARG C 79 -0.44 -3.31 -48.23
N PHE C 80 -1.06 -4.16 -47.41
CA PHE C 80 -2.49 -4.08 -47.19
C PHE C 80 -2.80 -3.99 -45.69
N PRO C 81 -3.78 -3.17 -45.32
CA PRO C 81 -4.10 -3.02 -43.89
C PRO C 81 -4.98 -4.14 -43.36
N ASP C 82 -5.41 -4.01 -42.10
CA ASP C 82 -6.25 -5.03 -41.49
C ASP C 82 -7.64 -4.99 -42.12
N GLY C 83 -8.14 -6.16 -42.48
CA GLY C 83 -9.50 -6.28 -43.00
C GLY C 83 -9.65 -6.21 -44.50
N GLN C 84 -8.56 -6.21 -45.26
CA GLN C 84 -8.64 -6.15 -46.71
C GLN C 84 -8.17 -7.42 -47.41
N ILE C 85 -7.38 -8.27 -46.75
CA ILE C 85 -6.94 -9.54 -47.32
C ILE C 85 -7.06 -10.61 -46.24
N TRP C 86 -6.95 -11.86 -46.68
CA TRP C 86 -7.09 -13.00 -45.78
C TRP C 86 -5.85 -13.15 -44.90
N LYS C 87 -6.07 -13.40 -43.62
CA LYS C 87 -5.00 -13.66 -42.67
C LYS C 87 -5.33 -14.87 -41.83
N PRO C 88 -4.33 -15.66 -41.42
CA PRO C 88 -4.60 -16.80 -40.54
C PRO C 88 -5.08 -16.34 -39.17
N ASP C 89 -5.86 -17.21 -38.53
CA ASP C 89 -6.49 -16.90 -37.24
C ASP C 89 -5.78 -17.58 -36.08
N ILE C 90 -4.45 -17.67 -36.13
CA ILE C 90 -3.69 -18.28 -35.05
C ILE C 90 -3.69 -17.36 -33.83
N LEU C 91 -4.06 -17.91 -32.68
CA LEU C 91 -4.04 -17.12 -31.46
C LEU C 91 -3.66 -17.99 -30.27
N LEU C 92 -3.21 -17.34 -29.20
CA LEU C 92 -2.82 -18.04 -27.98
C LEU C 92 -4.04 -18.65 -27.31
N TYR C 93 -3.89 -19.89 -26.83
CA TYR C 93 -5.01 -20.59 -26.22
C TYR C 93 -5.21 -20.19 -24.76
N ASN C 94 -4.14 -20.12 -23.98
CA ASN C 94 -4.27 -19.78 -22.56
C ASN C 94 -4.84 -18.38 -22.40
N SER C 95 -4.09 -17.37 -22.81
CA SER C 95 -4.55 -15.99 -22.96
C SER C 95 -5.44 -15.55 -21.80
N ALA C 96 -4.86 -15.57 -20.60
CA ALA C 96 -5.55 -15.10 -19.39
C ALA C 96 -5.58 -13.58 -19.37
N ASP C 97 -6.18 -13.00 -20.40
CA ASP C 97 -6.22 -11.56 -20.62
C ASP C 97 -7.66 -11.08 -20.70
N GLU C 98 -7.86 -9.80 -20.40
CA GLU C 98 -9.19 -9.22 -20.44
C GLU C 98 -9.73 -9.20 -21.86
N ARG C 99 -8.93 -8.71 -22.82
CA ARG C 99 -9.34 -8.63 -24.22
C ARG C 99 -8.95 -9.86 -25.03
N PHE C 100 -8.11 -10.73 -24.47
CA PHE C 100 -7.86 -12.08 -25.00
C PHE C 100 -7.01 -12.08 -26.27
N ASP C 101 -6.73 -10.91 -26.86
CA ASP C 101 -5.97 -10.87 -28.09
C ASP C 101 -4.61 -10.21 -27.94
N ALA C 102 -4.57 -8.94 -27.54
CA ALA C 102 -3.33 -8.19 -27.34
C ALA C 102 -2.35 -8.40 -28.50
N THR C 103 -2.78 -8.00 -29.70
CA THR C 103 -2.00 -8.33 -30.87
C THR C 103 -1.58 -7.13 -31.71
N PHE C 104 -2.42 -6.09 -31.80
CA PHE C 104 -2.12 -4.89 -32.59
C PHE C 104 -1.82 -5.25 -34.04
N HIS C 105 -2.87 -5.71 -34.73
CA HIS C 105 -2.75 -6.11 -36.12
C HIS C 105 -2.14 -5.00 -36.96
N THR C 106 -0.96 -5.26 -37.52
CA THR C 106 -0.25 -4.32 -38.37
C THR C 106 -0.53 -4.63 -39.84
N ASN C 107 0.19 -3.96 -40.73
CA ASN C 107 0.03 -4.16 -42.16
C ASN C 107 0.62 -5.49 -42.59
N VAL C 108 0.17 -5.97 -43.75
CA VAL C 108 0.64 -7.21 -44.34
C VAL C 108 1.39 -6.88 -45.63
N LEU C 109 2.60 -7.42 -45.76
CA LEU C 109 3.49 -7.13 -46.87
C LEU C 109 3.50 -8.30 -47.84
N VAL C 110 3.30 -8.02 -49.13
CA VAL C 110 3.19 -9.03 -50.16
C VAL C 110 4.25 -8.77 -51.22
N ASN C 111 4.99 -9.82 -51.60
CA ASN C 111 5.97 -9.72 -52.66
C ASN C 111 5.27 -9.82 -54.02
N SER C 112 6.07 -9.89 -55.09
CA SER C 112 5.52 -9.98 -56.43
C SER C 112 5.11 -11.40 -56.80
N SER C 113 5.39 -12.39 -55.95
CA SER C 113 5.00 -13.77 -56.18
C SER C 113 3.91 -14.23 -55.23
N GLY C 114 3.36 -13.32 -54.42
CA GLY C 114 2.30 -13.65 -53.51
C GLY C 114 2.74 -14.08 -52.11
N HIS C 115 4.04 -14.18 -51.87
CA HIS C 115 4.54 -14.61 -50.57
C HIS C 115 4.26 -13.54 -49.53
N CYS C 116 3.36 -13.83 -48.59
CA CYS C 116 2.91 -12.86 -47.61
C CYS C 116 3.60 -13.10 -46.27
N GLN C 117 3.99 -12.00 -45.61
CA GLN C 117 4.62 -12.01 -44.30
C GLN C 117 3.86 -11.06 -43.39
N TYR C 118 3.64 -11.47 -42.15
CA TYR C 118 2.84 -10.69 -41.22
C TYR C 118 3.32 -10.97 -39.80
N LEU C 119 3.82 -9.95 -39.12
CA LEU C 119 4.36 -10.10 -37.78
C LEU C 119 3.78 -9.03 -36.85
N PRO C 120 2.87 -9.38 -35.95
CA PRO C 120 2.35 -8.41 -35.00
C PRO C 120 3.09 -8.46 -33.68
N PRO C 121 3.39 -7.31 -33.09
CA PRO C 121 3.98 -7.28 -31.75
C PRO C 121 2.93 -7.14 -30.66
N GLY C 122 3.26 -7.61 -29.47
CA GLY C 122 2.31 -7.47 -28.38
C GLY C 122 2.89 -7.85 -27.04
N ILE C 123 2.06 -7.65 -26.02
CA ILE C 123 2.35 -8.06 -24.64
C ILE C 123 1.36 -9.15 -24.28
N PHE C 124 1.88 -10.34 -23.99
CA PHE C 124 1.05 -11.52 -23.77
C PHE C 124 1.03 -11.90 -22.29
N LYS C 125 -0.17 -12.19 -21.79
CA LYS C 125 -0.39 -12.62 -20.41
C LYS C 125 -0.88 -14.06 -20.44
N SER C 126 0.05 -15.00 -20.31
CA SER C 126 -0.26 -16.42 -20.29
C SER C 126 -0.60 -16.88 -18.87
N SER C 127 -1.19 -18.06 -18.77
CA SER C 127 -1.59 -18.64 -17.49
C SER C 127 -0.86 -19.96 -17.29
N CYS C 128 0.10 -19.98 -16.36
CA CYS C 128 0.85 -21.18 -16.05
C CYS C 128 0.90 -21.38 -14.54
N TYR C 129 0.97 -22.64 -14.12
CA TYR C 129 1.01 -22.99 -12.71
C TYR C 129 2.41 -22.71 -12.15
N ILE C 130 2.46 -22.12 -10.96
CA ILE C 130 3.71 -21.71 -10.32
C ILE C 130 3.85 -22.50 -9.03
N ASP C 131 4.96 -23.23 -8.91
CA ASP C 131 5.27 -24.01 -7.71
C ASP C 131 6.29 -23.25 -6.87
N VAL C 132 5.97 -23.05 -5.59
CA VAL C 132 6.76 -22.19 -4.73
C VAL C 132 7.18 -22.94 -3.46
N ARG C 133 7.33 -24.27 -3.59
CA ARG C 133 7.74 -25.08 -2.44
C ARG C 133 9.10 -24.64 -1.92
N TRP C 134 10.05 -24.38 -2.82
CA TRP C 134 11.35 -23.81 -2.47
C TRP C 134 11.35 -22.38 -2.99
N PHE C 135 10.90 -21.45 -2.15
CA PHE C 135 10.65 -20.09 -2.62
C PHE C 135 11.88 -19.37 -3.13
N PRO C 136 13.01 -19.30 -2.41
CA PRO C 136 14.16 -18.56 -2.95
C PRO C 136 14.84 -19.29 -4.09
N PHE C 137 15.07 -20.59 -3.93
CA PHE C 137 15.73 -21.41 -4.94
C PHE C 137 14.64 -22.06 -5.77
N ASP C 138 14.16 -21.34 -6.79
CA ASP C 138 13.01 -21.74 -7.57
C ASP C 138 13.36 -21.79 -9.04
N VAL C 139 12.83 -22.81 -9.73
CA VAL C 139 12.94 -22.93 -11.18
C VAL C 139 11.54 -23.17 -11.73
N GLN C 140 11.16 -22.39 -12.74
CA GLN C 140 9.80 -22.42 -13.27
C GLN C 140 9.79 -22.77 -14.75
N HIS C 141 8.76 -23.50 -15.16
CA HIS C 141 8.50 -23.85 -16.56
C HIS C 141 7.09 -23.40 -16.89
N CYS C 142 6.96 -22.48 -17.84
CA CYS C 142 5.65 -22.03 -18.30
C CYS C 142 5.50 -22.30 -19.79
N LYS C 143 4.26 -22.37 -20.24
CA LYS C 143 3.96 -22.78 -21.61
C LYS C 143 3.17 -21.71 -22.35
N LEU C 144 3.43 -21.61 -23.65
CA LEU C 144 2.69 -20.74 -24.56
C LEU C 144 2.21 -21.62 -25.71
N LYS C 145 0.90 -21.76 -25.85
CA LYS C 145 0.29 -22.73 -26.76
C LYS C 145 -0.49 -21.99 -27.84
N PHE C 146 0.01 -22.05 -29.07
CA PHE C 146 -0.58 -21.35 -30.20
C PHE C 146 -1.21 -22.35 -31.17
N GLY C 147 -2.29 -21.91 -31.80
CA GLY C 147 -2.98 -22.74 -32.78
C GLY C 147 -4.09 -21.94 -33.43
N SER C 148 -4.68 -22.56 -34.46
CA SER C 148 -5.76 -21.95 -35.21
C SER C 148 -7.10 -22.24 -34.54
N TRP C 149 -7.96 -21.22 -34.52
CA TRP C 149 -9.22 -21.35 -33.80
C TRP C 149 -10.21 -22.26 -34.52
N SER C 150 -10.36 -22.09 -35.84
CA SER C 150 -11.42 -22.79 -36.55
C SER C 150 -10.97 -23.42 -37.86
N TYR C 151 -9.71 -23.85 -37.96
CA TYR C 151 -9.21 -24.53 -39.16
C TYR C 151 -8.63 -25.88 -38.76
N GLY C 152 -8.91 -26.90 -39.58
CA GLY C 152 -8.42 -28.24 -39.33
C GLY C 152 -7.01 -28.44 -39.85
N GLY C 153 -6.62 -29.72 -39.90
CA GLY C 153 -5.30 -30.06 -40.38
C GLY C 153 -5.21 -30.27 -41.88
N TRP C 154 -6.35 -30.41 -42.55
CA TRP C 154 -6.38 -30.55 -44.00
C TRP C 154 -6.67 -29.24 -44.71
N SER C 155 -6.77 -28.13 -43.96
CA SER C 155 -6.98 -26.81 -44.53
C SER C 155 -5.85 -25.85 -44.20
N LEU C 156 -5.42 -25.80 -42.95
CA LEU C 156 -4.34 -24.90 -42.50
C LEU C 156 -3.45 -25.69 -41.54
N ASP C 157 -2.35 -26.23 -42.07
CA ASP C 157 -1.42 -27.03 -41.27
C ASP C 157 -0.29 -26.14 -40.77
N LEU C 158 -0.15 -26.07 -39.45
CA LEU C 158 0.90 -25.25 -38.86
C LEU C 158 2.26 -25.90 -39.05
N GLN C 159 3.28 -25.05 -39.21
CA GLN C 159 4.67 -25.47 -39.24
C GLN C 159 5.46 -24.64 -38.24
N MET C 160 6.50 -25.24 -37.68
CA MET C 160 7.24 -24.63 -36.60
C MET C 160 8.64 -24.19 -37.05
N GLN C 161 9.10 -23.09 -36.48
CA GLN C 161 10.46 -22.60 -36.66
C GLN C 161 11.01 -22.19 -35.31
N GLU C 162 12.34 -22.22 -35.20
CA GLU C 162 12.98 -21.93 -33.92
C GLU C 162 12.72 -20.49 -33.50
N ALA C 163 12.70 -20.26 -32.19
CA ALA C 163 12.47 -18.93 -31.65
C ALA C 163 13.71 -18.07 -31.85
N ASP C 164 13.67 -16.84 -31.34
CA ASP C 164 14.77 -15.89 -31.51
C ASP C 164 14.96 -15.15 -30.19
N ILE C 165 16.08 -15.41 -29.52
CA ILE C 165 16.36 -14.78 -28.24
C ILE C 165 17.33 -13.61 -28.35
N SER C 166 17.63 -13.16 -29.56
CA SER C 166 18.48 -11.98 -29.73
C SER C 166 17.75 -10.74 -29.21
N GLY C 167 18.49 -9.90 -28.49
CA GLY C 167 17.89 -8.72 -27.88
C GLY C 167 16.91 -9.11 -26.79
N TYR C 168 17.41 -9.68 -25.69
CA TYR C 168 16.55 -10.19 -24.64
C TYR C 168 16.33 -9.21 -23.50
N ILE C 169 17.25 -8.27 -23.29
CA ILE C 169 17.14 -7.28 -22.22
C ILE C 169 16.92 -8.00 -20.88
N PRO C 170 17.96 -8.60 -20.30
CA PRO C 170 17.75 -9.49 -19.14
C PRO C 170 17.00 -8.81 -18.01
N ASN C 171 16.11 -9.58 -17.37
CA ASN C 171 15.16 -9.02 -16.42
C ASN C 171 15.85 -8.44 -15.20
N GLY C 172 16.84 -9.15 -14.65
CA GLY C 172 17.48 -8.76 -13.42
C GLY C 172 16.91 -9.42 -12.18
N GLU C 173 15.81 -10.16 -12.31
CA GLU C 173 15.24 -10.93 -11.22
C GLU C 173 15.06 -12.40 -11.57
N TRP C 174 14.72 -12.71 -12.83
CA TRP C 174 14.59 -14.08 -13.30
C TRP C 174 15.66 -14.36 -14.34
N ASP C 175 16.41 -15.44 -14.15
CA ASP C 175 17.47 -15.83 -15.07
C ASP C 175 16.91 -16.83 -16.07
N LEU C 176 16.80 -16.42 -17.33
CA LEU C 176 16.23 -17.27 -18.36
C LEU C 176 17.14 -18.45 -18.64
N VAL C 177 16.57 -19.65 -18.63
CA VAL C 177 17.32 -20.85 -18.97
C VAL C 177 17.14 -21.23 -20.43
N GLY C 178 15.91 -21.22 -20.93
CA GLY C 178 15.72 -21.57 -22.33
C GLY C 178 14.27 -21.43 -22.74
N ILE C 179 14.04 -21.69 -24.03
CA ILE C 179 12.69 -21.64 -24.61
C ILE C 179 12.64 -22.53 -25.85
N PRO C 180 12.46 -23.84 -25.70
CA PRO C 180 12.30 -24.71 -26.86
C PRO C 180 10.83 -24.89 -27.25
N GLY C 181 10.63 -25.21 -28.54
CA GLY C 181 9.32 -25.39 -29.10
C GLY C 181 9.07 -26.83 -29.54
N LYS C 182 7.78 -27.12 -29.76
CA LYS C 182 7.35 -28.45 -30.15
C LYS C 182 6.00 -28.36 -30.84
N ARG C 183 5.83 -29.14 -31.91
CA ARG C 183 4.58 -29.19 -32.66
C ARG C 183 3.92 -30.54 -32.43
N SER C 184 2.60 -30.51 -32.20
CA SER C 184 1.87 -31.72 -31.86
C SER C 184 0.56 -31.77 -32.66
N GLU C 185 0.03 -32.97 -32.82
CA GLU C 185 -1.25 -33.21 -33.50
C GLU C 185 -2.19 -33.92 -32.55
N ARG C 186 -3.47 -33.54 -32.58
CA ARG C 186 -4.49 -34.10 -31.69
C ARG C 186 -5.66 -34.60 -32.53
N PHE C 187 -5.76 -35.91 -32.68
CA PHE C 187 -6.88 -36.50 -33.40
C PHE C 187 -8.13 -36.53 -32.55
N TYR C 188 -9.28 -36.55 -33.22
CA TYR C 188 -10.57 -36.68 -32.57
C TYR C 188 -11.33 -37.83 -33.22
N GLU C 189 -12.12 -38.55 -32.42
CA GLU C 189 -12.77 -39.77 -32.89
C GLU C 189 -14.15 -39.42 -33.45
N CYS C 190 -14.16 -38.40 -34.32
CA CYS C 190 -15.35 -38.12 -35.11
C CYS C 190 -14.98 -37.70 -36.54
N CYS C 191 -13.71 -37.34 -36.75
CA CYS C 191 -13.28 -36.76 -38.02
C CYS C 191 -12.10 -37.45 -38.65
N LYS C 192 -11.19 -38.03 -37.85
CA LYS C 192 -9.99 -38.71 -38.34
C LYS C 192 -9.07 -37.76 -39.10
N GLU C 193 -8.99 -36.50 -38.65
CA GLU C 193 -8.04 -35.55 -39.21
C GLU C 193 -7.29 -34.85 -38.09
N PRO C 194 -6.04 -34.49 -38.31
CA PRO C 194 -5.23 -33.88 -37.24
C PRO C 194 -5.60 -32.41 -37.01
N TYR C 195 -5.24 -31.93 -35.84
CA TYR C 195 -5.42 -30.53 -35.45
C TYR C 195 -4.12 -30.03 -34.83
N PRO C 196 -3.15 -29.65 -35.66
CA PRO C 196 -1.82 -29.32 -35.14
C PRO C 196 -1.80 -28.05 -34.31
N ASP C 197 -0.84 -28.00 -33.38
CA ASP C 197 -0.61 -26.83 -32.54
C ASP C 197 0.88 -26.76 -32.21
N VAL C 198 1.32 -25.56 -31.82
CA VAL C 198 2.73 -25.30 -31.55
C VAL C 198 2.86 -24.72 -30.15
N THR C 199 3.71 -25.34 -29.33
CA THR C 199 3.88 -24.91 -27.94
C THR C 199 5.35 -24.58 -27.67
N PHE C 200 5.57 -23.45 -27.01
CA PHE C 200 6.91 -23.01 -26.59
C PHE C 200 6.98 -23.03 -25.07
N THR C 201 8.05 -23.60 -24.53
CA THR C 201 8.20 -23.79 -23.09
C THR C 201 9.31 -22.88 -22.57
N VAL C 202 8.93 -21.83 -21.85
CA VAL C 202 9.90 -20.92 -21.25
C VAL C 202 10.32 -21.48 -19.90
N THR C 203 11.60 -21.81 -19.77
CA THR C 203 12.17 -22.30 -18.52
C THR C 203 13.11 -21.23 -17.97
N MET C 204 12.90 -20.85 -16.72
CA MET C 204 13.65 -19.76 -16.09
C MET C 204 13.97 -20.13 -14.65
N ARG C 205 14.93 -19.41 -14.08
CA ARG C 205 15.42 -19.64 -12.73
C ARG C 205 15.47 -18.34 -11.95
N ARG C 206 15.13 -18.40 -10.67
CA ARG C 206 15.09 -17.21 -9.82
C ARG C 206 16.48 -16.89 -9.28
N ARG C 207 16.79 -15.60 -9.20
CA ARG C 207 18.06 -15.13 -8.67
C ARG C 207 17.93 -14.89 -7.17
N THR C 208 18.90 -15.36 -6.40
CA THR C 208 18.83 -15.39 -4.95
C THR C 208 19.92 -14.53 -4.30
N LEU C 209 20.15 -13.33 -4.83
CA LEU C 209 21.10 -12.41 -4.24
C LEU C 209 20.44 -11.39 -3.32
N TYR C 210 19.28 -10.85 -3.72
CA TYR C 210 18.56 -9.91 -2.87
C TYR C 210 18.06 -10.58 -1.60
N TYR C 211 17.53 -11.79 -1.71
CA TYR C 211 16.96 -12.48 -0.54
C TYR C 211 18.05 -12.90 0.42
N GLY C 212 19.23 -13.29 -0.09
CA GLY C 212 20.30 -13.73 0.78
C GLY C 212 21.00 -12.61 1.52
N LEU C 213 20.78 -11.36 1.10
CA LEU C 213 21.41 -10.21 1.75
C LEU C 213 20.42 -9.39 2.58
N ASN C 214 19.19 -9.20 2.10
CA ASN C 214 18.23 -8.36 2.80
C ASN C 214 17.33 -9.12 3.76
N LEU C 215 17.33 -10.45 3.73
CA LEU C 215 16.48 -11.26 4.59
C LEU C 215 17.26 -12.19 5.50
N LEU C 216 18.25 -12.91 4.96
CA LEU C 216 18.94 -13.91 5.77
C LEU C 216 19.86 -13.27 6.79
N ILE C 217 20.86 -12.52 6.32
CA ILE C 217 21.91 -11.96 7.19
C ILE C 217 21.30 -11.12 8.29
N PRO C 218 20.26 -10.28 8.04
CA PRO C 218 19.61 -9.57 9.15
C PRO C 218 19.14 -10.50 10.26
N CYS C 219 18.64 -11.69 9.91
CA CYS C 219 18.03 -12.59 10.89
C CYS C 219 19.04 -13.57 11.47
N VAL C 220 20.30 -13.54 11.04
CA VAL C 220 21.37 -14.29 11.71
C VAL C 220 22.12 -13.40 12.68
N LEU C 221 21.98 -12.09 12.58
CA LEU C 221 22.52 -11.17 13.56
C LEU C 221 21.59 -10.97 14.75
N ILE C 222 20.33 -11.43 14.65
CA ILE C 222 19.41 -11.37 15.76
C ILE C 222 19.23 -12.71 16.44
N SER C 223 19.24 -13.82 15.69
CA SER C 223 19.19 -15.15 16.29
C SER C 223 20.41 -15.40 17.16
N ALA C 224 21.59 -14.97 16.71
CA ALA C 224 22.81 -15.10 17.49
C ALA C 224 22.96 -14.03 18.54
N LEU C 225 22.14 -12.98 18.51
CA LEU C 225 22.21 -11.94 19.53
C LEU C 225 21.51 -12.35 20.81
N ALA C 226 20.57 -13.29 20.74
CA ALA C 226 19.89 -13.77 21.94
C ALA C 226 20.83 -14.59 22.83
N LEU C 227 21.74 -15.35 22.22
CA LEU C 227 22.64 -16.21 22.98
C LEU C 227 23.51 -15.44 23.97
N LEU C 228 23.72 -14.15 23.74
CA LEU C 228 24.48 -13.33 24.67
C LEU C 228 23.84 -13.30 26.06
N VAL C 229 22.55 -13.59 26.16
CA VAL C 229 21.90 -13.62 27.46
C VAL C 229 22.46 -14.72 28.34
N PHE C 230 23.19 -15.67 27.76
CA PHE C 230 23.82 -16.74 28.53
C PHE C 230 25.26 -16.42 28.89
N LEU C 231 25.76 -15.24 28.51
CA LEU C 231 27.10 -14.79 28.87
C LEU C 231 27.07 -13.52 29.70
N LEU C 232 25.89 -13.14 30.20
CA LEU C 232 25.71 -11.91 30.96
C LEU C 232 25.44 -12.25 32.41
N PRO C 233 26.26 -11.78 33.35
CA PRO C 233 26.06 -12.16 34.75
C PRO C 233 24.71 -11.70 35.28
N ALA C 234 24.12 -12.54 36.14
CA ALA C 234 22.80 -12.26 36.69
C ALA C 234 22.81 -11.19 37.76
N ASP C 235 23.98 -10.79 38.25
CA ASP C 235 24.04 -9.73 39.25
C ASP C 235 23.51 -8.41 38.69
N SER C 236 23.83 -8.11 37.44
CA SER C 236 23.25 -6.94 36.77
C SER C 236 21.75 -7.14 36.60
N GLY C 237 20.99 -6.10 36.87
CA GLY C 237 19.54 -6.19 36.81
C GLY C 237 18.97 -6.07 35.42
N GLU C 238 19.64 -6.66 34.43
CA GLU C 238 19.17 -6.66 33.04
C GLU C 238 19.46 -8.05 32.45
N LYS C 239 18.49 -8.96 32.56
CA LYS C 239 18.62 -10.27 31.93
C LYS C 239 17.41 -10.60 31.07
N ILE C 240 16.24 -10.11 31.47
CA ILE C 240 15.06 -10.15 30.61
C ILE C 240 14.79 -8.80 29.97
N SER C 241 15.59 -7.78 30.31
CA SER C 241 15.59 -6.54 29.54
C SER C 241 16.32 -6.71 28.22
N LEU C 242 17.11 -7.78 28.08
CA LEU C 242 17.79 -8.14 26.83
C LEU C 242 17.12 -9.33 26.15
N GLY C 243 16.65 -10.31 26.91
CA GLY C 243 16.02 -11.47 26.32
C GLY C 243 14.70 -11.14 25.63
N ILE C 244 13.91 -10.24 26.23
CA ILE C 244 12.61 -9.90 25.68
C ILE C 244 12.66 -8.79 24.65
N THR C 245 13.74 -8.01 24.60
CA THR C 245 13.88 -6.98 23.58
C THR C 245 14.37 -7.52 22.25
N VAL C 246 15.14 -8.61 22.25
CA VAL C 246 15.49 -9.29 21.00
C VAL C 246 14.27 -9.93 20.33
N LEU C 247 13.35 -10.48 21.11
CA LEU C 247 12.12 -11.03 20.55
C LEU C 247 11.21 -9.95 19.99
N LEU C 248 11.09 -8.81 20.66
CA LEU C 248 10.31 -7.70 20.14
C LEU C 248 10.97 -7.05 18.93
N SER C 249 12.30 -6.97 18.91
CA SER C 249 13.01 -6.42 17.77
C SER C 249 12.99 -7.34 16.55
N LEU C 250 12.64 -8.61 16.72
CA LEU C 250 12.50 -9.52 15.59
C LEU C 250 11.05 -9.75 15.21
N THR C 251 10.10 -9.50 16.14
CA THR C 251 8.69 -9.47 15.79
C THR C 251 8.37 -8.33 14.84
N VAL C 252 9.03 -7.19 15.00
CA VAL C 252 8.91 -6.07 14.07
C VAL C 252 9.65 -6.33 12.77
N PHE C 253 10.54 -7.33 12.74
CA PHE C 253 11.22 -7.73 11.52
C PHE C 253 10.34 -8.56 10.59
N MET C 254 9.25 -9.13 11.11
CA MET C 254 8.32 -9.90 10.30
C MET C 254 7.30 -9.02 9.58
N LEU C 255 7.34 -7.71 9.82
CA LEU C 255 6.52 -6.78 9.05
C LEU C 255 7.07 -6.55 7.64
N LEU C 256 8.38 -6.58 7.47
CA LEU C 256 9.01 -6.45 6.15
C LEU C 256 9.30 -7.79 5.52
N VAL C 257 8.93 -8.89 6.17
CA VAL C 257 9.08 -10.23 5.62
C VAL C 257 7.74 -10.66 5.02
N ALA C 258 6.65 -10.27 5.67
CA ALA C 258 5.31 -10.63 5.21
C ALA C 258 4.99 -10.01 3.85
N GLU C 259 5.71 -8.97 3.44
CA GLU C 259 5.52 -8.35 2.13
C GLU C 259 6.29 -9.05 1.03
N ILE C 260 7.01 -10.13 1.35
CA ILE C 260 7.82 -10.86 0.38
C ILE C 260 7.34 -12.29 0.21
N MET C 261 6.99 -12.96 1.29
CA MET C 261 6.59 -14.36 1.23
C MET C 261 5.28 -14.52 0.46
N PRO C 262 5.11 -15.62 -0.27
CA PRO C 262 3.87 -15.85 -1.00
C PRO C 262 2.73 -16.25 -0.05
N ALA C 263 1.51 -16.05 -0.55
CA ALA C 263 0.30 -16.34 0.21
C ALA C 263 -0.37 -17.66 -0.21
N THR C 264 0.31 -18.48 -0.99
CA THR C 264 -0.28 -19.74 -1.42
C THR C 264 -0.34 -20.73 -0.26
N SER C 265 -1.44 -21.48 -0.20
CA SER C 265 -1.64 -22.48 0.84
C SER C 265 -1.42 -23.90 0.36
N ASP C 266 -0.82 -24.08 -0.83
CA ASP C 266 -0.61 -25.42 -1.36
C ASP C 266 0.52 -26.14 -0.64
N SER C 267 1.60 -25.41 -0.32
CA SER C 267 2.75 -26.02 0.33
C SER C 267 3.39 -25.01 1.25
N VAL C 268 4.38 -25.47 2.02
CA VAL C 268 5.07 -24.64 3.00
C VAL C 268 6.42 -24.23 2.39
N PRO C 269 6.64 -22.94 2.13
CA PRO C 269 7.94 -22.52 1.57
C PRO C 269 9.08 -22.76 2.55
N LEU C 270 10.27 -22.92 1.99
CA LEU C 270 11.46 -23.19 2.80
C LEU C 270 11.77 -22.01 3.72
N ILE C 271 11.68 -20.79 3.21
CA ILE C 271 11.97 -19.61 4.03
C ILE C 271 10.96 -19.48 5.16
N ALA C 272 9.72 -19.92 4.94
CA ALA C 272 8.71 -19.84 5.98
C ALA C 272 9.07 -20.72 7.17
N GLN C 273 9.49 -21.97 6.91
CA GLN C 273 9.86 -22.85 8.01
C GLN C 273 11.18 -22.45 8.63
N TYR C 274 12.09 -21.86 7.85
CA TYR C 274 13.32 -21.32 8.45
C TYR C 274 13.00 -20.20 9.43
N PHE C 275 12.12 -19.28 9.04
CA PHE C 275 11.74 -18.19 9.93
C PHE C 275 10.95 -18.71 11.13
N ALA C 276 10.14 -19.76 10.93
CA ALA C 276 9.43 -20.37 12.06
C ALA C 276 10.41 -20.98 13.05
N SER C 277 11.45 -21.64 12.56
CA SER C 277 12.48 -22.18 13.45
C SER C 277 13.17 -21.08 14.24
N THR C 278 13.49 -19.97 13.57
CA THR C 278 14.11 -18.84 14.28
C THR C 278 13.15 -18.29 15.34
N MET C 279 11.87 -18.15 15.01
CA MET C 279 10.84 -17.77 15.97
C MET C 279 10.87 -18.67 17.19
N ILE C 280 10.88 -19.98 16.97
CA ILE C 280 10.76 -20.94 18.07
C ILE C 280 12.01 -20.91 18.94
N ILE C 281 13.19 -20.86 18.32
CA ILE C 281 14.43 -20.87 19.10
C ILE C 281 14.54 -19.58 19.93
N VAL C 282 14.26 -18.43 19.32
CA VAL C 282 14.37 -17.17 20.05
C VAL C 282 13.35 -17.11 21.18
N GLY C 283 12.13 -17.61 20.94
CA GLY C 283 11.13 -17.62 22.01
C GLY C 283 11.46 -18.57 23.13
N LEU C 284 12.03 -19.74 22.79
CA LEU C 284 12.41 -20.70 23.83
C LEU C 284 13.63 -20.26 24.60
N SER C 285 14.45 -19.37 24.04
CA SER C 285 15.61 -18.87 24.78
C SER C 285 15.18 -18.08 26.01
N VAL C 286 13.98 -17.49 26.00
CA VAL C 286 13.51 -16.73 27.15
C VAL C 286 12.96 -17.63 28.25
N VAL C 287 12.44 -18.81 27.92
CA VAL C 287 11.90 -19.71 28.93
C VAL C 287 13.02 -20.19 29.86
N VAL C 288 14.18 -20.52 29.31
CA VAL C 288 15.28 -21.02 30.11
C VAL C 288 15.76 -19.99 31.13
N THR C 289 15.87 -18.72 30.72
CA THR C 289 16.35 -17.64 31.58
C THR C 289 15.58 -17.54 32.89
N VAL C 290 14.26 -17.72 32.86
CA VAL C 290 13.44 -17.71 34.07
C VAL C 290 13.79 -18.85 35.01
N ILE C 291 14.23 -20.00 34.49
CA ILE C 291 14.61 -21.14 35.33
C ILE C 291 16.05 -21.01 35.83
N VAL C 292 16.73 -19.91 35.48
CA VAL C 292 18.09 -19.67 35.95
C VAL C 292 18.03 -18.69 37.11
N LEU C 293 17.20 -17.65 36.96
CA LEU C 293 17.01 -16.68 38.03
C LEU C 293 16.24 -17.25 39.22
N GLN C 294 15.48 -18.33 39.01
CA GLN C 294 14.88 -19.02 40.14
C GLN C 294 15.95 -19.69 41.00
N TYR C 295 17.02 -20.16 40.36
CA TYR C 295 18.13 -20.76 41.10
C TYR C 295 18.97 -19.70 41.80
N HIS C 296 19.14 -18.53 41.15
CA HIS C 296 19.97 -17.47 41.70
C HIS C 296 19.32 -16.73 42.86
N HIS C 297 17.99 -16.58 42.85
CA HIS C 297 17.27 -15.82 43.86
C HIS C 297 16.56 -16.73 44.86
N HIS C 298 17.17 -17.88 45.17
CA HIS C 298 16.56 -18.82 46.10
C HIS C 298 16.69 -18.32 47.54
N ASP C 299 15.66 -18.58 48.33
CA ASP C 299 15.68 -18.18 49.73
C ASP C 299 16.68 -19.02 50.50
N PRO C 300 17.53 -18.40 51.33
CA PRO C 300 18.51 -19.19 52.10
C PRO C 300 17.89 -20.25 52.99
N ASP C 301 16.73 -19.96 53.59
CA ASP C 301 16.10 -20.86 54.55
C ASP C 301 14.72 -21.29 54.06
N GLY C 302 14.62 -21.67 52.79
CA GLY C 302 13.36 -22.11 52.23
C GLY C 302 13.50 -23.28 51.27
N GLY C 303 14.64 -23.97 51.33
CA GLY C 303 14.90 -25.09 50.45
C GLY C 303 15.85 -26.07 51.12
N LYS C 304 16.17 -27.13 50.38
CA LYS C 304 17.05 -28.18 50.89
C LYS C 304 18.16 -28.60 49.95
N MET C 305 18.18 -28.13 48.70
CA MET C 305 19.17 -28.52 47.70
C MET C 305 19.13 -30.05 47.53
N PRO C 306 18.09 -30.58 46.85
CA PRO C 306 17.99 -32.04 46.67
C PRO C 306 19.28 -32.71 46.23
N LYS C 307 19.45 -33.97 46.61
CA LYS C 307 20.70 -34.69 46.33
C LYS C 307 20.94 -34.80 44.83
N TRP C 308 19.89 -35.09 44.05
CA TRP C 308 20.05 -35.20 42.61
C TRP C 308 20.53 -33.89 42.01
N THR C 309 19.98 -32.76 42.47
CA THR C 309 20.44 -31.46 41.99
C THR C 309 21.90 -31.23 42.32
N ARG C 310 22.34 -31.63 43.51
CA ARG C 310 23.73 -31.47 43.91
C ARG C 310 24.68 -32.36 43.13
N VAL C 311 24.27 -33.57 42.77
CA VAL C 311 25.14 -34.48 42.01
C VAL C 311 25.21 -34.08 40.54
N ILE C 312 24.06 -33.86 39.91
CA ILE C 312 24.05 -33.54 38.48
C ILE C 312 24.68 -32.19 38.22
N LEU C 313 24.28 -31.17 38.97
CA LEU C 313 24.59 -29.78 38.64
C LEU C 313 25.88 -29.28 39.28
N LEU C 314 26.53 -30.07 40.14
CA LEU C 314 27.73 -29.63 40.81
C LEU C 314 28.89 -30.62 40.74
N ASN C 315 28.66 -31.85 40.33
CA ASN C 315 29.71 -32.86 40.26
C ASN C 315 29.97 -33.32 38.83
N TRP C 316 28.93 -33.74 38.10
CA TRP C 316 29.13 -34.26 36.75
C TRP C 316 29.20 -33.12 35.73
N CYS C 317 28.14 -32.32 35.62
CA CYS C 317 28.10 -31.23 34.65
C CYS C 317 29.04 -30.09 35.01
N ALA C 318 29.55 -30.03 36.25
CA ALA C 318 30.52 -29.03 36.64
C ALA C 318 31.95 -29.47 36.39
N TRP C 319 32.19 -30.73 36.01
CA TRP C 319 33.51 -31.21 35.68
C TRP C 319 33.74 -31.31 34.18
N PHE C 320 32.68 -31.54 33.40
CA PHE C 320 32.79 -31.47 31.95
C PHE C 320 33.24 -30.09 31.51
N LEU C 321 32.69 -29.06 32.13
CA LEU C 321 32.87 -27.67 31.71
C LEU C 321 34.13 -27.03 32.28
N ARG C 322 34.79 -27.68 33.24
CA ARG C 322 35.97 -27.13 33.91
C ARG C 322 35.67 -25.75 34.50
N MET C 323 34.70 -25.72 35.42
CA MET C 323 34.24 -24.49 36.04
C MET C 323 34.87 -24.24 37.41
N LYS C 324 34.88 -25.24 38.28
CA LYS C 324 35.43 -25.13 39.62
C LYS C 324 34.78 -23.98 40.40
N ASP C 410 27.66 -4.85 85.66
CA ASP C 410 28.65 -5.92 85.83
C ASP C 410 29.16 -6.40 84.48
N LEU C 411 30.11 -7.33 84.51
CA LEU C 411 30.72 -7.87 83.29
C LEU C 411 29.83 -8.86 82.56
N ALA C 412 28.96 -9.57 83.28
CA ALA C 412 28.20 -10.65 82.67
C ALA C 412 27.26 -10.15 81.57
N LYS C 413 26.57 -9.04 81.82
CA LYS C 413 25.63 -8.52 80.83
C LYS C 413 26.35 -8.03 79.58
N ILE C 414 27.49 -7.34 79.76
CA ILE C 414 28.28 -6.90 78.61
C ILE C 414 28.73 -8.10 77.79
N LEU C 415 29.23 -9.14 78.48
CA LEU C 415 29.67 -10.35 77.78
C LEU C 415 28.52 -10.98 77.01
N GLU C 416 27.34 -11.05 77.63
CA GLU C 416 26.19 -11.65 76.97
C GLU C 416 25.80 -10.88 75.71
N GLU C 417 25.80 -9.53 75.80
CA GLU C 417 25.43 -8.73 74.64
C GLU C 417 26.42 -8.91 73.49
N VAL C 418 27.72 -8.86 73.78
CA VAL C 418 28.71 -9.00 72.72
C VAL C 418 28.64 -10.40 72.11
N ARG C 419 28.38 -11.42 72.95
CA ARG C 419 28.22 -12.77 72.44
C ARG C 419 27.01 -12.88 71.53
N TYR C 420 25.92 -12.19 71.88
CA TYR C 420 24.75 -12.14 71.02
C TYR C 420 25.08 -11.56 69.65
N ILE C 421 25.81 -10.45 69.63
CA ILE C 421 26.19 -9.83 68.35
C ILE C 421 27.03 -10.79 67.52
N ALA C 422 27.99 -11.45 68.17
CA ALA C 422 28.85 -12.40 67.45
C ALA C 422 28.04 -13.53 66.84
N ASN C 423 27.09 -14.09 67.61
CA ASN C 423 26.27 -15.18 67.10
C ASN C 423 25.44 -14.72 65.90
N ARG C 424 24.89 -13.50 65.97
CA ARG C 424 24.16 -12.94 64.84
C ARG C 424 25.03 -12.92 63.59
N PHE C 425 26.27 -12.44 63.74
CA PHE C 425 27.17 -12.35 62.59
C PHE C 425 27.46 -13.73 62.01
N ARG C 426 27.68 -14.73 62.87
CA ARG C 426 27.95 -16.08 62.39
C ARG C 426 26.76 -16.64 61.61
N CYS C 427 25.54 -16.41 62.09
CA CYS C 427 24.35 -16.87 61.37
C CYS C 427 24.27 -16.22 59.99
N GLN C 428 24.55 -14.91 59.90
CA GLN C 428 24.54 -14.25 58.61
C GLN C 428 25.57 -14.85 57.66
N ASP C 429 26.76 -15.19 58.20
CA ASP C 429 27.78 -15.82 57.35
C ASP C 429 27.32 -17.15 56.80
N GLU C 430 26.68 -17.98 57.63
CA GLU C 430 26.18 -19.26 57.15
C GLU C 430 25.14 -19.08 56.04
N SER C 431 24.22 -18.13 56.23
CA SER C 431 23.22 -17.87 55.19
C SER C 431 23.88 -17.44 53.89
N GLU C 432 24.91 -16.59 53.97
CA GLU C 432 25.61 -16.16 52.77
C GLU C 432 26.29 -17.34 52.06
N ALA C 433 26.84 -18.28 52.83
CA ALA C 433 27.45 -19.45 52.21
C ALA C 433 26.43 -20.27 51.43
N VAL C 434 25.25 -20.48 52.01
CA VAL C 434 24.20 -21.22 51.31
C VAL C 434 23.82 -20.51 50.01
N CYS C 435 23.65 -19.19 50.09
CA CYS C 435 23.32 -18.42 48.89
C CYS C 435 24.40 -18.57 47.82
N SER C 436 25.67 -18.59 48.23
CA SER C 436 26.76 -18.75 47.28
C SER C 436 26.68 -20.08 46.56
N GLU C 437 26.36 -21.15 47.30
CA GLU C 437 26.18 -22.45 46.66
C GLU C 437 25.09 -22.40 45.59
N TRP C 438 23.95 -21.78 45.94
CA TRP C 438 22.86 -21.70 44.95
C TRP C 438 23.27 -20.91 43.72
N LYS C 439 24.00 -19.81 43.92
CA LYS C 439 24.44 -19.01 42.77
C LYS C 439 25.39 -19.80 41.87
N PHE C 440 26.29 -20.60 42.45
CA PHE C 440 27.15 -21.44 41.63
C PHE C 440 26.34 -22.43 40.82
N ALA C 441 25.31 -23.03 41.42
CA ALA C 441 24.43 -23.92 40.66
C ALA C 441 23.81 -23.18 39.48
N ALA C 442 23.37 -21.94 39.71
CA ALA C 442 22.77 -21.15 38.63
C ALA C 442 23.76 -20.90 37.50
N CYS C 443 25.01 -20.58 37.82
CA CYS C 443 26.02 -20.36 36.78
C CYS C 443 26.27 -21.63 35.97
N VAL C 444 26.31 -22.78 36.65
CA VAL C 444 26.50 -24.05 35.94
C VAL C 444 25.36 -24.27 34.96
N VAL C 445 24.13 -24.00 35.40
CA VAL C 445 22.97 -24.14 34.52
C VAL C 445 23.11 -23.21 33.32
N ASP C 446 23.58 -21.98 33.56
CA ASP C 446 23.73 -21.02 32.47
C ASP C 446 24.70 -21.52 31.41
N ARG C 447 25.86 -22.05 31.83
CA ARG C 447 26.81 -22.54 30.83
C ARG C 447 26.29 -23.78 30.12
N LEU C 448 25.61 -24.67 30.84
CA LEU C 448 25.03 -25.85 30.20
C LEU C 448 24.03 -25.46 29.12
N CYS C 449 23.17 -24.47 29.42
CA CYS C 449 22.22 -24.01 28.42
C CYS C 449 22.89 -23.27 27.27
N LEU C 450 23.97 -22.53 27.53
CA LEU C 450 24.70 -21.89 26.44
C LEU C 450 25.30 -22.89 25.47
N MET C 451 25.83 -24.00 25.97
CA MET C 451 26.54 -24.94 25.09
C MET C 451 25.64 -25.62 24.07
N ALA C 452 24.32 -25.67 24.28
CA ALA C 452 23.42 -26.46 23.44
C ALA C 452 22.65 -25.63 22.42
N PHE C 453 22.26 -24.41 22.77
CA PHE C 453 21.50 -23.59 21.84
C PHE C 453 22.33 -23.24 20.60
N SER C 454 23.65 -23.10 20.78
CA SER C 454 24.51 -22.79 19.65
C SER C 454 24.49 -23.91 18.61
N VAL C 455 24.66 -25.17 19.06
CA VAL C 455 24.63 -26.28 18.11
C VAL C 455 23.23 -26.43 17.53
N PHE C 456 22.19 -26.16 18.33
CA PHE C 456 20.83 -26.22 17.80
C PHE C 456 20.65 -25.25 16.63
N THR C 457 21.01 -23.98 16.84
CA THR C 457 20.78 -22.99 15.79
C THR C 457 21.68 -23.23 14.59
N ILE C 458 22.93 -23.67 14.81
CA ILE C 458 23.82 -23.96 13.70
C ILE C 458 23.26 -25.10 12.85
N ILE C 459 22.83 -26.18 13.51
CA ILE C 459 22.30 -27.33 12.79
C ILE C 459 21.04 -26.95 12.02
N CYS C 460 20.14 -26.21 12.65
CA CYS C 460 18.91 -25.80 11.96
C CYS C 460 19.22 -24.94 10.75
N THR C 461 20.08 -23.92 10.93
CA THR C 461 20.38 -22.99 9.84
C THR C 461 21.03 -23.71 8.67
N ILE C 462 21.98 -24.60 8.94
CA ILE C 462 22.65 -25.31 7.85
C ILE C 462 21.69 -26.27 7.18
N GLY C 463 20.97 -27.07 7.96
CA GLY C 463 20.16 -28.13 7.39
C GLY C 463 18.97 -27.63 6.59
N ILE C 464 18.30 -26.57 7.07
CA ILE C 464 17.12 -26.08 6.37
C ILE C 464 17.51 -25.51 5.01
N LEU C 465 18.58 -24.71 4.96
CA LEU C 465 18.99 -24.10 3.70
C LEU C 465 19.60 -25.13 2.75
N MET C 466 20.40 -26.07 3.27
CA MET C 466 21.08 -27.01 2.41
C MET C 466 20.19 -28.13 1.90
N SER C 467 18.95 -28.24 2.39
CA SER C 467 18.07 -29.30 1.94
C SER C 467 17.51 -29.05 0.54
N ALA C 468 17.44 -27.79 0.12
CA ALA C 468 16.88 -27.48 -1.18
C ALA C 468 17.81 -27.96 -2.29
N PRO C 469 17.28 -28.44 -3.41
CA PRO C 469 18.12 -28.80 -4.54
C PRO C 469 18.63 -27.56 -5.26
N ASN C 470 19.63 -27.78 -6.12
CA ASN C 470 20.32 -26.72 -6.87
C ASN C 470 20.71 -25.54 -5.98
N PHE C 471 20.94 -25.80 -4.70
CA PHE C 471 21.42 -24.76 -3.80
C PHE C 471 22.86 -24.38 -4.14
N VAL C 472 23.72 -25.37 -4.36
CA VAL C 472 25.11 -25.09 -4.74
C VAL C 472 25.16 -24.40 -6.09
N GLU C 473 24.30 -24.82 -7.02
CA GLU C 473 24.24 -24.15 -8.32
C GLU C 473 23.83 -22.68 -8.18
N ALA C 474 22.83 -22.41 -7.35
CA ALA C 474 22.36 -21.04 -7.16
C ALA C 474 23.44 -20.18 -6.52
N VAL C 475 24.11 -20.70 -5.49
CA VAL C 475 25.12 -19.89 -4.82
C VAL C 475 26.37 -19.74 -5.68
N SER C 476 26.61 -20.69 -6.59
CA SER C 476 27.75 -20.57 -7.49
C SER C 476 27.49 -19.52 -8.58
N LYS C 477 26.28 -19.52 -9.15
CA LYS C 477 26.00 -18.57 -10.22
C LYS C 477 25.73 -17.17 -9.67
N ASP C 478 25.10 -17.05 -8.49
CA ASP C 478 24.63 -15.76 -8.03
C ASP C 478 25.72 -15.00 -7.28
N PHE C 479 26.25 -15.58 -6.20
CA PHE C 479 27.17 -14.85 -5.33
C PHE C 479 28.56 -14.76 -5.97
N ALA C 480 29.16 -15.90 -6.27
CA ALA C 480 30.50 -15.91 -6.87
C ALA C 480 30.47 -15.39 -8.30
N GLY D 1 -37.58 -16.39 -41.35
CA GLY D 1 -38.80 -16.81 -42.01
C GLY D 1 -39.13 -15.99 -43.24
N GLU D 2 -40.18 -16.39 -43.96
CA GLU D 2 -40.58 -15.67 -45.16
C GLU D 2 -41.25 -14.34 -44.84
N PHE D 3 -41.98 -14.27 -43.73
CA PHE D 3 -42.78 -13.10 -43.41
C PHE D 3 -41.99 -12.02 -42.66
N GLN D 4 -41.21 -12.42 -41.66
CA GLN D 4 -40.44 -11.42 -40.92
C GLN D 4 -39.34 -10.80 -41.77
N ARG D 5 -38.86 -11.53 -42.78
CA ARG D 5 -37.88 -10.95 -43.70
C ARG D 5 -38.46 -9.75 -44.44
N LYS D 6 -39.65 -9.92 -45.03
CA LYS D 6 -40.30 -8.81 -45.71
C LYS D 6 -40.75 -7.73 -44.73
N LEU D 7 -41.12 -8.12 -43.51
CA LEU D 7 -41.48 -7.12 -42.51
C LEU D 7 -40.28 -6.23 -42.16
N TYR D 8 -39.12 -6.84 -41.96
CA TYR D 8 -37.91 -6.06 -41.67
C TYR D 8 -37.50 -5.22 -42.87
N LYS D 9 -37.67 -5.75 -44.08
CA LYS D 9 -37.35 -4.97 -45.28
C LYS D 9 -38.27 -3.78 -45.43
N GLU D 10 -39.54 -3.91 -45.05
CA GLU D 10 -40.53 -2.85 -45.19
C GLU D 10 -40.44 -1.80 -44.09
N LEU D 11 -40.13 -2.21 -42.85
CA LEU D 11 -40.14 -1.26 -41.74
C LEU D 11 -39.05 -0.20 -41.90
N VAL D 12 -37.84 -0.60 -42.31
CA VAL D 12 -36.72 0.34 -42.38
C VAL D 12 -36.66 1.12 -43.67
N LYS D 13 -37.66 1.00 -44.53
CA LYS D 13 -37.68 1.74 -45.78
C LYS D 13 -38.06 3.20 -45.52
N ASN D 14 -37.26 4.11 -46.06
CA ASN D 14 -37.49 5.55 -45.92
C ASN D 14 -37.58 5.97 -44.45
N TYR D 15 -36.70 5.41 -43.63
CA TYR D 15 -36.67 5.70 -42.20
C TYR D 15 -35.43 6.52 -41.88
N ASN D 16 -35.63 7.60 -41.12
CA ASN D 16 -34.54 8.47 -40.70
C ASN D 16 -34.36 8.34 -39.20
N PRO D 17 -33.21 7.85 -38.71
CA PRO D 17 -33.00 7.74 -37.26
C PRO D 17 -32.67 9.04 -36.56
N LEU D 18 -32.83 10.18 -37.23
CA LEU D 18 -32.51 11.48 -36.65
C LEU D 18 -33.74 12.27 -36.24
N GLU D 19 -34.92 11.95 -36.76
CA GLU D 19 -36.12 12.71 -36.49
C GLU D 19 -36.89 12.13 -35.31
N ARG D 20 -37.65 12.98 -34.64
CA ARG D 20 -38.50 12.55 -33.54
C ARG D 20 -39.72 11.84 -34.10
N PRO D 21 -40.02 10.61 -33.65
CA PRO D 21 -41.11 9.83 -34.25
C PRO D 21 -42.49 10.24 -33.73
N VAL D 22 -42.93 11.42 -34.16
CA VAL D 22 -44.25 11.94 -33.79
C VAL D 22 -44.98 12.29 -35.08
N ALA D 23 -46.31 12.36 -34.98
CA ALA D 23 -47.17 12.49 -36.15
C ALA D 23 -47.55 13.91 -36.50
N ASN D 24 -47.18 14.90 -35.68
CA ASN D 24 -47.57 16.29 -35.94
C ASN D 24 -46.44 17.29 -35.83
N ASP D 25 -45.34 16.97 -35.14
CA ASP D 25 -44.17 17.83 -34.94
C ASP D 25 -44.46 19.01 -34.02
N SER D 26 -45.69 19.18 -33.55
CA SER D 26 -46.03 20.24 -32.61
C SER D 26 -46.48 19.72 -31.26
N GLN D 27 -46.65 18.41 -31.11
CA GLN D 27 -47.08 17.76 -29.88
C GLN D 27 -45.90 17.09 -29.18
N PRO D 28 -45.86 17.14 -27.85
CA PRO D 28 -44.75 16.48 -27.13
C PRO D 28 -44.84 14.98 -27.23
N LEU D 29 -43.68 14.34 -27.06
CA LEU D 29 -43.58 12.88 -27.03
C LEU D 29 -43.33 12.45 -25.59
N THR D 30 -44.32 11.77 -24.99
CA THR D 30 -44.23 11.35 -23.61
C THR D 30 -43.29 10.17 -23.49
N VAL D 31 -42.29 10.29 -22.61
CA VAL D 31 -41.32 9.23 -22.37
C VAL D 31 -41.37 8.89 -20.88
N TYR D 32 -41.62 7.62 -20.57
CA TYR D 32 -41.69 7.16 -19.19
C TYR D 32 -40.32 6.63 -18.77
N PHE D 33 -39.81 7.15 -17.65
CA PHE D 33 -38.47 6.85 -17.17
C PHE D 33 -38.54 6.29 -15.77
N SER D 34 -37.75 5.25 -15.51
CA SER D 34 -37.71 4.60 -14.20
C SER D 34 -36.31 4.04 -13.99
N LEU D 35 -36.03 3.62 -12.75
CA LEU D 35 -34.69 3.20 -12.38
C LEU D 35 -34.79 1.95 -11.51
N SER D 36 -33.74 1.12 -11.55
CA SER D 36 -33.65 -0.06 -10.71
C SER D 36 -32.26 -0.14 -10.12
N LEU D 37 -32.17 -0.15 -8.79
CA LEU D 37 -30.90 -0.22 -8.08
C LEU D 37 -30.58 -1.67 -7.74
N LEU D 38 -29.39 -2.13 -8.15
CA LEU D 38 -28.99 -3.51 -7.94
C LEU D 38 -28.08 -3.70 -6.73
N GLN D 39 -27.15 -2.78 -6.50
CA GLN D 39 -26.26 -2.83 -5.34
C GLN D 39 -25.46 -1.53 -5.28
N ILE D 40 -24.98 -1.21 -4.09
CA ILE D 40 -24.11 -0.05 -3.87
C ILE D 40 -22.67 -0.54 -3.83
N MET D 41 -21.85 -0.05 -4.76
CA MET D 41 -20.49 -0.58 -4.88
C MET D 41 -19.52 0.16 -3.96
N ASP D 42 -19.50 1.48 -4.00
CA ASP D 42 -18.52 2.20 -3.19
C ASP D 42 -19.01 3.62 -2.91
N VAL D 43 -18.49 4.18 -1.82
CA VAL D 43 -18.72 5.57 -1.44
C VAL D 43 -17.35 6.14 -1.10
N ASP D 44 -16.78 6.93 -2.00
CA ASP D 44 -15.42 7.42 -1.86
C ASP D 44 -15.49 8.87 -1.37
N GLU D 45 -14.88 9.14 -0.22
CA GLU D 45 -14.87 10.48 0.35
C GLU D 45 -13.68 11.32 -0.09
N LYS D 46 -12.66 10.71 -0.69
CA LYS D 46 -11.52 11.46 -1.18
C LYS D 46 -11.91 12.32 -2.37
N ASN D 47 -12.40 11.69 -3.44
CA ASN D 47 -12.90 12.39 -4.61
C ASN D 47 -14.39 12.70 -4.52
N GLN D 48 -15.06 12.26 -3.44
CA GLN D 48 -16.48 12.53 -3.22
C GLN D 48 -17.33 11.98 -4.37
N VAL D 49 -17.28 10.66 -4.54
CA VAL D 49 -18.05 9.98 -5.58
C VAL D 49 -18.79 8.80 -4.97
N LEU D 50 -19.80 8.34 -5.71
CA LEU D 50 -20.62 7.20 -5.31
C LEU D 50 -20.78 6.28 -6.50
N THR D 51 -20.32 5.04 -6.37
CA THR D 51 -20.36 4.04 -7.44
C THR D 51 -21.45 3.03 -7.12
N THR D 52 -22.40 2.89 -8.04
CA THR D 52 -23.55 2.01 -7.85
C THR D 52 -23.82 1.23 -9.14
N ASN D 53 -24.64 0.19 -9.02
CA ASN D 53 -25.08 -0.63 -10.14
C ASN D 53 -26.55 -0.34 -10.40
N ILE D 54 -26.88 0.10 -11.61
CA ILE D 54 -28.21 0.62 -11.91
C ILE D 54 -28.64 0.18 -13.31
N TRP D 55 -29.90 -0.23 -13.42
CA TRP D 55 -30.53 -0.49 -14.71
C TRP D 55 -31.61 0.58 -14.93
N LEU D 56 -31.43 1.40 -15.96
CA LEU D 56 -32.44 2.37 -16.33
C LEU D 56 -33.57 1.68 -17.09
N GLN D 57 -34.70 2.36 -17.20
CA GLN D 57 -35.84 1.84 -17.95
C GLN D 57 -36.54 2.99 -18.65
N MET D 58 -36.63 2.91 -19.97
CA MET D 58 -37.28 3.94 -20.77
C MET D 58 -38.36 3.31 -21.64
N SER D 59 -39.49 4.01 -21.78
CA SER D 59 -40.58 3.54 -22.60
C SER D 59 -41.20 4.70 -23.35
N TRP D 60 -41.55 4.47 -24.62
CA TRP D 60 -42.20 5.50 -25.42
C TRP D 60 -43.00 4.83 -26.53
N THR D 61 -43.47 5.63 -27.49
CA THR D 61 -44.28 5.13 -28.59
C THR D 61 -43.72 5.63 -29.91
N ASP D 62 -43.67 4.74 -30.90
CA ASP D 62 -43.20 5.08 -32.23
C ASP D 62 -44.34 4.97 -33.23
N HIS D 63 -44.34 5.87 -34.22
CA HIS D 63 -45.42 5.98 -35.18
C HIS D 63 -45.14 5.30 -36.51
N TYR D 64 -43.87 5.19 -36.91
CA TYR D 64 -43.52 4.58 -38.19
C TYR D 64 -43.21 3.10 -38.09
N LEU D 65 -43.38 2.49 -36.91
CA LEU D 65 -43.06 1.09 -36.69
C LEU D 65 -44.31 0.29 -36.35
N GLN D 66 -45.39 0.53 -37.08
CA GLN D 66 -46.66 -0.14 -36.87
C GLN D 66 -46.98 -1.03 -38.05
N TRP D 67 -47.48 -2.24 -37.76
CA TRP D 67 -47.86 -3.18 -38.81
C TRP D 67 -49.08 -3.96 -38.36
N ASN D 68 -49.73 -4.60 -39.32
CA ASN D 68 -50.93 -5.40 -39.07
C ASN D 68 -50.53 -6.85 -38.84
N VAL D 69 -50.95 -7.41 -37.70
CA VAL D 69 -50.56 -8.77 -37.35
C VAL D 69 -51.22 -9.81 -38.25
N SER D 70 -52.39 -9.50 -38.81
CA SER D 70 -53.07 -10.46 -39.67
C SER D 70 -52.26 -10.71 -40.95
N GLU D 71 -51.65 -9.67 -41.51
CA GLU D 71 -50.84 -9.83 -42.70
C GLU D 71 -49.54 -10.59 -42.44
N TYR D 72 -49.04 -10.55 -41.20
CA TYR D 72 -47.82 -11.24 -40.81
C TYR D 72 -48.14 -12.09 -39.59
N PRO D 73 -48.80 -13.24 -39.79
CA PRO D 73 -49.33 -14.00 -38.65
C PRO D 73 -48.28 -14.71 -37.81
N GLY D 74 -47.00 -14.46 -38.07
CA GLY D 74 -45.97 -15.16 -37.34
C GLY D 74 -45.17 -14.29 -36.37
N VAL D 75 -45.21 -12.98 -36.56
CA VAL D 75 -44.38 -12.05 -35.79
C VAL D 75 -45.28 -11.12 -34.99
N LYS D 76 -44.90 -10.90 -33.73
CA LYS D 76 -45.59 -9.97 -32.85
C LYS D 76 -44.69 -8.85 -32.34
N THR D 77 -43.38 -9.08 -32.24
CA THR D 77 -42.43 -8.07 -31.79
C THR D 77 -41.20 -8.11 -32.70
N VAL D 78 -40.48 -6.98 -32.73
CA VAL D 78 -39.24 -6.87 -33.48
C VAL D 78 -38.17 -6.26 -32.59
N ARG D 79 -36.92 -6.41 -33.00
CA ARG D 79 -35.78 -5.90 -32.24
C ARG D 79 -34.83 -5.16 -33.17
N PHE D 80 -34.38 -3.99 -32.72
CA PHE D 80 -33.45 -3.19 -33.51
C PHE D 80 -32.22 -2.86 -32.70
N PRO D 81 -31.03 -2.90 -33.31
CA PRO D 81 -29.80 -2.61 -32.57
C PRO D 81 -29.55 -1.12 -32.41
N ASP D 82 -28.41 -0.78 -31.82
CA ASP D 82 -28.07 0.63 -31.60
C ASP D 82 -27.73 1.28 -32.93
N GLY D 83 -28.33 2.44 -33.19
CA GLY D 83 -28.03 3.22 -34.37
C GLY D 83 -28.96 3.02 -35.55
N GLN D 84 -30.07 2.31 -35.38
CA GLN D 84 -31.00 2.08 -36.47
C GLN D 84 -32.37 2.71 -36.28
N ILE D 85 -32.75 3.05 -35.05
CA ILE D 85 -34.01 3.72 -34.76
C ILE D 85 -33.75 4.83 -33.74
N TRP D 86 -34.72 5.72 -33.61
CA TRP D 86 -34.60 6.86 -32.72
C TRP D 86 -34.71 6.42 -31.27
N LYS D 87 -33.82 6.95 -30.42
CA LYS D 87 -33.85 6.71 -28.99
C LYS D 87 -33.72 8.03 -28.24
N PRO D 88 -34.35 8.16 -27.08
CA PRO D 88 -34.17 9.38 -26.28
C PRO D 88 -32.75 9.51 -25.76
N ASP D 89 -32.35 10.76 -25.55
CA ASP D 89 -30.98 11.09 -25.15
C ASP D 89 -30.90 11.43 -23.67
N ILE D 90 -31.65 10.75 -22.82
CA ILE D 90 -31.62 11.00 -21.38
C ILE D 90 -30.32 10.47 -20.80
N LEU D 91 -29.60 11.32 -20.07
CA LEU D 91 -28.36 10.86 -19.44
C LEU D 91 -28.18 11.56 -18.10
N LEU D 92 -27.34 10.94 -17.26
CA LEU D 92 -27.04 11.49 -15.94
C LEU D 92 -26.28 12.79 -16.07
N TYR D 93 -26.62 13.77 -15.24
CA TYR D 93 -25.99 15.08 -15.32
C TYR D 93 -24.66 15.14 -14.57
N ASN D 94 -24.62 14.61 -13.35
CA ASN D 94 -23.39 14.65 -12.55
C ASN D 94 -22.29 13.88 -13.24
N SER D 95 -22.45 12.56 -13.35
CA SER D 95 -21.62 11.68 -14.16
C SER D 95 -20.13 12.01 -14.04
N ALA D 96 -19.61 11.90 -12.82
CA ALA D 96 -18.19 12.10 -12.57
C ALA D 96 -17.40 10.88 -13.02
N ASP D 97 -17.51 10.59 -14.32
CA ASP D 97 -16.91 9.42 -14.94
C ASP D 97 -16.00 9.84 -16.08
N GLU D 98 -15.03 8.97 -16.39
CA GLU D 98 -14.09 9.26 -17.46
C GLU D 98 -14.78 9.29 -18.82
N ARG D 99 -15.59 8.26 -19.12
CA ARG D 99 -16.31 8.20 -20.38
C ARG D 99 -17.70 8.84 -20.31
N PHE D 100 -18.18 9.16 -19.11
CA PHE D 100 -19.35 10.01 -18.89
C PHE D 100 -20.67 9.33 -19.25
N ASP D 101 -20.64 8.14 -19.82
CA ASP D 101 -21.87 7.47 -20.23
C ASP D 101 -22.13 6.18 -19.44
N ALA D 102 -21.24 5.20 -19.53
CA ALA D 102 -21.37 3.92 -18.83
C ALA D 102 -22.79 3.35 -18.97
N THR D 103 -23.19 3.09 -20.20
CA THR D 103 -24.58 2.71 -20.44
C THR D 103 -24.76 1.37 -21.12
N PHE D 104 -23.86 1.00 -22.04
CA PHE D 104 -23.95 -0.28 -22.76
C PHE D 104 -25.30 -0.41 -23.48
N HIS D 105 -25.46 0.45 -24.49
CA HIS D 105 -26.69 0.47 -25.29
C HIS D 105 -27.01 -0.92 -25.83
N THR D 106 -28.12 -1.48 -25.38
CA THR D 106 -28.58 -2.79 -25.82
C THR D 106 -29.62 -2.63 -26.93
N ASN D 107 -30.26 -3.74 -27.29
CA ASN D 107 -31.27 -3.73 -28.33
C ASN D 107 -32.55 -3.06 -27.85
N VAL D 108 -33.37 -2.62 -28.80
CA VAL D 108 -34.65 -1.99 -28.53
C VAL D 108 -35.75 -2.90 -29.05
N LEU D 109 -36.73 -3.17 -28.20
CA LEU D 109 -37.82 -4.10 -28.51
C LEU D 109 -39.09 -3.31 -28.81
N VAL D 110 -39.74 -3.65 -29.93
CA VAL D 110 -40.90 -2.92 -30.42
C VAL D 110 -42.06 -3.90 -30.57
N ASN D 111 -43.22 -3.52 -30.04
CA ASN D 111 -44.42 -4.34 -30.19
C ASN D 111 -45.04 -4.10 -31.56
N SER D 112 -46.23 -4.66 -31.77
CA SER D 112 -46.92 -4.50 -33.05
C SER D 112 -47.70 -3.20 -33.14
N SER D 113 -47.73 -2.41 -32.07
CA SER D 113 -48.40 -1.11 -32.06
C SER D 113 -47.43 0.05 -31.93
N GLY D 114 -46.12 -0.22 -32.01
CA GLY D 114 -45.12 0.82 -31.93
C GLY D 114 -44.61 1.13 -30.54
N HIS D 115 -45.16 0.50 -29.50
CA HIS D 115 -44.74 0.77 -28.13
C HIS D 115 -43.33 0.23 -27.92
N CYS D 116 -42.37 1.13 -27.73
CA CYS D 116 -40.96 0.77 -27.62
C CYS D 116 -40.52 0.80 -26.16
N GLN D 117 -39.70 -0.19 -25.79
CA GLN D 117 -39.13 -0.31 -24.46
C GLN D 117 -37.62 -0.51 -24.59
N TYR D 118 -36.86 0.16 -23.74
CA TYR D 118 -35.40 0.14 -23.85
C TYR D 118 -34.81 0.32 -22.46
N LEU D 119 -34.09 -0.68 -21.97
CA LEU D 119 -33.49 -0.65 -20.63
C LEU D 119 -32.01 -1.01 -20.69
N PRO D 120 -31.11 -0.06 -20.53
CA PRO D 120 -29.68 -0.38 -20.51
C PRO D 120 -29.17 -0.55 -19.09
N PRO D 121 -28.34 -1.55 -18.83
CA PRO D 121 -27.70 -1.69 -17.53
C PRO D 121 -26.34 -1.02 -17.48
N GLY D 122 -25.92 -0.63 -16.27
CA GLY D 122 -24.62 -0.01 -16.17
C GLY D 122 -24.17 0.18 -14.74
N ILE D 123 -22.93 0.64 -14.61
CA ILE D 123 -22.33 1.03 -13.34
C ILE D 123 -22.13 2.54 -13.38
N PHE D 124 -22.80 3.26 -12.48
CA PHE D 124 -22.82 4.70 -12.49
C PHE D 124 -21.97 5.27 -11.36
N LYS D 125 -21.15 6.26 -11.69
CA LYS D 125 -20.30 6.97 -10.74
C LYS D 125 -20.81 8.41 -10.63
N SER D 126 -21.66 8.67 -9.66
CA SER D 126 -22.20 9.99 -9.42
C SER D 126 -21.29 10.78 -8.49
N SER D 127 -21.51 12.08 -8.43
CA SER D 127 -20.72 12.99 -7.61
C SER D 127 -21.63 13.67 -6.59
N CYS D 128 -21.48 13.31 -5.32
CA CYS D 128 -22.26 13.91 -4.25
C CYS D 128 -21.34 14.29 -3.09
N TYR D 129 -21.74 15.33 -2.37
CA TYR D 129 -20.95 15.82 -1.23
C TYR D 129 -21.14 14.90 -0.03
N ILE D 130 -20.04 14.59 0.65
CA ILE D 130 -20.05 13.65 1.77
C ILE D 130 -19.63 14.42 3.02
N ASP D 131 -20.48 14.39 4.04
CA ASP D 131 -20.21 15.04 5.32
C ASP D 131 -19.75 13.99 6.31
N VAL D 132 -18.61 14.24 6.95
CA VAL D 132 -17.98 13.25 7.81
C VAL D 132 -17.70 13.84 9.19
N ARG D 133 -18.54 14.80 9.60
CA ARG D 133 -18.37 15.42 10.91
C ARG D 133 -18.49 14.39 12.03
N TRP D 134 -19.47 13.49 11.93
CA TRP D 134 -19.61 12.36 12.85
C TRP D 134 -19.24 11.11 12.06
N PHE D 135 -17.96 10.76 12.05
CA PHE D 135 -17.47 9.72 11.16
C PHE D 135 -18.10 8.36 11.39
N PRO D 136 -18.14 7.80 12.62
CA PRO D 136 -18.70 6.45 12.77
C PRO D 136 -20.21 6.44 12.60
N PHE D 137 -20.90 7.37 13.26
CA PHE D 137 -22.36 7.47 13.20
C PHE D 137 -22.70 8.49 12.10
N ASP D 138 -22.81 8.00 10.87
CA ASP D 138 -22.95 8.86 9.71
C ASP D 138 -24.19 8.46 8.91
N VAL D 139 -24.88 9.47 8.39
CA VAL D 139 -26.02 9.29 7.48
C VAL D 139 -25.79 10.16 6.26
N GLN D 140 -25.92 9.59 5.07
CA GLN D 140 -25.60 10.30 3.83
C GLN D 140 -26.80 10.33 2.90
N HIS D 141 -26.93 11.45 2.17
CA HIS D 141 -27.94 11.64 1.14
C HIS D 141 -27.22 12.03 -0.15
N CYS D 142 -27.33 11.20 -1.17
CA CYS D 142 -26.74 11.50 -2.47
C CYS D 142 -27.83 11.55 -3.53
N LYS D 143 -27.54 12.24 -4.63
CA LYS D 143 -28.55 12.52 -5.65
C LYS D 143 -28.12 11.97 -7.00
N LEU D 144 -29.11 11.52 -7.78
CA LEU D 144 -28.92 11.10 -9.16
C LEU D 144 -29.90 11.88 -10.02
N LYS D 145 -29.39 12.73 -10.90
CA LYS D 145 -30.19 13.70 -11.63
C LYS D 145 -30.18 13.35 -13.12
N PHE D 146 -31.32 12.92 -13.65
CA PHE D 146 -31.45 12.50 -15.03
C PHE D 146 -32.29 13.49 -15.81
N GLY D 147 -31.95 13.66 -17.08
CA GLY D 147 -32.68 14.57 -17.96
C GLY D 147 -32.15 14.45 -19.37
N SER D 148 -32.84 15.14 -20.27
CA SER D 148 -32.51 15.15 -21.69
C SER D 148 -31.50 16.25 -22.00
N TRP D 149 -30.54 15.92 -22.86
CA TRP D 149 -29.44 16.85 -23.12
C TRP D 149 -29.89 18.02 -23.99
N SER D 150 -30.67 17.76 -25.04
CA SER D 150 -30.96 18.81 -26.01
C SER D 150 -32.43 18.85 -26.44
N TYR D 151 -33.35 18.41 -25.60
CA TYR D 151 -34.79 18.45 -25.89
C TYR D 151 -35.50 19.26 -24.82
N GLY D 152 -36.41 20.12 -25.25
CA GLY D 152 -37.16 20.95 -24.33
C GLY D 152 -38.36 20.23 -23.73
N GLY D 153 -39.25 21.02 -23.15
CA GLY D 153 -40.45 20.46 -22.55
C GLY D 153 -41.62 20.34 -23.48
N TRP D 154 -41.58 21.01 -24.63
CA TRP D 154 -42.62 20.91 -25.64
C TRP D 154 -42.29 19.89 -26.73
N SER D 155 -41.16 19.19 -26.61
CA SER D 155 -40.77 18.16 -27.55
C SER D 155 -40.63 16.79 -26.89
N LEU D 156 -40.00 16.73 -25.73
CA LEU D 156 -39.80 15.46 -25.01
C LEU D 156 -39.99 15.75 -23.53
N ASP D 157 -41.18 15.47 -23.01
CA ASP D 157 -41.51 15.72 -21.61
C ASP D 157 -41.30 14.44 -20.81
N LEU D 158 -40.43 14.51 -19.81
CA LEU D 158 -40.14 13.35 -18.97
C LEU D 158 -41.31 13.05 -18.04
N GLN D 159 -41.50 11.77 -17.76
CA GLN D 159 -42.45 11.31 -16.75
C GLN D 159 -41.74 10.35 -15.81
N MET D 160 -42.18 10.33 -14.55
CA MET D 160 -41.50 9.60 -13.51
C MET D 160 -42.31 8.39 -13.06
N GLN D 161 -41.61 7.32 -12.71
CA GLN D 161 -42.21 6.13 -12.11
C GLN D 161 -41.35 5.71 -10.92
N GLU D 162 -41.97 5.00 -9.99
CA GLU D 162 -41.28 4.61 -8.77
C GLU D 162 -40.12 3.66 -9.08
N ALA D 163 -39.09 3.72 -8.26
CA ALA D 163 -37.91 2.88 -8.44
C ALA D 163 -38.25 1.45 -8.03
N ASP D 164 -37.25 0.56 -8.09
CA ASP D 164 -37.46 -0.85 -7.80
C ASP D 164 -36.28 -1.33 -6.96
N ILE D 165 -36.52 -1.60 -5.68
CA ILE D 165 -35.46 -2.06 -4.79
C ILE D 165 -35.45 -3.56 -4.60
N SER D 166 -36.22 -4.32 -5.40
CA SER D 166 -36.17 -5.77 -5.34
C SER D 166 -34.83 -6.27 -5.82
N GLY D 167 -34.28 -7.26 -5.12
CA GLY D 167 -32.95 -7.75 -5.43
C GLY D 167 -31.89 -6.70 -5.17
N TYR D 168 -31.67 -6.37 -3.91
CA TYR D 168 -30.77 -5.28 -3.56
C TYR D 168 -29.37 -5.75 -3.20
N ILE D 169 -29.21 -7.01 -2.76
CA ILE D 169 -27.90 -7.56 -2.38
C ILE D 169 -27.23 -6.63 -1.37
N PRO D 170 -27.67 -6.65 -0.10
CA PRO D 170 -27.21 -5.63 0.86
C PRO D 170 -25.69 -5.56 0.96
N ASN D 171 -25.18 -4.33 1.06
CA ASN D 171 -23.74 -4.08 0.97
C ASN D 171 -22.97 -4.75 2.09
N GLY D 172 -23.49 -4.66 3.32
CA GLY D 172 -22.78 -5.13 4.49
C GLY D 172 -21.96 -4.07 5.19
N GLU D 173 -21.85 -2.87 4.62
CA GLU D 173 -21.19 -1.74 5.25
C GLU D 173 -22.07 -0.51 5.34
N TRP D 174 -22.91 -0.27 4.33
CA TRP D 174 -23.86 0.84 4.34
C TRP D 174 -25.27 0.28 4.38
N ASP D 175 -26.07 0.75 5.33
CA ASP D 175 -27.44 0.32 5.49
C ASP D 175 -28.35 1.27 4.72
N LEU D 176 -28.96 0.78 3.64
CA LEU D 176 -29.80 1.62 2.81
C LEU D 176 -31.07 2.01 3.56
N VAL D 177 -31.38 3.30 3.56
CA VAL D 177 -32.60 3.79 4.20
C VAL D 177 -33.72 3.98 3.18
N GLY D 178 -33.43 4.59 2.04
CA GLY D 178 -34.49 4.78 1.05
C GLY D 178 -33.95 5.39 -0.23
N ILE D 179 -34.86 5.51 -1.19
CA ILE D 179 -34.55 6.12 -2.49
C ILE D 179 -35.83 6.65 -3.12
N PRO D 180 -36.29 7.84 -2.74
CA PRO D 180 -37.45 8.44 -3.39
C PRO D 180 -37.07 9.36 -4.55
N GLY D 181 -38.01 9.52 -5.48
CA GLY D 181 -37.81 10.31 -6.66
C GLY D 181 -38.71 11.55 -6.69
N LYS D 182 -38.35 12.47 -7.58
CA LYS D 182 -39.08 13.73 -7.71
C LYS D 182 -38.81 14.32 -9.09
N ARG D 183 -39.85 14.87 -9.70
CA ARG D 183 -39.77 15.49 -11.02
C ARG D 183 -39.94 17.00 -10.88
N SER D 184 -39.08 17.75 -11.57
CA SER D 184 -39.07 19.20 -11.45
C SER D 184 -38.98 19.83 -12.83
N GLU D 185 -39.41 21.09 -12.92
CA GLU D 185 -39.36 21.88 -14.16
C GLU D 185 -38.56 23.15 -13.88
N ARG D 186 -37.73 23.55 -14.84
CA ARG D 186 -36.87 24.73 -14.70
C ARG D 186 -37.13 25.66 -15.89
N PHE D 187 -37.81 26.77 -15.63
CA PHE D 187 -38.06 27.77 -16.68
C PHE D 187 -36.83 28.66 -16.88
N TYR D 188 -36.73 29.21 -18.08
CA TYR D 188 -35.69 30.16 -18.42
C TYR D 188 -36.34 31.41 -19.02
N GLU D 189 -35.73 32.57 -18.75
CA GLU D 189 -36.33 33.84 -19.14
C GLU D 189 -35.84 34.22 -20.53
N CYS D 190 -35.92 33.27 -21.46
CA CYS D 190 -35.71 33.57 -22.86
C CYS D 190 -36.67 32.77 -23.74
N CYS D 191 -37.29 31.74 -23.19
CA CYS D 191 -38.09 30.80 -23.97
C CYS D 191 -39.49 30.59 -23.43
N LYS D 192 -39.68 30.68 -22.12
CA LYS D 192 -40.99 30.46 -21.48
C LYS D 192 -41.50 29.05 -21.71
N GLU D 193 -40.60 28.06 -21.73
CA GLU D 193 -40.99 26.66 -21.80
C GLU D 193 -40.24 25.87 -20.75
N PRO D 194 -40.85 24.82 -20.20
CA PRO D 194 -40.20 24.05 -19.13
C PRO D 194 -39.14 23.12 -19.67
N TYR D 195 -38.24 22.72 -18.75
CA TYR D 195 -37.18 21.75 -19.04
C TYR D 195 -37.17 20.72 -17.92
N PRO D 196 -38.06 19.72 -17.99
CA PRO D 196 -38.21 18.79 -16.86
C PRO D 196 -37.01 17.90 -16.65
N ASP D 197 -36.84 17.48 -15.39
CA ASP D 197 -35.80 16.55 -15.00
C ASP D 197 -36.30 15.70 -13.84
N VAL D 198 -35.65 14.56 -13.64
CA VAL D 198 -36.07 13.59 -12.63
C VAL D 198 -34.88 13.27 -11.74
N THR D 199 -35.04 13.43 -10.44
CA THR D 199 -33.96 13.21 -9.48
C THR D 199 -34.37 12.15 -8.46
N PHE D 200 -33.46 11.22 -8.19
CA PHE D 200 -33.63 10.18 -7.18
C PHE D 200 -32.62 10.40 -6.06
N THR D 201 -33.09 10.37 -4.82
CA THR D 201 -32.25 10.66 -3.66
C THR D 201 -32.02 9.38 -2.87
N VAL D 202 -30.80 8.87 -2.94
CA VAL D 202 -30.42 7.68 -2.16
C VAL D 202 -29.98 8.14 -0.77
N THR D 203 -30.69 7.67 0.25
CA THR D 203 -30.37 7.95 1.65
C THR D 203 -29.93 6.66 2.30
N MET D 204 -28.75 6.68 2.92
CA MET D 204 -28.15 5.49 3.52
C MET D 204 -27.50 5.84 4.84
N ARG D 205 -27.25 4.81 5.65
CA ARG D 205 -26.69 4.95 6.98
C ARG D 205 -25.52 3.99 7.17
N ARG D 206 -24.46 4.46 7.83
CA ARG D 206 -23.26 3.66 8.05
C ARG D 206 -23.46 2.71 9.22
N ARG D 207 -22.91 1.50 9.07
CA ARG D 207 -22.97 0.49 10.13
C ARG D 207 -21.72 0.62 11.01
N THR D 208 -21.93 0.60 12.34
CA THR D 208 -20.89 0.91 13.30
C THR D 208 -20.56 -0.29 14.20
N LEU D 209 -20.44 -1.48 13.61
CA LEU D 209 -20.05 -2.66 14.37
C LEU D 209 -18.56 -2.94 14.27
N TYR D 210 -17.98 -2.80 13.08
CA TYR D 210 -16.54 -3.01 12.92
C TYR D 210 -15.74 -1.98 13.71
N TYR D 211 -16.15 -0.72 13.66
CA TYR D 211 -15.40 0.34 14.33
C TYR D 211 -15.51 0.22 15.85
N GLY D 212 -16.67 -0.21 16.35
CA GLY D 212 -16.85 -0.34 17.78
C GLY D 212 -16.13 -1.51 18.41
N LEU D 213 -15.68 -2.47 17.60
CA LEU D 213 -14.98 -3.65 18.09
C LEU D 213 -13.49 -3.62 17.79
N ASN D 214 -13.08 -3.13 16.62
CA ASN D 214 -11.68 -3.17 16.22
C ASN D 214 -10.92 -1.89 16.53
N LEU D 215 -11.61 -0.82 16.92
CA LEU D 215 -10.95 0.45 17.20
C LEU D 215 -11.18 0.92 18.63
N LEU D 216 -12.41 0.82 19.13
CA LEU D 216 -12.73 1.38 20.44
C LEU D 216 -12.17 0.52 21.56
N ILE D 217 -12.66 -0.72 21.69
CA ILE D 217 -12.32 -1.58 22.81
C ILE D 217 -10.81 -1.75 22.90
N PRO D 218 -10.10 -1.91 21.78
CA PRO D 218 -8.63 -1.82 21.82
C PRO D 218 -8.08 -0.68 22.66
N CYS D 219 -8.64 0.52 22.50
CA CYS D 219 -8.09 1.72 23.11
C CYS D 219 -8.71 2.05 24.46
N VAL D 220 -9.64 1.23 24.95
CA VAL D 220 -10.12 1.32 26.32
C VAL D 220 -9.40 0.34 27.24
N LEU D 221 -8.75 -0.67 26.66
CA LEU D 221 -7.88 -1.56 27.40
C LEU D 221 -6.48 -0.97 27.56
N ILE D 222 -6.15 0.08 26.82
CA ILE D 222 -4.87 0.76 26.98
C ILE D 222 -5.01 2.05 27.77
N SER D 223 -6.10 2.80 27.60
CA SER D 223 -6.31 3.99 28.40
C SER D 223 -6.46 3.65 29.88
N ALA D 224 -7.16 2.56 30.19
CA ALA D 224 -7.31 2.11 31.57
C ALA D 224 -6.10 1.32 32.07
N LEU D 225 -5.21 0.89 31.18
CA LEU D 225 -4.01 0.19 31.61
C LEU D 225 -2.98 1.14 32.20
N ALA D 226 -3.02 2.42 31.79
CA ALA D 226 -2.07 3.39 32.34
C ALA D 226 -2.32 3.66 33.82
N LEU D 227 -3.59 3.69 34.24
CA LEU D 227 -3.93 4.03 35.61
C LEU D 227 -3.30 3.09 36.63
N LEU D 228 -2.92 1.88 36.22
CA LEU D 228 -2.25 0.96 37.13
C LEU D 228 -0.96 1.52 37.69
N VAL D 229 -0.36 2.52 37.03
CA VAL D 229 0.86 3.12 37.55
C VAL D 229 0.61 3.80 38.89
N PHE D 230 -0.65 4.11 39.20
CA PHE D 230 -1.01 4.72 40.46
C PHE D 230 -1.32 3.71 41.55
N LEU D 231 -1.25 2.41 41.23
CA LEU D 231 -1.45 1.35 42.21
C LEU D 231 -0.19 0.50 42.39
N LEU D 232 0.94 0.95 41.86
CA LEU D 232 2.18 0.21 41.90
C LEU D 232 3.13 0.86 42.90
N PRO D 233 3.60 0.15 43.92
CA PRO D 233 4.48 0.77 44.92
C PRO D 233 5.77 1.28 44.28
N ALA D 234 6.24 2.42 44.77
CA ALA D 234 7.43 3.06 44.22
C ALA D 234 8.72 2.37 44.64
N ASP D 235 8.67 1.45 45.60
CA ASP D 235 9.88 0.74 46.00
C ASP D 235 10.42 -0.10 44.85
N SER D 236 9.54 -0.73 44.08
CA SER D 236 9.98 -1.44 42.88
C SER D 236 10.51 -0.44 41.85
N GLY D 237 11.63 -0.78 41.22
CA GLY D 237 12.25 0.13 40.29
C GLY D 237 11.64 0.10 38.91
N GLU D 238 10.31 -0.04 38.84
CA GLU D 238 9.57 -0.01 37.57
C GLU D 238 8.30 0.81 37.78
N LYS D 239 8.39 2.11 37.49
CA LYS D 239 7.20 2.96 37.55
C LYS D 239 7.09 3.79 36.27
N ILE D 240 8.23 4.14 35.67
CA ILE D 240 8.26 4.73 34.34
C ILE D 240 8.45 3.67 33.27
N SER D 241 9.03 2.51 33.63
CA SER D 241 9.09 1.38 32.71
C SER D 241 7.71 0.86 32.35
N LEU D 242 6.69 1.21 33.12
CA LEU D 242 5.29 0.91 32.82
C LEU D 242 4.55 2.13 32.27
N GLY D 243 4.86 3.32 32.79
CA GLY D 243 4.18 4.51 32.32
C GLY D 243 4.55 4.87 30.89
N ILE D 244 5.83 4.73 30.52
CA ILE D 244 6.29 5.11 29.20
C ILE D 244 6.12 4.01 28.17
N THR D 245 5.89 2.77 28.58
CA THR D 245 5.64 1.69 27.63
C THR D 245 4.19 1.63 27.17
N VAL D 246 3.23 2.07 28.00
CA VAL D 246 1.85 2.19 27.56
C VAL D 246 1.68 3.28 26.51
N LEU D 247 2.41 4.38 26.61
CA LEU D 247 2.36 5.43 25.61
C LEU D 247 2.99 4.98 24.29
N LEU D 248 4.09 4.24 24.32
CA LEU D 248 4.68 3.71 23.11
C LEU D 248 3.82 2.61 22.49
N SER D 249 3.15 1.80 23.33
CA SER D 249 2.25 0.77 22.85
C SER D 249 0.97 1.35 22.25
N LEU D 250 0.67 2.62 22.48
CA LEU D 250 -0.45 3.29 21.87
C LEU D 250 -0.05 4.19 20.71
N THR D 251 1.20 4.65 20.67
CA THR D 251 1.71 5.35 19.50
C THR D 251 1.77 4.42 18.30
N VAL D 252 2.09 3.14 18.51
CA VAL D 252 2.06 2.15 17.44
C VAL D 252 0.64 1.73 17.10
N PHE D 253 -0.34 2.03 17.96
CA PHE D 253 -1.74 1.76 17.67
C PHE D 253 -2.35 2.76 16.70
N MET D 254 -1.73 3.93 16.54
CA MET D 254 -2.20 4.94 15.61
C MET D 254 -1.75 4.67 14.17
N LEU D 255 -0.94 3.63 13.96
CA LEU D 255 -0.57 3.20 12.62
C LEU D 255 -1.70 2.47 11.92
N LEU D 256 -2.54 1.74 12.66
CA LEU D 256 -3.70 1.06 12.10
C LEU D 256 -4.97 1.90 12.25
N VAL D 257 -4.87 3.12 12.77
CA VAL D 257 -5.99 4.03 12.90
C VAL D 257 -5.93 5.04 11.76
N ALA D 258 -4.71 5.46 11.40
CA ALA D 258 -4.54 6.44 10.33
C ALA D 258 -4.99 5.90 8.97
N GLU D 259 -5.12 4.59 8.84
CA GLU D 259 -5.60 3.97 7.60
C GLU D 259 -7.11 3.87 7.55
N ILE D 260 -7.81 4.39 8.56
CA ILE D 260 -9.27 4.36 8.61
C ILE D 260 -9.86 5.77 8.61
N MET D 261 -9.27 6.69 9.36
CA MET D 261 -9.83 8.03 9.47
C MET D 261 -9.74 8.76 8.13
N PRO D 262 -10.70 9.65 7.85
CA PRO D 262 -10.67 10.41 6.60
C PRO D 262 -9.64 11.53 6.65
N ALA D 263 -9.28 12.00 5.46
CA ALA D 263 -8.27 13.04 5.31
C ALA D 263 -8.88 14.41 5.00
N THR D 264 -10.19 14.56 5.13
CA THR D 264 -10.83 15.84 4.85
C THR D 264 -10.49 16.86 5.94
N SER D 265 -10.27 18.10 5.53
CA SER D 265 -9.95 19.19 6.43
C SER D 265 -11.13 20.12 6.68
N ASP D 266 -12.34 19.72 6.28
CA ASP D 266 -13.50 20.59 6.45
C ASP D 266 -13.94 20.63 7.91
N SER D 267 -13.91 19.50 8.61
CA SER D 267 -14.36 19.43 9.98
C SER D 267 -13.56 18.37 10.72
N VAL D 268 -13.74 18.33 12.04
CA VAL D 268 -13.01 17.42 12.91
C VAL D 268 -13.92 16.23 13.22
N PRO D 269 -13.56 15.02 12.78
CA PRO D 269 -14.39 13.85 13.10
C PRO D 269 -14.43 13.57 14.59
N LEU D 270 -15.53 12.94 15.02
CA LEU D 270 -15.70 12.61 16.43
C LEU D 270 -14.63 11.65 16.93
N ILE D 271 -14.32 10.62 16.12
CA ILE D 271 -13.31 9.64 16.53
C ILE D 271 -11.94 10.31 16.64
N ALA D 272 -11.68 11.34 15.83
CA ALA D 272 -10.39 12.03 15.89
C ALA D 272 -10.21 12.73 17.23
N GLN D 273 -11.25 13.44 17.69
CA GLN D 273 -11.13 14.13 18.97
C GLN D 273 -11.16 13.15 20.14
N TYR D 274 -11.87 12.03 19.99
CA TYR D 274 -11.82 10.99 21.02
C TYR D 274 -10.40 10.45 21.16
N PHE D 275 -9.75 10.14 20.04
CA PHE D 275 -8.38 9.63 20.10
C PHE D 275 -7.41 10.70 20.60
N ALA D 276 -7.67 11.97 20.26
CA ALA D 276 -6.84 13.05 20.79
C ALA D 276 -6.97 13.16 22.31
N SER D 277 -8.19 13.02 22.83
CA SER D 277 -8.39 13.04 24.27
C SER D 277 -7.67 11.88 24.94
N THR D 278 -7.75 10.68 24.34
CA THR D 278 -7.03 9.54 24.90
C THR D 278 -5.52 9.80 24.89
N MET D 279 -4.99 10.31 23.78
CA MET D 279 -3.58 10.68 23.72
C MET D 279 -3.19 11.65 24.83
N ILE D 280 -3.97 12.71 24.99
CA ILE D 280 -3.62 13.74 25.97
C ILE D 280 -3.65 13.17 27.38
N ILE D 281 -4.65 12.35 27.69
CA ILE D 281 -4.76 11.78 29.03
C ILE D 281 -3.59 10.83 29.32
N VAL D 282 -3.26 9.98 28.34
CA VAL D 282 -2.16 9.04 28.55
C VAL D 282 -0.83 9.77 28.67
N GLY D 283 -0.65 10.83 27.88
CA GLY D 283 0.57 11.61 27.99
C GLY D 283 0.69 12.35 29.30
N LEU D 284 -0.42 12.89 29.79
CA LEU D 284 -0.40 13.63 31.05
C LEU D 284 -0.28 12.70 32.25
N SER D 285 -0.63 11.43 32.11
CA SER D 285 -0.45 10.49 33.21
C SER D 285 1.02 10.29 33.54
N VAL D 286 1.91 10.51 32.57
CA VAL D 286 3.35 10.35 32.81
C VAL D 286 3.96 11.58 33.46
N VAL D 287 3.36 12.76 33.29
CA VAL D 287 3.88 13.96 33.95
C VAL D 287 3.73 13.85 35.45
N VAL D 288 2.58 13.35 35.92
CA VAL D 288 2.31 13.28 37.35
C VAL D 288 3.25 12.32 38.06
N THR D 289 3.52 11.14 37.50
CA THR D 289 4.32 10.12 38.17
C THR D 289 5.78 10.52 38.31
N VAL D 290 6.18 11.68 37.79
CA VAL D 290 7.50 12.25 38.06
C VAL D 290 7.49 13.18 39.26
N ILE D 291 6.36 13.79 39.58
CA ILE D 291 6.22 14.62 40.77
C ILE D 291 5.90 13.78 42.00
N VAL D 292 5.85 12.46 41.85
CA VAL D 292 5.60 11.56 42.98
C VAL D 292 6.94 10.97 43.41
N LEU D 293 7.76 10.58 42.45
CA LEU D 293 9.10 10.09 42.75
C LEU D 293 10.03 11.18 43.25
N GLN D 294 9.72 12.45 42.96
CA GLN D 294 10.46 13.54 43.58
C GLN D 294 10.17 13.62 45.07
N TYR D 295 8.95 13.27 45.46
CA TYR D 295 8.59 13.25 46.88
C TYR D 295 9.18 12.03 47.59
N HIS D 296 9.25 10.89 46.89
CA HIS D 296 9.73 9.66 47.47
C HIS D 296 11.25 9.64 47.65
N HIS D 297 11.99 10.25 46.74
CA HIS D 297 13.45 10.23 46.75
C HIS D 297 14.03 11.54 47.27
N HIS D 298 13.34 12.17 48.21
CA HIS D 298 13.82 13.44 48.77
C HIS D 298 14.99 13.21 49.71
N ASP D 299 15.95 14.13 49.68
CA ASP D 299 17.11 14.03 50.54
C ASP D 299 16.70 14.27 52.00
N PRO D 300 17.14 13.42 52.93
CA PRO D 300 16.76 13.63 54.34
C PRO D 300 17.19 14.97 54.90
N ASP D 301 18.35 15.49 54.49
CA ASP D 301 18.90 16.72 55.04
C ASP D 301 19.07 17.78 53.94
N GLY D 302 18.05 17.93 53.11
CA GLY D 302 18.10 18.91 52.05
C GLY D 302 16.78 19.62 51.81
N GLY D 303 15.88 19.55 52.79
CA GLY D 303 14.57 20.17 52.68
C GLY D 303 14.05 20.55 54.05
N LYS D 304 12.83 21.09 54.05
CA LYS D 304 12.22 21.53 55.31
C LYS D 304 10.77 21.10 55.49
N MET D 305 10.13 20.48 54.48
CA MET D 305 8.73 20.07 54.56
C MET D 305 7.85 21.27 54.86
N PRO D 306 7.63 22.17 53.88
CA PRO D 306 6.82 23.38 54.12
C PRO D 306 5.51 23.11 54.86
N LYS D 307 5.05 24.10 55.63
CA LYS D 307 3.86 23.92 56.45
C LYS D 307 2.63 23.64 55.59
N TRP D 308 2.50 24.33 54.46
CA TRP D 308 1.36 24.10 53.58
C TRP D 308 1.35 22.66 53.05
N THR D 309 2.53 22.14 52.69
CA THR D 309 2.61 20.75 52.25
C THR D 309 2.20 19.79 53.36
N ARG D 310 2.58 20.08 54.60
CA ARG D 310 2.22 19.23 55.72
C ARG D 310 0.73 19.27 56.05
N VAL D 311 0.09 20.43 55.90
CA VAL D 311 -1.33 20.54 56.20
C VAL D 311 -2.19 19.95 55.09
N ILE D 312 -1.91 20.31 53.83
CA ILE D 312 -2.75 19.84 52.73
C ILE D 312 -2.57 18.33 52.52
N LEU D 313 -1.32 17.87 52.49
CA LEU D 313 -1.00 16.52 52.03
C LEU D 313 -0.95 15.49 53.15
N LEU D 314 -1.13 15.89 54.40
CA LEU D 314 -1.05 14.95 55.52
C LEU D 314 -2.20 15.08 56.52
N ASN D 315 -2.99 16.15 56.47
CA ASN D 315 -4.10 16.33 57.41
C ASN D 315 -5.45 16.33 56.71
N TRP D 316 -5.63 17.14 55.67
CA TRP D 316 -6.93 17.23 55.01
C TRP D 316 -7.10 16.10 54.01
N CYS D 317 -6.24 16.03 52.99
CA CYS D 317 -6.33 15.03 51.95
C CYS D 317 -5.99 13.63 52.45
N ALA D 318 -5.35 13.51 53.62
CA ALA D 318 -5.07 12.21 54.21
C ALA D 318 -6.18 11.70 55.09
N TRP D 319 -7.19 12.52 55.37
CA TRP D 319 -8.36 12.09 56.14
C TRP D 319 -9.57 11.79 55.25
N PHE D 320 -9.65 12.44 54.09
CA PHE D 320 -10.69 12.08 53.11
C PHE D 320 -10.53 10.63 52.67
N LEU D 321 -9.29 10.21 52.42
CA LEU D 321 -9.01 8.92 51.83
C LEU D 321 -8.94 7.79 52.85
N ARG D 322 -8.94 8.11 54.14
CA ARG D 322 -8.80 7.11 55.21
C ARG D 322 -7.55 6.27 55.01
N MET D 323 -6.40 6.95 55.03
CA MET D 323 -5.11 6.32 54.80
C MET D 323 -4.35 5.99 56.08
N LYS D 324 -4.26 6.94 57.01
CA LYS D 324 -3.56 6.75 58.28
C LYS D 324 -2.11 6.32 58.06
N ASP D 410 42.73 2.49 79.53
CA ASP D 410 41.76 2.81 80.56
C ASP D 410 40.33 2.57 80.07
N LEU D 411 39.36 3.00 80.86
CA LEU D 411 37.94 2.82 80.53
C LEU D 411 37.35 4.00 79.78
N ALA D 412 37.92 5.20 79.95
CA ALA D 412 37.32 6.40 79.37
C ALA D 412 37.29 6.34 77.85
N LYS D 413 38.38 5.89 77.23
CA LYS D 413 38.43 5.83 75.77
C LYS D 413 37.45 4.80 75.22
N ILE D 414 37.34 3.63 75.88
CA ILE D 414 36.37 2.63 75.45
C ILE D 414 34.96 3.20 75.54
N LEU D 415 34.64 3.87 76.65
CA LEU D 415 33.33 4.48 76.81
C LEU D 415 33.06 5.50 75.72
N GLU D 416 34.06 6.34 75.41
CA GLU D 416 33.89 7.36 74.39
C GLU D 416 33.61 6.74 73.03
N GLU D 417 34.34 5.67 72.68
CA GLU D 417 34.14 5.03 71.38
C GLU D 417 32.75 4.41 71.28
N VAL D 418 32.32 3.69 72.31
CA VAL D 418 30.99 3.07 72.25
C VAL D 418 29.91 4.14 72.20
N ARG D 419 30.09 5.24 72.92
CA ARG D 419 29.14 6.35 72.87
C ARG D 419 29.08 6.95 71.48
N TYR D 420 30.23 7.07 70.81
CA TYR D 420 30.27 7.55 69.43
C TYR D 420 29.43 6.65 68.51
N ILE D 421 29.60 5.33 68.65
CA ILE D 421 28.84 4.40 67.80
C ILE D 421 27.34 4.58 68.06
N ALA D 422 26.96 4.68 69.34
CA ALA D 422 25.55 4.85 69.67
C ALA D 422 24.98 6.12 69.06
N ASN D 423 25.73 7.23 69.15
CA ASN D 423 25.25 8.48 68.58
C ASN D 423 25.07 8.39 67.08
N ARG D 424 26.01 7.71 66.40
CA ARG D 424 25.88 7.48 64.96
C ARG D 424 24.57 6.75 64.66
N PHE D 425 24.27 5.70 65.42
CA PHE D 425 23.06 4.93 65.18
C PHE D 425 21.80 5.79 65.38
N ARG D 426 21.80 6.62 66.43
CA ARG D 426 20.64 7.48 66.67
C ARG D 426 20.44 8.48 65.53
N CYS D 427 21.52 9.05 65.01
CA CYS D 427 21.39 9.97 63.89
C CYS D 427 20.80 9.27 62.66
N GLN D 428 21.26 8.04 62.39
CA GLN D 428 20.70 7.29 61.27
C GLN D 428 19.20 7.05 61.47
N ASP D 429 18.80 6.74 62.69
CA ASP D 429 17.38 6.53 62.96
C ASP D 429 16.56 7.78 62.68
N GLU D 430 17.05 8.95 63.09
CA GLU D 430 16.32 10.19 62.84
C GLU D 430 16.18 10.45 61.34
N SER D 431 17.27 10.23 60.58
CA SER D 431 17.19 10.41 59.13
C SER D 431 16.16 9.47 58.51
N GLU D 432 16.12 8.22 58.99
CA GLU D 432 15.15 7.27 58.46
C GLU D 432 13.72 7.73 58.74
N ALA D 433 13.48 8.28 59.92
CA ALA D 433 12.14 8.78 60.25
C ALA D 433 11.71 9.89 59.29
N VAL D 434 12.62 10.83 59.01
CA VAL D 434 12.30 11.91 58.09
C VAL D 434 11.96 11.35 56.70
N CYS D 435 12.78 10.40 56.23
CA CYS D 435 12.51 9.78 54.94
C CYS D 435 11.13 9.10 54.93
N SER D 436 10.76 8.45 56.03
CA SER D 436 9.46 7.79 56.11
C SER D 436 8.32 8.79 55.97
N GLU D 437 8.45 9.95 56.62
CA GLU D 437 7.44 10.99 56.46
C GLU D 437 7.29 11.40 54.99
N TRP D 438 8.42 11.61 54.32
CA TRP D 438 8.35 12.00 52.90
C TRP D 438 7.68 10.92 52.05
N LYS D 439 8.00 9.64 52.32
CA LYS D 439 7.38 8.57 51.56
C LYS D 439 5.86 8.52 51.77
N PHE D 440 5.42 8.75 53.01
CA PHE D 440 3.97 8.79 53.24
C PHE D 440 3.31 9.92 52.45
N ALA D 441 3.97 11.09 52.40
CA ALA D 441 3.43 12.17 51.59
C ALA D 441 3.31 11.75 50.13
N ALA D 442 4.32 11.03 49.63
CA ALA D 442 4.28 10.56 48.25
C ALA D 442 3.10 9.61 48.00
N CYS D 443 2.86 8.70 48.94
CA CYS D 443 1.73 7.78 48.79
C CYS D 443 0.39 8.52 48.77
N VAL D 444 0.26 9.55 49.62
CA VAL D 444 -0.97 10.34 49.63
C VAL D 444 -1.17 11.01 48.29
N VAL D 445 -0.09 11.56 47.73
CA VAL D 445 -0.18 12.19 46.39
C VAL D 445 -0.60 11.16 45.35
N ASP D 446 -0.06 9.94 45.45
CA ASP D 446 -0.40 8.90 44.49
C ASP D 446 -1.89 8.57 44.52
N ARG D 447 -2.46 8.41 45.72
CA ARG D 447 -3.89 8.11 45.77
C ARG D 447 -4.74 9.29 45.31
N LEU D 448 -4.34 10.52 45.65
CA LEU D 448 -5.09 11.69 45.18
C LEU D 448 -5.10 11.74 43.66
N CYS D 449 -3.97 11.48 43.02
CA CYS D 449 -3.92 11.47 41.57
C CYS D 449 -4.68 10.30 40.96
N LEU D 450 -4.71 9.15 41.65
CA LEU D 450 -5.51 8.03 41.16
C LEU D 450 -7.00 8.34 41.15
N MET D 451 -7.50 9.02 42.18
CA MET D 451 -8.94 9.23 42.29
C MET D 451 -9.52 10.15 41.22
N ALA D 452 -8.70 10.92 40.50
CA ALA D 452 -9.19 11.93 39.57
C ALA D 452 -9.10 11.52 38.11
N PHE D 453 -8.04 10.80 37.72
CA PHE D 453 -7.89 10.41 36.32
C PHE D 453 -8.99 9.45 35.90
N SER D 454 -9.49 8.63 36.84
CA SER D 454 -10.56 7.71 36.51
C SER D 454 -11.84 8.46 36.12
N VAL D 455 -12.25 9.44 36.92
CA VAL D 455 -13.44 10.21 36.58
C VAL D 455 -13.20 11.02 35.32
N PHE D 456 -11.98 11.53 35.13
CA PHE D 456 -11.68 12.26 33.90
C PHE D 456 -11.91 11.39 32.66
N THR D 457 -11.31 10.20 32.65
CA THR D 457 -11.42 9.35 31.46
C THR D 457 -12.84 8.84 31.28
N ILE D 458 -13.55 8.52 32.38
CA ILE D 458 -14.93 8.07 32.25
C ILE D 458 -15.80 9.17 31.65
N ILE D 459 -15.67 10.40 32.16
CA ILE D 459 -16.47 11.51 31.68
C ILE D 459 -16.18 11.78 30.21
N CYS D 460 -14.89 11.80 29.84
CA CYS D 460 -14.54 12.06 28.45
C CYS D 460 -15.09 10.97 27.53
N THR D 461 -14.89 9.70 27.89
CA THR D 461 -15.33 8.61 27.04
C THR D 461 -16.84 8.61 26.85
N ILE D 462 -17.60 8.84 27.93
CA ILE D 462 -19.05 8.85 27.81
C ILE D 462 -19.52 10.07 27.02
N GLY D 463 -19.00 11.25 27.35
CA GLY D 463 -19.50 12.47 26.75
C GLY D 463 -19.20 12.60 25.28
N ILE D 464 -17.98 12.22 24.86
CA ILE D 464 -17.62 12.37 23.45
C ILE D 464 -18.48 11.47 22.58
N LEU D 465 -18.66 10.21 22.98
CA LEU D 465 -19.44 9.27 22.18
C LEU D 465 -20.93 9.60 22.22
N MET D 466 -21.45 9.98 23.38
CA MET D 466 -22.89 10.20 23.51
C MET D 466 -23.35 11.53 22.91
N SER D 467 -22.42 12.40 22.51
CA SER D 467 -22.82 13.69 21.96
C SER D 467 -23.37 13.58 20.54
N ALA D 468 -23.00 12.54 19.81
CA ALA D 468 -23.46 12.41 18.43
C ALA D 468 -24.95 12.06 18.41
N PRO D 469 -25.70 12.57 17.43
CA PRO D 469 -27.10 12.17 17.29
C PRO D 469 -27.21 10.76 16.72
N ASN D 470 -28.43 10.23 16.79
CA ASN D 470 -28.76 8.86 16.37
C ASN D 470 -27.75 7.83 16.88
N PHE D 471 -27.14 8.12 18.04
CA PHE D 471 -26.24 7.15 18.67
C PHE D 471 -27.03 5.98 19.25
N VAL D 472 -28.14 6.27 19.93
CA VAL D 472 -28.97 5.20 20.48
C VAL D 472 -29.56 4.36 19.36
N GLU D 473 -29.99 5.01 18.27
CA GLU D 473 -30.50 4.28 17.12
C GLU D 473 -29.44 3.37 16.54
N ALA D 474 -28.22 3.87 16.39
CA ALA D 474 -27.15 3.06 15.81
C ALA D 474 -26.81 1.86 16.70
N VAL D 475 -26.72 2.08 18.01
CA VAL D 475 -26.35 0.97 18.89
C VAL D 475 -27.51 -0.02 19.03
N SER D 476 -28.75 0.44 18.85
CA SER D 476 -29.88 -0.48 18.90
C SER D 476 -29.96 -1.32 17.63
N LYS D 477 -29.74 -0.71 16.47
CA LYS D 477 -29.87 -1.45 15.22
C LYS D 477 -28.65 -2.35 14.96
N ASP D 478 -27.46 -1.92 15.36
CA ASP D 478 -26.24 -2.63 14.98
C ASP D 478 -25.90 -3.74 15.97
N PHE D 479 -25.70 -3.39 17.23
CA PHE D 479 -25.21 -4.35 18.20
C PHE D 479 -26.30 -5.33 18.61
N ALA D 480 -27.40 -4.83 19.15
CA ALA D 480 -28.51 -5.69 19.59
C ALA D 480 -29.22 -6.30 18.40
N GLY E 1 -42.03 13.41 -37.98
CA GLY E 1 -43.16 13.99 -38.67
C GLY E 1 -42.96 14.09 -40.17
N GLU E 2 -43.95 14.66 -40.85
CA GLU E 2 -43.87 14.82 -42.30
C GLU E 2 -42.92 15.94 -42.71
N PHE E 3 -42.82 16.99 -41.90
CA PHE E 3 -42.06 18.18 -42.26
C PHE E 3 -40.59 18.07 -41.86
N GLN E 4 -40.30 17.62 -40.64
CA GLN E 4 -38.91 17.51 -40.23
C GLN E 4 -38.17 16.42 -41.00
N ARG E 5 -38.88 15.42 -41.49
CA ARG E 5 -38.24 14.41 -42.33
C ARG E 5 -37.68 15.03 -43.60
N LYS E 6 -38.50 15.80 -44.31
CA LYS E 6 -38.02 16.46 -45.52
C LYS E 6 -37.00 17.54 -45.20
N LEU E 7 -37.12 18.21 -44.04
CA LEU E 7 -36.12 19.18 -43.65
C LEU E 7 -34.76 18.53 -43.45
N TYR E 8 -34.73 17.40 -42.75
CA TYR E 8 -33.47 16.69 -42.54
C TYR E 8 -32.92 16.14 -43.86
N LYS E 9 -33.80 15.69 -44.75
CA LYS E 9 -33.34 15.22 -46.05
C LYS E 9 -32.74 16.36 -46.88
N GLU E 10 -33.33 17.56 -46.79
CA GLU E 10 -32.87 18.70 -47.57
C GLU E 10 -31.59 19.33 -47.02
N LEU E 11 -31.44 19.38 -45.69
CA LEU E 11 -30.31 20.08 -45.10
C LEU E 11 -28.99 19.41 -45.44
N VAL E 12 -28.93 18.07 -45.38
CA VAL E 12 -27.67 17.35 -45.58
C VAL E 12 -27.36 17.08 -47.04
N LYS E 13 -28.14 17.63 -47.96
CA LYS E 13 -27.87 17.43 -49.38
C LYS E 13 -26.71 18.30 -49.82
N ASN E 14 -25.74 17.69 -50.51
CA ASN E 14 -24.57 18.39 -51.02
C ASN E 14 -23.82 19.13 -49.91
N TYR E 15 -23.68 18.47 -48.76
CA TYR E 15 -22.99 19.04 -47.61
C TYR E 15 -21.68 18.30 -47.38
N ASN E 16 -20.60 19.06 -47.21
CA ASN E 16 -19.28 18.51 -46.94
C ASN E 16 -18.85 18.85 -45.53
N PRO E 17 -18.65 17.87 -44.66
CA PRO E 17 -18.22 18.15 -43.28
C PRO E 17 -16.76 18.52 -43.13
N LEU E 18 -16.05 18.79 -44.23
CA LEU E 18 -14.64 19.14 -44.18
C LEU E 18 -14.37 20.61 -44.40
N GLU E 19 -15.31 21.36 -44.98
CA GLU E 19 -15.10 22.76 -45.32
C GLU E 19 -15.57 23.67 -44.18
N ARG E 20 -14.93 24.83 -44.09
CA ARG E 20 -15.34 25.83 -43.12
C ARG E 20 -16.64 26.49 -43.58
N PRO E 21 -17.68 26.51 -42.74
CA PRO E 21 -19.00 27.02 -43.18
C PRO E 21 -19.07 28.54 -43.19
N VAL E 22 -18.40 29.14 -44.17
CA VAL E 22 -18.38 30.59 -44.35
C VAL E 22 -18.79 30.90 -45.78
N ALA E 23 -19.22 32.14 -46.01
CA ALA E 23 -19.83 32.53 -47.27
C ALA E 23 -18.87 33.19 -48.25
N ASN E 24 -17.62 33.46 -47.84
CA ASN E 24 -16.67 34.14 -48.73
C ASN E 24 -15.30 33.50 -48.81
N ASP E 25 -14.90 32.68 -47.83
CA ASP E 25 -13.61 31.99 -47.75
C ASP E 25 -12.45 32.94 -47.50
N SER E 26 -12.68 34.25 -47.41
CA SER E 26 -11.64 35.21 -47.10
C SER E 26 -11.87 35.93 -45.78
N GLN E 27 -13.02 35.73 -45.14
CA GLN E 27 -13.40 36.33 -43.88
C GLN E 27 -13.28 35.34 -42.74
N PRO E 28 -12.84 35.79 -41.56
CA PRO E 28 -12.72 34.87 -40.42
C PRO E 28 -14.08 34.43 -39.91
N LEU E 29 -14.09 33.27 -39.25
CA LEU E 29 -15.28 32.74 -38.60
C LEU E 29 -15.13 32.91 -37.10
N THR E 30 -15.95 33.76 -36.50
CA THR E 30 -15.85 34.05 -35.07
C THR E 30 -16.45 32.90 -34.27
N VAL E 31 -15.67 32.35 -33.34
CA VAL E 31 -16.09 31.27 -32.47
C VAL E 31 -15.97 31.76 -31.04
N TYR E 32 -17.06 31.67 -30.27
CA TYR E 32 -17.07 32.08 -28.88
C TYR E 32 -16.83 30.87 -28.00
N PHE E 33 -15.83 30.98 -27.11
CA PHE E 33 -15.38 29.88 -26.28
C PHE E 33 -15.51 30.28 -24.81
N SER E 34 -16.00 29.34 -23.99
CA SER E 34 -16.17 29.58 -22.56
C SER E 34 -16.00 28.25 -21.83
N LEU E 35 -15.87 28.33 -20.51
CA LEU E 35 -15.55 27.15 -19.71
C LEU E 35 -16.39 27.17 -18.45
N SER E 36 -16.68 25.97 -17.92
CA SER E 36 -17.41 25.83 -16.66
C SER E 36 -16.71 24.79 -15.81
N LEU E 37 -16.29 25.19 -14.61
CA LEU E 37 -15.61 24.29 -13.68
C LEU E 37 -16.63 23.67 -12.73
N LEU E 38 -16.64 22.34 -12.65
CA LEU E 38 -17.59 21.63 -11.81
C LEU E 38 -17.01 21.20 -10.47
N GLN E 39 -15.76 20.75 -10.44
CA GLN E 39 -15.09 20.37 -9.20
C GLN E 39 -13.63 20.08 -9.51
N ILE E 40 -12.79 20.18 -8.48
CA ILE E 40 -11.37 19.86 -8.58
C ILE E 40 -11.18 18.45 -8.03
N MET E 41 -10.66 17.54 -8.87
CA MET E 41 -10.58 16.15 -8.47
C MET E 41 -9.27 15.83 -7.75
N ASP E 42 -8.13 16.22 -8.34
CA ASP E 42 -6.87 15.86 -7.71
C ASP E 42 -5.77 16.83 -8.15
N VAL E 43 -4.75 16.94 -7.29
CA VAL E 43 -3.54 17.71 -7.58
C VAL E 43 -2.37 16.80 -7.21
N ASP E 44 -1.71 16.23 -8.21
CA ASP E 44 -0.67 15.24 -8.01
C ASP E 44 0.69 15.92 -8.18
N GLU E 45 1.50 15.88 -7.13
CA GLU E 45 2.83 16.48 -7.16
C GLU E 45 3.91 15.54 -7.65
N LYS E 46 3.62 14.24 -7.72
CA LYS E 46 4.62 13.29 -8.21
C LYS E 46 4.83 13.46 -9.71
N ASN E 47 3.77 13.31 -10.49
CA ASN E 47 3.81 13.55 -11.94
C ASN E 47 3.48 14.99 -12.30
N GLN E 48 3.15 15.82 -11.32
CA GLN E 48 2.84 17.24 -11.52
C GLN E 48 1.68 17.42 -12.50
N VAL E 49 0.52 16.91 -12.11
CA VAL E 49 -0.69 17.01 -12.92
C VAL E 49 -1.84 17.52 -12.06
N LEU E 50 -2.90 17.97 -12.73
CA LEU E 50 -4.09 18.50 -12.08
C LEU E 50 -5.30 17.92 -12.80
N THR E 51 -6.13 17.18 -12.06
CA THR E 51 -7.31 16.53 -12.61
C THR E 51 -8.55 17.29 -12.15
N THR E 52 -9.34 17.75 -13.11
CA THR E 52 -10.52 18.58 -12.84
C THR E 52 -11.67 18.12 -13.71
N ASN E 53 -12.88 18.57 -13.36
CA ASN E 53 -14.10 18.31 -14.11
C ASN E 53 -14.55 19.61 -14.77
N ILE E 54 -14.66 19.60 -16.10
CA ILE E 54 -14.87 20.82 -16.86
C ILE E 54 -15.85 20.57 -18.00
N TRP E 55 -16.77 21.51 -18.20
CA TRP E 55 -17.65 21.53 -19.36
C TRP E 55 -17.25 22.71 -20.24
N LEU E 56 -16.77 22.43 -21.45
CA LEU E 56 -16.46 23.48 -22.40
C LEU E 56 -17.75 23.97 -23.04
N GLN E 57 -17.68 25.15 -23.66
CA GLN E 57 -18.83 25.72 -24.37
C GLN E 57 -18.34 26.46 -25.60
N MET E 58 -18.82 26.05 -26.76
CA MET E 58 -18.45 26.67 -28.03
C MET E 58 -19.70 27.10 -28.77
N SER E 59 -19.63 28.28 -29.41
CA SER E 59 -20.74 28.80 -30.17
C SER E 59 -20.23 29.43 -31.47
N TRP E 60 -20.95 29.21 -32.56
CA TRP E 60 -20.57 29.82 -33.83
C TRP E 60 -21.82 29.91 -34.71
N THR E 61 -21.61 30.23 -35.99
CA THR E 61 -22.71 30.40 -36.95
C THR E 61 -22.43 29.57 -38.19
N ASP E 62 -23.47 28.91 -38.70
CA ASP E 62 -23.38 28.12 -39.92
C ASP E 62 -24.24 28.75 -41.01
N HIS E 63 -23.75 28.68 -42.24
CA HIS E 63 -24.39 29.31 -43.38
C HIS E 63 -25.24 28.38 -44.21
N TYR E 64 -24.93 27.09 -44.24
CA TYR E 64 -25.67 26.13 -45.06
C TYR E 64 -26.78 25.42 -44.29
N LEU E 65 -27.03 25.81 -43.04
CA LEU E 65 -28.04 25.18 -42.20
C LEU E 65 -29.14 26.16 -41.84
N GLN E 66 -29.58 26.94 -42.82
CA GLN E 66 -30.63 27.94 -42.63
C GLN E 66 -31.89 27.53 -43.39
N TRP E 67 -33.04 27.68 -42.73
CA TRP E 67 -34.31 27.34 -43.36
C TRP E 67 -35.37 28.34 -42.90
N ASN E 68 -36.50 28.34 -43.61
CA ASN E 68 -37.60 29.24 -43.31
C ASN E 68 -38.62 28.53 -42.43
N VAL E 69 -38.96 29.15 -41.30
CA VAL E 69 -39.87 28.52 -40.34
C VAL E 69 -41.30 28.48 -40.85
N SER E 70 -41.68 29.40 -41.75
CA SER E 70 -43.04 29.39 -42.28
C SER E 70 -43.29 28.14 -43.12
N GLU E 71 -42.30 27.71 -43.91
CA GLU E 71 -42.44 26.52 -44.73
C GLU E 71 -42.48 25.24 -43.89
N TYR E 72 -41.86 25.26 -42.70
CA TYR E 72 -41.83 24.10 -41.81
C TYR E 72 -42.35 24.57 -40.46
N PRO E 73 -43.66 24.70 -40.31
CA PRO E 73 -44.21 25.36 -39.11
C PRO E 73 -44.13 24.52 -37.83
N GLY E 74 -43.46 23.38 -37.90
CA GLY E 74 -43.40 22.52 -36.73
C GLY E 74 -42.04 22.43 -36.05
N VAL E 75 -40.98 22.79 -36.76
CA VAL E 75 -39.61 22.63 -36.28
C VAL E 75 -38.97 24.00 -36.13
N LYS E 76 -38.22 24.16 -35.04
CA LYS E 76 -37.44 25.37 -34.80
C LYS E 76 -35.96 25.11 -34.62
N THR E 77 -35.57 23.93 -34.14
CA THR E 77 -34.17 23.56 -33.97
C THR E 77 -33.95 22.14 -34.48
N VAL E 78 -32.70 21.84 -34.82
CA VAL E 78 -32.32 20.51 -35.26
C VAL E 78 -31.07 20.08 -34.50
N ARG E 79 -30.79 18.78 -34.54
CA ARG E 79 -29.65 18.21 -33.84
C ARG E 79 -28.88 17.28 -34.76
N PHE E 80 -27.56 17.41 -34.75
CA PHE E 80 -26.70 16.57 -35.57
C PHE E 80 -25.65 15.88 -34.73
N PRO E 81 -25.38 14.59 -34.99
CA PRO E 81 -24.38 13.86 -34.20
C PRO E 81 -22.95 14.15 -34.64
N ASP E 82 -22.00 13.45 -34.03
CA ASP E 82 -20.60 13.62 -34.38
C ASP E 82 -20.34 13.12 -35.79
N GLY E 83 -19.56 13.88 -36.56
CA GLY E 83 -19.14 13.47 -37.87
C GLY E 83 -20.05 13.82 -39.02
N GLN E 84 -21.12 14.58 -38.77
CA GLN E 84 -22.05 14.95 -39.84
C GLN E 84 -22.00 16.42 -40.21
N ILE E 85 -21.52 17.30 -39.34
CA ILE E 85 -21.37 18.72 -39.63
C ILE E 85 -20.02 19.20 -39.13
N TRP E 86 -19.63 20.38 -39.58
CA TRP E 86 -18.33 20.95 -39.23
C TRP E 86 -18.32 21.42 -37.78
N LYS E 87 -17.23 21.13 -37.07
CA LYS E 87 -17.02 21.58 -35.71
C LYS E 87 -15.62 22.13 -35.56
N PRO E 88 -15.42 23.14 -34.71
CA PRO E 88 -14.07 23.65 -34.47
C PRO E 88 -13.21 22.62 -33.75
N ASP E 89 -11.91 22.70 -34.00
CA ASP E 89 -10.94 21.74 -33.45
C ASP E 89 -10.21 22.32 -32.24
N ILE E 90 -10.89 23.11 -31.43
CA ILE E 90 -10.27 23.68 -30.23
C ILE E 90 -10.02 22.59 -29.22
N LEU E 91 -8.77 22.49 -28.73
CA LEU E 91 -8.45 21.45 -27.77
C LEU E 91 -7.34 21.94 -26.83
N LEU E 92 -7.26 21.30 -25.67
CA LEU E 92 -6.27 21.67 -24.66
C LEU E 92 -4.87 21.37 -25.15
N TYR E 93 -3.94 22.28 -24.87
CA TYR E 93 -2.56 22.10 -25.34
C TYR E 93 -1.74 21.23 -24.40
N ASN E 94 -1.82 21.46 -23.09
CA ASN E 94 -1.04 20.69 -22.13
C ASN E 94 -1.44 19.22 -22.18
N SER E 95 -2.68 18.93 -21.77
CA SER E 95 -3.33 17.63 -21.95
C SER E 95 -2.39 16.47 -21.68
N ALA E 96 -1.90 16.40 -20.44
CA ALA E 96 -1.04 15.31 -20.02
C ALA E 96 -1.87 14.05 -19.76
N ASP E 97 -2.56 13.61 -20.81
CA ASP E 97 -3.48 12.49 -20.75
C ASP E 97 -3.06 11.41 -21.74
N GLU E 98 -3.49 10.17 -21.45
CA GLU E 98 -3.14 9.06 -22.32
C GLU E 98 -3.83 9.19 -23.68
N ARG E 99 -5.13 9.48 -23.69
CA ARG E 99 -5.88 9.65 -24.93
C ARG E 99 -5.89 11.09 -25.43
N PHE E 100 -5.45 12.04 -24.60
CA PHE E 100 -5.15 13.41 -25.01
C PHE E 100 -6.39 14.25 -25.32
N ASP E 101 -7.58 13.64 -25.34
CA ASP E 101 -8.78 14.39 -25.67
C ASP E 101 -9.75 14.49 -24.50
N ALA E 102 -10.23 13.37 -23.98
CA ALA E 102 -11.18 13.34 -22.86
C ALA E 102 -12.31 14.36 -23.06
N THR E 103 -13.07 14.18 -24.12
CA THR E 103 -14.04 15.20 -24.50
C THR E 103 -15.48 14.68 -24.56
N PHE E 104 -15.70 13.46 -25.07
CA PHE E 104 -17.04 12.88 -25.21
C PHE E 104 -17.93 13.78 -26.05
N HIS E 105 -17.58 13.87 -27.33
CA HIS E 105 -18.32 14.68 -28.29
C HIS E 105 -19.80 14.34 -28.29
N THR E 106 -20.63 15.31 -27.88
CA THR E 106 -22.06 15.15 -27.84
C THR E 106 -22.69 15.72 -29.11
N ASN E 107 -24.03 15.79 -29.13
CA ASN E 107 -24.75 16.31 -30.28
C ASN E 107 -24.57 17.82 -30.40
N VAL E 108 -24.81 18.33 -31.60
CA VAL E 108 -24.72 19.76 -31.90
C VAL E 108 -26.12 20.25 -32.23
N LEU E 109 -26.52 21.35 -31.57
CA LEU E 109 -27.85 21.91 -31.70
C LEU E 109 -27.81 23.15 -32.58
N VAL E 110 -28.72 23.23 -33.56
CA VAL E 110 -28.73 24.29 -34.55
C VAL E 110 -30.10 24.96 -34.52
N ASN E 111 -30.10 26.30 -34.46
CA ASN E 111 -31.35 27.05 -34.52
C ASN E 111 -31.79 27.21 -35.96
N SER E 112 -32.86 27.98 -36.17
CA SER E 112 -33.38 28.20 -37.51
C SER E 112 -32.62 29.27 -38.28
N SER E 113 -31.67 29.94 -37.64
CA SER E 113 -30.82 30.94 -38.30
C SER E 113 -29.39 30.45 -38.47
N GLY E 114 -29.11 29.19 -38.14
CA GLY E 114 -27.78 28.63 -38.30
C GLY E 114 -26.87 28.76 -37.09
N HIS E 115 -27.31 29.42 -36.03
CA HIS E 115 -26.48 29.61 -34.85
C HIS E 115 -26.30 28.28 -34.12
N CYS E 116 -25.07 27.77 -34.13
CA CYS E 116 -24.77 26.45 -33.58
C CYS E 116 -24.11 26.58 -32.22
N GLN E 117 -24.51 25.71 -31.29
CA GLN E 117 -23.97 25.64 -29.95
C GLN E 117 -23.55 24.20 -29.65
N TYR E 118 -22.38 24.04 -29.05
CA TYR E 118 -21.83 22.71 -28.81
C TYR E 118 -21.02 22.75 -27.52
N LEU E 119 -21.42 21.97 -26.53
CA LEU E 119 -20.75 21.94 -25.23
C LEU E 119 -20.49 20.50 -24.79
N PRO E 120 -19.24 20.03 -24.84
CA PRO E 120 -18.93 18.70 -24.35
C PRO E 120 -18.43 18.72 -22.92
N PRO E 121 -18.86 17.78 -22.10
CA PRO E 121 -18.31 17.65 -20.74
C PRO E 121 -17.15 16.67 -20.69
N GLY E 122 -16.28 16.86 -19.70
CA GLY E 122 -15.16 15.94 -19.60
C GLY E 122 -14.38 16.12 -18.32
N ILE E 123 -13.42 15.20 -18.13
CA ILE E 123 -12.47 15.24 -17.04
C ILE E 123 -11.09 15.51 -17.64
N PHE E 124 -10.50 16.64 -17.28
CA PHE E 124 -9.26 17.09 -17.90
C PHE E 124 -8.09 16.93 -16.93
N LYS E 125 -6.98 16.43 -17.47
CA LYS E 125 -5.73 16.23 -16.72
C LYS E 125 -4.68 17.16 -17.32
N SER E 126 -4.57 18.35 -16.75
CA SER E 126 -3.58 19.32 -17.19
C SER E 126 -2.24 19.08 -16.49
N SER E 127 -1.19 19.70 -17.03
CA SER E 127 0.16 19.58 -16.50
C SER E 127 0.66 20.95 -16.08
N CYS E 128 0.78 21.17 -14.77
CA CYS E 128 1.28 22.42 -14.22
C CYS E 128 2.34 22.14 -13.17
N TYR E 129 3.29 23.06 -13.05
CA TYR E 129 4.37 22.93 -12.09
C TYR E 129 3.87 23.24 -10.69
N ILE E 130 4.24 22.40 -9.72
CA ILE E 130 3.79 22.52 -8.35
C ILE E 130 4.99 22.83 -7.46
N ASP E 131 4.92 23.93 -6.72
CA ASP E 131 5.97 24.34 -5.81
C ASP E 131 5.56 24.00 -4.39
N VAL E 132 6.42 23.29 -3.67
CA VAL E 132 6.08 22.73 -2.37
C VAL E 132 7.10 23.17 -1.32
N ARG E 133 7.69 24.34 -1.53
CA ARG E 133 8.69 24.86 -0.57
C ARG E 133 8.07 25.04 0.81
N TRP E 134 6.86 25.57 0.87
CA TRP E 134 6.10 25.66 2.11
C TRP E 134 4.95 24.66 2.00
N PHE E 135 5.20 23.43 2.44
CA PHE E 135 4.25 22.35 2.17
C PHE E 135 2.88 22.57 2.80
N PRO E 136 2.73 22.86 4.10
CA PRO E 136 1.38 23.00 4.66
C PRO E 136 0.69 24.28 4.18
N PHE E 137 1.40 25.40 4.25
CA PHE E 137 0.87 26.70 3.83
C PHE E 137 1.26 26.92 2.38
N ASP E 138 0.43 26.43 1.47
CA ASP E 138 0.76 26.40 0.05
C ASP E 138 -0.32 27.09 -0.76
N VAL E 139 0.10 27.83 -1.78
CA VAL E 139 -0.80 28.45 -2.75
C VAL E 139 -0.30 28.09 -4.14
N GLN E 140 -1.19 27.59 -4.98
CA GLN E 140 -0.83 27.08 -6.30
C GLN E 140 -1.58 27.81 -7.41
N HIS E 141 -0.87 28.02 -8.52
CA HIS E 141 -1.43 28.59 -9.74
C HIS E 141 -1.18 27.59 -10.87
N CYS E 142 -2.24 27.12 -11.51
CA CYS E 142 -2.13 26.23 -12.65
C CYS E 142 -2.85 26.84 -13.85
N LYS E 143 -2.49 26.39 -15.05
CA LYS E 143 -2.98 26.99 -16.27
C LYS E 143 -3.67 25.97 -17.16
N LEU E 144 -4.71 26.42 -17.85
CA LEU E 144 -5.41 25.63 -18.87
C LEU E 144 -5.39 26.45 -20.15
N LYS E 145 -4.71 25.95 -21.18
CA LYS E 145 -4.43 26.71 -22.39
C LYS E 145 -5.15 26.05 -23.56
N PHE E 146 -6.14 26.75 -24.12
CA PHE E 146 -6.97 26.24 -25.19
C PHE E 146 -6.70 27.01 -26.47
N GLY E 147 -6.80 26.30 -27.59
CA GLY E 147 -6.58 26.91 -28.90
C GLY E 147 -6.88 25.91 -29.99
N SER E 148 -6.83 26.41 -31.22
CA SER E 148 -7.11 25.61 -32.41
C SER E 148 -5.82 24.95 -32.91
N TRP E 149 -5.95 23.69 -33.34
CA TRP E 149 -4.77 22.93 -33.72
C TRP E 149 -4.22 23.37 -35.07
N SER E 150 -5.09 23.59 -36.06
CA SER E 150 -4.60 23.84 -37.41
C SER E 150 -5.32 24.99 -38.12
N TYR E 151 -5.82 25.98 -37.39
CA TYR E 151 -6.46 27.15 -37.97
C TYR E 151 -5.75 28.41 -37.53
N GLY E 152 -5.53 29.33 -38.46
CA GLY E 152 -4.87 30.57 -38.17
C GLY E 152 -5.82 31.62 -37.61
N GLY E 153 -5.32 32.86 -37.57
CA GLY E 153 -6.13 33.96 -37.06
C GLY E 153 -7.01 34.62 -38.10
N TRP E 154 -6.78 34.35 -39.38
CA TRP E 154 -7.61 34.88 -40.44
C TRP E 154 -8.66 33.88 -40.91
N SER E 155 -8.75 32.72 -40.27
CA SER E 155 -9.76 31.71 -40.59
C SER E 155 -10.67 31.41 -39.41
N LEU E 156 -10.11 31.22 -38.22
CA LEU E 156 -10.89 30.90 -37.02
C LEU E 156 -10.29 31.69 -35.86
N ASP E 157 -10.88 32.84 -35.55
CA ASP E 157 -10.40 33.72 -34.50
C ASP E 157 -11.18 33.43 -33.21
N LEU E 158 -10.47 33.04 -32.16
CA LEU E 158 -11.10 32.75 -30.89
C LEU E 158 -11.56 34.02 -30.20
N GLN E 159 -12.67 33.92 -29.47
CA GLN E 159 -13.15 34.98 -28.59
C GLN E 159 -13.38 34.39 -27.21
N MET E 160 -13.20 35.22 -26.18
CA MET E 160 -13.23 34.76 -24.80
C MET E 160 -14.48 35.25 -24.09
N GLN E 161 -14.99 34.43 -23.18
CA GLN E 161 -16.08 34.80 -22.30
C GLN E 161 -15.74 34.33 -20.89
N GLU E 162 -16.33 34.99 -19.90
CA GLU E 162 -16.01 34.68 -18.51
C GLU E 162 -16.44 33.27 -18.16
N ALA E 163 -15.74 32.66 -17.20
CA ALA E 163 -16.03 31.30 -16.78
C ALA E 163 -17.28 31.30 -15.91
N ASP E 164 -17.62 30.14 -15.36
CA ASP E 164 -18.84 29.99 -14.56
C ASP E 164 -18.51 29.07 -13.39
N ILE E 165 -18.46 29.66 -12.18
CA ILE E 165 -18.15 28.89 -10.98
C ILE E 165 -19.38 28.48 -10.20
N SER E 166 -20.57 28.63 -10.77
CA SER E 166 -21.79 28.16 -10.12
C SER E 166 -21.78 26.64 -10.04
N GLY E 167 -22.17 26.11 -8.87
CA GLY E 167 -22.11 24.68 -8.66
C GLY E 167 -20.69 24.16 -8.65
N TYR E 168 -19.92 24.54 -7.63
CA TYR E 168 -18.50 24.20 -7.58
C TYR E 168 -18.22 22.93 -6.77
N ILE E 169 -19.11 22.58 -5.84
CA ILE E 169 -18.93 21.40 -5.00
C ILE E 169 -17.56 21.45 -4.32
N PRO E 170 -17.38 22.27 -3.29
CA PRO E 170 -16.04 22.52 -2.75
C PRO E 170 -15.30 21.23 -2.37
N ASN E 171 -14.00 21.22 -2.67
CA ASN E 171 -13.21 20.00 -2.56
C ASN E 171 -13.12 19.51 -1.13
N GLY E 172 -12.90 20.41 -0.17
CA GLY E 172 -12.66 20.05 1.20
C GLY E 172 -11.19 19.91 1.56
N GLU E 173 -10.30 19.98 0.58
CA GLU E 173 -8.86 19.97 0.82
C GLU E 173 -8.16 21.16 0.21
N TRP E 174 -8.60 21.63 -0.95
CA TRP E 174 -8.06 22.81 -1.61
C TRP E 174 -9.12 23.89 -1.65
N ASP E 175 -8.77 25.08 -1.18
CA ASP E 175 -9.68 26.22 -1.15
C ASP E 175 -9.47 27.05 -2.42
N LEU E 176 -10.48 27.07 -3.28
CA LEU E 176 -10.37 27.78 -4.55
C LEU E 176 -10.33 29.28 -4.32
N VAL E 177 -9.35 29.95 -4.92
CA VAL E 177 -9.26 31.40 -4.83
C VAL E 177 -9.87 32.07 -6.05
N GLY E 178 -9.56 31.59 -7.25
CA GLY E 178 -10.14 32.21 -8.44
C GLY E 178 -9.75 31.48 -9.70
N ILE E 179 -10.31 31.96 -10.81
CA ILE E 179 -10.02 31.42 -12.14
C ILE E 179 -10.30 32.49 -13.19
N PRO E 180 -9.37 33.42 -13.43
CA PRO E 180 -9.54 34.39 -14.50
C PRO E 180 -8.93 33.93 -15.82
N GLY E 181 -9.46 34.48 -16.90
CA GLY E 181 -9.04 34.14 -18.24
C GLY E 181 -8.39 35.30 -18.97
N LYS E 182 -7.68 34.96 -20.05
CA LYS E 182 -6.97 35.95 -20.84
C LYS E 182 -6.75 35.41 -22.25
N ARG E 183 -6.91 36.27 -23.25
CA ARG E 183 -6.72 35.93 -24.65
C ARG E 183 -5.45 36.58 -25.17
N SER E 184 -4.65 35.81 -25.91
CA SER E 184 -3.37 36.30 -26.40
C SER E 184 -3.20 35.92 -27.87
N GLU E 185 -2.31 36.64 -28.55
CA GLU E 185 -1.99 36.40 -29.95
C GLU E 185 -0.48 36.18 -30.06
N ARG E 186 -0.07 35.25 -30.91
CA ARG E 186 1.34 34.89 -31.09
C ARG E 186 1.69 34.97 -32.57
N PHE E 187 2.40 36.03 -32.96
CA PHE E 187 2.83 36.18 -34.33
C PHE E 187 4.05 35.31 -34.62
N TYR E 188 4.21 34.92 -35.88
CA TYR E 188 5.37 34.19 -36.33
C TYR E 188 5.99 34.93 -37.51
N GLU E 189 7.32 34.86 -37.62
CA GLU E 189 8.05 35.65 -38.61
C GLU E 189 8.19 34.84 -39.90
N CYS E 190 7.07 34.29 -40.35
CA CYS E 190 7.00 33.70 -41.68
C CYS E 190 5.66 33.99 -42.34
N CYS E 191 4.66 34.41 -41.56
CA CYS E 191 3.30 34.55 -42.04
C CYS E 191 2.69 35.91 -41.78
N LYS E 192 3.07 36.58 -40.69
CA LYS E 192 2.53 37.89 -40.32
C LYS E 192 1.02 37.83 -40.05
N GLU E 193 0.55 36.72 -39.48
CA GLU E 193 -0.83 36.62 -39.05
C GLU E 193 -0.89 36.09 -37.63
N PRO E 194 -1.90 36.51 -36.85
CA PRO E 194 -1.96 36.09 -35.45
C PRO E 194 -2.47 34.66 -35.30
N TYR E 195 -2.18 34.08 -34.13
CA TYR E 195 -2.65 32.75 -33.76
C TYR E 195 -3.20 32.82 -32.34
N PRO E 196 -4.44 33.26 -32.19
CA PRO E 196 -4.98 33.51 -30.85
C PRO E 196 -5.17 32.24 -30.03
N ASP E 197 -5.11 32.41 -28.72
CA ASP E 197 -5.34 31.33 -27.77
C ASP E 197 -5.93 31.93 -26.49
N VAL E 198 -6.59 31.07 -25.70
CA VAL E 198 -7.29 31.49 -24.50
C VAL E 198 -6.78 30.67 -23.32
N THR E 199 -6.33 31.33 -22.27
CA THR E 199 -5.78 30.65 -21.10
C THR E 199 -6.55 31.04 -19.84
N PHE E 200 -6.89 30.04 -19.03
CA PHE E 200 -7.55 30.24 -17.75
C PHE E 200 -6.60 29.82 -16.63
N THR E 201 -6.46 30.66 -15.61
CA THR E 201 -5.51 30.44 -14.53
C THR E 201 -6.26 30.10 -13.25
N VAL E 202 -6.21 28.84 -12.84
CA VAL E 202 -6.84 28.41 -11.60
C VAL E 202 -5.87 28.66 -10.45
N THR E 203 -6.27 29.51 -9.51
CA THR E 203 -5.48 29.81 -8.32
C THR E 203 -6.22 29.26 -7.11
N MET E 204 -5.52 28.45 -6.32
CA MET E 204 -6.11 27.77 -5.18
C MET E 204 -5.15 27.78 -3.99
N ARG E 205 -5.70 27.52 -2.81
CA ARG E 205 -4.94 27.56 -1.56
C ARG E 205 -5.22 26.29 -0.76
N ARG E 206 -4.17 25.75 -0.14
CA ARG E 206 -4.28 24.52 0.64
C ARG E 206 -4.84 24.80 2.03
N ARG E 207 -5.69 23.89 2.52
CA ARG E 207 -6.26 23.99 3.85
C ARG E 207 -5.37 23.27 4.85
N THR E 208 -5.09 23.91 5.98
CA THR E 208 -4.10 23.45 6.95
C THR E 208 -4.73 23.10 8.29
N LEU E 209 -5.87 22.42 8.28
CA LEU E 209 -6.50 21.99 9.52
C LEU E 209 -6.15 20.54 9.88
N TYR E 210 -6.13 19.65 8.89
CA TYR E 210 -5.77 18.26 9.15
C TYR E 210 -4.31 18.16 9.59
N TYR E 211 -3.41 18.90 8.93
CA TYR E 211 -1.99 18.80 9.26
C TYR E 211 -1.68 19.40 10.61
N GLY E 212 -2.39 20.46 11.01
CA GLY E 212 -2.15 21.08 12.29
C GLY E 212 -2.68 20.31 13.48
N LEU E 213 -3.54 19.33 13.25
CA LEU E 213 -4.12 18.51 14.31
C LEU E 213 -3.55 17.10 14.36
N ASN E 214 -3.31 16.48 13.21
CA ASN E 214 -2.84 15.10 13.16
C ASN E 214 -1.34 14.96 13.10
N LEU E 215 -0.60 16.04 12.86
CA LEU E 215 0.85 15.98 12.74
C LEU E 215 1.57 16.86 13.76
N LEU E 216 1.12 18.10 13.95
CA LEU E 216 1.86 19.02 14.81
C LEU E 216 1.68 18.66 16.29
N ILE E 217 0.44 18.71 16.78
CA ILE E 217 0.14 18.52 18.20
C ILE E 217 0.68 17.19 18.70
N PRO E 218 0.56 16.07 17.95
CA PRO E 218 1.21 14.83 18.39
C PRO E 218 2.69 14.98 18.69
N CYS E 219 3.40 15.78 17.90
CA CYS E 219 4.86 15.90 18.02
C CYS E 219 5.28 17.02 18.95
N VAL E 220 4.33 17.76 19.54
CA VAL E 220 4.64 18.70 20.61
C VAL E 220 4.38 18.08 21.97
N LEU E 221 3.59 17.00 22.03
CA LEU E 221 3.42 16.23 23.24
C LEU E 221 4.57 15.24 23.46
N ILE E 222 5.39 15.02 22.45
CA ILE E 222 6.56 14.16 22.59
C ILE E 222 7.84 14.96 22.73
N SER E 223 7.98 16.08 22.03
CA SER E 223 9.15 16.93 22.21
C SER E 223 9.22 17.49 23.62
N ALA E 224 8.07 17.87 24.19
CA ALA E 224 8.02 18.36 25.56
C ALA E 224 8.00 17.23 26.59
N LEU E 225 7.81 15.98 26.17
CA LEU E 225 7.83 14.87 27.10
C LEU E 225 9.25 14.45 27.45
N ALA E 226 10.22 14.75 26.58
CA ALA E 226 11.61 14.41 26.87
C ALA E 226 12.17 15.27 28.00
N LEU E 227 11.75 16.53 28.08
CA LEU E 227 12.28 17.45 29.08
C LEU E 227 12.04 16.97 30.51
N LEU E 228 11.04 16.11 30.72
CA LEU E 228 10.81 15.55 32.05
C LEU E 228 12.01 14.78 32.57
N VAL E 229 12.91 14.33 31.70
CA VAL E 229 14.11 13.63 32.14
C VAL E 229 15.00 14.54 32.97
N PHE E 230 14.79 15.84 32.91
CA PHE E 230 15.55 16.79 33.71
C PHE E 230 14.86 17.14 35.02
N LEU E 231 13.71 16.54 35.30
CA LEU E 231 12.99 16.74 36.56
C LEU E 231 12.85 15.44 37.34
N LEU E 232 13.57 14.40 36.94
CA LEU E 232 13.47 13.08 37.55
C LEU E 232 14.74 12.79 38.35
N PRO E 233 14.63 12.53 39.65
CA PRO E 233 15.84 12.29 40.45
C PRO E 233 16.61 11.08 39.96
N ALA E 234 17.94 11.18 40.02
CA ALA E 234 18.81 10.12 39.52
C ALA E 234 18.87 8.92 40.44
N ASP E 235 18.32 9.00 41.65
CA ASP E 235 18.32 7.86 42.55
C ASP E 235 17.52 6.69 41.96
N SER E 236 16.39 7.00 41.34
CA SER E 236 15.64 5.97 40.63
C SER E 236 16.44 5.48 39.42
N GLY E 237 16.40 4.18 39.18
CA GLY E 237 17.18 3.61 38.10
C GLY E 237 16.54 3.75 36.74
N GLU E 238 15.82 4.86 36.51
CA GLU E 238 15.14 5.12 35.25
C GLU E 238 15.41 6.57 34.86
N LYS E 239 16.48 6.78 34.09
CA LYS E 239 16.76 8.09 33.53
C LYS E 239 17.05 7.95 32.04
N ILE E 240 17.54 6.78 31.64
CA ILE E 240 17.69 6.44 30.23
C ILE E 240 16.57 5.52 29.76
N SER E 241 15.91 4.82 30.69
CA SER E 241 14.70 4.08 30.36
C SER E 241 13.56 4.99 29.95
N LEU E 242 13.66 6.28 30.25
CA LEU E 242 12.72 7.30 29.79
C LEU E 242 13.29 8.14 28.66
N GLY E 243 14.59 8.44 28.69
CA GLY E 243 15.18 9.23 27.64
C GLY E 243 15.23 8.51 26.30
N ILE E 244 15.51 7.20 26.33
CA ILE E 244 15.63 6.43 25.09
C ILE E 244 14.29 5.88 24.59
N THR E 245 13.27 5.84 25.43
CA THR E 245 11.95 5.40 25.00
C THR E 245 11.16 6.50 24.32
N VAL E 246 11.37 7.76 24.68
CA VAL E 246 10.77 8.87 23.93
C VAL E 246 11.33 8.99 22.53
N LEU E 247 12.62 8.72 22.33
CA LEU E 247 13.21 8.71 21.00
C LEU E 247 12.69 7.56 20.15
N LEU E 248 12.53 6.37 20.73
CA LEU E 248 11.97 5.25 19.99
C LEU E 248 10.49 5.46 19.70
N SER E 249 9.76 6.09 20.61
CA SER E 249 8.35 6.39 20.40
C SER E 249 8.14 7.49 19.37
N LEU E 250 9.18 8.24 19.01
CA LEU E 250 9.10 9.24 17.97
C LEU E 250 9.69 8.76 16.66
N THR E 251 10.60 7.78 16.69
CA THR E 251 11.06 7.13 15.47
C THR E 251 9.94 6.37 14.79
N VAL E 252 9.05 5.74 15.57
CA VAL E 252 7.87 5.08 15.01
C VAL E 252 6.81 6.08 14.59
N PHE E 253 6.92 7.33 15.01
CA PHE E 253 6.01 8.39 14.57
C PHE E 253 6.34 8.89 13.17
N MET E 254 7.55 8.65 12.68
CA MET E 254 7.94 9.06 11.34
C MET E 254 7.48 8.07 10.28
N LEU E 255 6.88 6.95 10.68
CA LEU E 255 6.29 6.01 9.74
C LEU E 255 4.97 6.52 9.17
N LEU E 256 4.20 7.28 9.94
CA LEU E 256 2.97 7.90 9.47
C LEU E 256 3.19 9.32 8.98
N VAL E 257 4.43 9.80 8.97
CA VAL E 257 4.76 11.12 8.46
C VAL E 257 5.33 10.97 7.05
N ALA E 258 6.09 9.89 6.82
CA ALA E 258 6.67 9.66 5.52
C ALA E 258 5.61 9.40 4.44
N GLU E 259 4.39 9.06 4.84
CA GLU E 259 3.29 8.87 3.91
C GLU E 259 2.55 10.16 3.57
N ILE E 260 3.01 11.30 4.10
CA ILE E 260 2.39 12.58 3.85
C ILE E 260 3.32 13.55 3.15
N MET E 261 4.57 13.61 3.56
CA MET E 261 5.51 14.57 2.99
C MET E 261 5.79 14.24 1.52
N PRO E 262 6.03 15.25 0.70
CA PRO E 262 6.34 15.01 -0.72
C PRO E 262 7.76 14.47 -0.90
N ALA E 263 7.97 13.84 -2.05
CA ALA E 263 9.25 13.22 -2.39
C ALA E 263 10.08 14.06 -3.35
N THR E 264 9.69 15.32 -3.58
CA THR E 264 10.45 16.16 -4.51
C THR E 264 11.78 16.58 -3.90
N SER E 265 12.81 16.62 -4.72
CA SER E 265 14.15 17.00 -4.30
C SER E 265 14.53 18.41 -4.72
N ASP E 266 13.56 19.21 -5.17
CA ASP E 266 13.86 20.56 -5.63
C ASP E 266 14.15 21.49 -4.45
N SER E 267 13.39 21.37 -3.37
CA SER E 267 13.54 22.25 -2.23
C SER E 267 13.25 21.47 -0.95
N VAL E 268 13.48 22.11 0.19
CA VAL E 268 13.30 21.51 1.50
C VAL E 268 11.97 22.04 2.07
N PRO E 269 10.96 21.19 2.26
CA PRO E 269 9.70 21.67 2.83
C PRO E 269 9.88 22.14 4.26
N LEU E 270 8.99 23.06 4.68
CA LEU E 270 9.06 23.61 6.03
C LEU E 270 8.82 22.53 7.08
N ILE E 271 7.85 21.66 6.86
CA ILE E 271 7.55 20.61 7.82
C ILE E 271 8.73 19.64 7.95
N ALA E 272 9.47 19.44 6.87
CA ALA E 272 10.62 18.54 6.91
C ALA E 272 11.69 19.07 7.85
N GLN E 273 12.02 20.36 7.73
CA GLN E 273 13.04 20.92 8.61
C GLN E 273 12.53 21.08 10.05
N TYR E 274 11.22 21.31 10.22
CA TYR E 274 10.67 21.31 11.57
C TYR E 274 10.83 19.94 12.23
N PHE E 275 10.50 18.87 11.51
CA PHE E 275 10.66 17.53 12.05
C PHE E 275 12.12 17.19 12.28
N ALA E 276 13.01 17.68 11.40
CA ALA E 276 14.44 17.46 11.61
C ALA E 276 14.93 18.16 12.87
N SER E 277 14.45 19.38 13.11
CA SER E 277 14.81 20.08 14.34
C SER E 277 14.32 19.33 15.58
N THR E 278 13.08 18.83 15.53
CA THR E 278 12.57 18.03 16.65
C THR E 278 13.42 16.78 16.86
N MET E 279 13.75 16.09 15.77
CA MET E 279 14.63 14.92 15.84
C MET E 279 15.95 15.25 16.52
N ILE E 280 16.59 16.33 16.08
CA ILE E 280 17.91 16.68 16.60
C ILE E 280 17.82 17.04 18.08
N ILE E 281 16.79 17.79 18.48
CA ILE E 281 16.66 18.20 19.87
C ILE E 281 16.42 16.99 20.76
N VAL E 282 15.52 16.09 20.34
CA VAL E 282 15.24 14.91 21.15
C VAL E 282 16.47 14.02 21.24
N GLY E 283 17.21 13.87 20.14
CA GLY E 283 18.43 13.06 20.19
C GLY E 283 19.50 13.66 21.07
N LEU E 284 19.65 14.99 21.04
CA LEU E 284 20.67 15.64 21.86
C LEU E 284 20.28 15.69 23.33
N SER E 285 18.99 15.57 23.65
CA SER E 285 18.59 15.53 25.06
C SER E 285 19.15 14.30 25.76
N VAL E 286 19.42 13.22 25.01
CA VAL E 286 19.96 12.01 25.63
C VAL E 286 21.46 12.09 25.87
N VAL E 287 22.19 12.88 25.07
CA VAL E 287 23.62 13.02 25.26
C VAL E 287 23.92 13.67 26.60
N VAL E 288 23.16 14.71 26.97
CA VAL E 288 23.40 15.43 28.21
C VAL E 288 23.21 14.53 29.43
N THR E 289 22.17 13.70 29.43
CA THR E 289 21.86 12.82 30.56
C THR E 289 23.03 11.94 30.95
N VAL E 290 23.79 11.42 29.98
CA VAL E 290 24.98 10.62 30.27
C VAL E 290 26.06 11.42 30.98
N ILE E 291 26.17 12.72 30.72
CA ILE E 291 27.15 13.57 31.38
C ILE E 291 26.67 14.05 32.74
N VAL E 292 25.49 13.59 33.18
CA VAL E 292 24.95 13.94 34.48
C VAL E 292 25.15 12.75 35.41
N LEU E 293 24.86 11.55 34.90
CA LEU E 293 25.09 10.33 35.68
C LEU E 293 26.57 10.04 35.90
N GLN E 294 27.45 10.58 35.05
CA GLN E 294 28.88 10.48 35.33
C GLN E 294 29.25 11.31 36.55
N TYR E 295 28.57 12.43 36.76
CA TYR E 295 28.82 13.25 37.94
C TYR E 295 28.24 12.59 39.18
N HIS E 296 27.07 11.95 39.07
CA HIS E 296 26.39 11.35 40.19
C HIS E 296 27.07 10.07 40.69
N HIS E 297 27.62 9.27 39.78
CA HIS E 297 28.22 7.98 40.12
C HIS E 297 29.74 8.06 40.17
N HIS E 298 30.28 9.19 40.60
CA HIS E 298 31.71 9.37 40.68
C HIS E 298 32.29 8.59 41.85
N ASP E 299 33.48 8.03 41.65
CA ASP E 299 34.15 7.29 42.71
C ASP E 299 34.64 8.25 43.78
N PRO E 300 34.37 7.97 45.06
CA PRO E 300 34.81 8.90 46.11
C PRO E 300 36.32 9.09 46.19
N ASP E 301 37.10 8.07 45.86
CA ASP E 301 38.55 8.11 45.97
C ASP E 301 39.20 7.92 44.60
N GLY E 302 38.65 8.56 43.57
CA GLY E 302 39.19 8.43 42.23
C GLY E 302 39.20 9.75 41.47
N GLY E 303 39.05 10.86 42.18
CA GLY E 303 39.00 12.16 41.56
C GLY E 303 39.53 13.23 42.50
N LYS E 304 39.52 14.47 42.02
CA LYS E 304 40.02 15.59 42.82
C LYS E 304 39.12 16.81 42.82
N MET E 305 38.01 16.83 42.07
CA MET E 305 37.08 17.94 42.02
C MET E 305 37.80 19.21 41.59
N PRO E 306 38.16 19.34 40.30
CA PRO E 306 38.88 20.52 39.82
C PRO E 306 38.31 21.84 40.32
N LYS E 307 39.19 22.84 40.50
CA LYS E 307 38.76 24.12 41.05
C LYS E 307 37.74 24.80 40.16
N TRP E 308 37.95 24.75 38.85
CA TRP E 308 37.01 25.37 37.91
C TRP E 308 35.62 24.75 38.04
N THR E 309 35.56 23.41 38.18
CA THR E 309 34.28 22.74 38.36
C THR E 309 33.60 23.20 39.64
N ARG E 310 34.37 23.39 40.71
CA ARG E 310 33.81 23.84 41.98
C ARG E 310 33.33 25.28 41.94
N VAL E 311 34.01 26.16 41.21
CA VAL E 311 33.60 27.55 41.12
C VAL E 311 32.41 27.74 40.21
N ILE E 312 32.45 27.16 39.00
CA ILE E 312 31.37 27.36 38.04
C ILE E 312 30.10 26.67 38.50
N LEU E 313 30.21 25.42 38.95
CA LEU E 313 29.05 24.56 39.16
C LEU E 313 28.50 24.61 40.58
N LEU E 314 29.14 25.36 41.49
CA LEU E 314 28.66 25.43 42.86
C LEU E 314 28.66 26.82 43.47
N ASN E 315 29.22 27.82 42.79
CA ASN E 315 29.22 29.19 43.30
C ASN E 315 28.46 30.15 42.40
N TRP E 316 28.75 30.16 41.10
CA TRP E 316 28.08 31.09 40.19
C TRP E 316 26.74 30.54 39.73
N CYS E 317 26.75 29.39 39.07
CA CYS E 317 25.53 28.79 38.55
C CYS E 317 24.63 28.22 39.63
N ALA E 318 25.14 28.04 40.85
CA ALA E 318 24.32 27.60 41.96
C ALA E 318 23.67 28.74 42.72
N TRP E 319 24.03 29.99 42.41
CA TRP E 319 23.40 31.15 43.01
C TRP E 319 22.38 31.81 42.09
N PHE E 320 22.56 31.68 40.77
CA PHE E 320 21.53 32.14 39.84
C PHE E 320 20.23 31.39 40.07
N LEU E 321 20.32 30.08 40.28
CA LEU E 321 19.17 29.19 40.34
C LEU E 321 18.52 29.13 41.71
N ARG E 322 19.17 29.69 42.74
CA ARG E 322 18.67 29.65 44.12
C ARG E 322 18.42 28.20 44.57
N MET E 323 19.50 27.42 44.55
CA MET E 323 19.44 26.01 44.88
C MET E 323 19.85 25.70 46.31
N LYS E 324 20.99 26.21 46.75
CA LYS E 324 21.50 25.97 48.10
C LYS E 324 21.63 24.48 48.40
N ASP E 410 43.53 -8.49 78.58
CA ASP E 410 43.73 -7.17 79.17
C ASP E 410 42.82 -6.14 78.52
N LEU E 411 43.00 -4.88 78.89
CA LEU E 411 42.18 -3.79 78.39
C LEU E 411 42.71 -3.18 77.09
N ALA E 412 44.04 -3.26 76.87
CA ALA E 412 44.64 -2.57 75.74
C ALA E 412 44.13 -3.12 74.41
N LYS E 413 44.02 -4.44 74.28
CA LYS E 413 43.55 -5.03 73.03
C LYS E 413 42.10 -4.68 72.75
N ILE E 414 41.24 -4.71 73.78
CA ILE E 414 39.86 -4.32 73.61
C ILE E 414 39.77 -2.87 73.15
N LEU E 415 40.55 -1.99 73.78
CA LEU E 415 40.56 -0.59 73.40
C LEU E 415 41.00 -0.42 71.95
N GLU E 416 42.05 -1.15 71.55
CA GLU E 416 42.55 -1.05 70.19
C GLU E 416 41.49 -1.49 69.18
N GLU E 417 40.80 -2.59 69.47
CA GLU E 417 39.77 -3.07 68.54
C GLU E 417 38.63 -2.07 68.39
N VAL E 418 38.13 -1.54 69.51
CA VAL E 418 37.02 -0.59 69.43
C VAL E 418 37.47 0.68 68.71
N ARG E 419 38.71 1.12 68.94
CA ARG E 419 39.24 2.28 68.25
C ARG E 419 39.33 2.03 66.74
N TYR E 420 39.72 0.81 66.35
CA TYR E 420 39.74 0.45 64.94
C TYR E 420 38.36 0.57 64.31
N ILE E 421 37.33 0.04 65.01
CA ILE E 421 35.97 0.14 64.47
C ILE E 421 35.54 1.59 64.31
N ALA E 422 35.85 2.41 65.32
CA ALA E 422 35.48 3.83 65.25
C ALA E 422 36.16 4.52 64.07
N ASN E 423 37.45 4.25 63.86
CA ASN E 423 38.16 4.88 62.74
C ASN E 423 37.57 4.45 61.41
N ARG E 424 37.20 3.17 61.28
CA ARG E 424 36.53 2.70 60.08
C ARG E 424 35.26 3.49 59.81
N PHE E 425 34.44 3.70 60.86
CA PHE E 425 33.20 4.43 60.68
C PHE E 425 33.46 5.88 60.24
N ARG E 426 34.47 6.51 60.83
CA ARG E 426 34.79 7.90 60.45
C ARG E 426 35.22 7.98 58.99
N CYS E 427 36.02 7.02 58.52
CA CYS E 427 36.42 7.03 57.12
C CYS E 427 35.21 6.88 56.20
N GLN E 428 34.28 5.99 56.56
CA GLN E 428 33.07 5.85 55.76
C GLN E 428 32.29 7.16 55.70
N ASP E 429 32.20 7.87 56.83
CA ASP E 429 31.50 9.14 56.85
C ASP E 429 32.14 10.16 55.92
N GLU E 430 33.47 10.24 55.91
CA GLU E 430 34.15 11.18 55.02
C GLU E 430 33.87 10.85 53.56
N SER E 431 33.93 9.57 53.21
CA SER E 431 33.63 9.17 51.82
C SER E 431 32.21 9.56 51.44
N GLU E 432 31.26 9.36 52.36
CA GLU E 432 29.87 9.73 52.08
C GLU E 432 29.73 11.23 51.84
N ALA E 433 30.46 12.05 52.61
CA ALA E 433 30.40 13.49 52.41
C ALA E 433 30.90 13.88 51.01
N VAL E 434 32.01 13.28 50.58
CA VAL E 434 32.52 13.58 49.24
C VAL E 434 31.49 13.20 48.17
N CYS E 435 30.89 12.02 48.31
CA CYS E 435 29.87 11.60 47.37
C CYS E 435 28.70 12.59 47.34
N SER E 436 28.31 13.11 48.51
CA SER E 436 27.22 14.07 48.56
C SER E 436 27.56 15.34 47.78
N GLU E 437 28.80 15.82 47.92
CA GLU E 437 29.21 16.99 47.13
C GLU E 437 29.06 16.72 45.63
N TRP E 438 29.52 15.55 45.19
CA TRP E 438 29.41 15.24 43.76
C TRP E 438 27.96 15.17 43.30
N LYS E 439 27.08 14.58 44.13
CA LYS E 439 25.66 14.52 43.76
C LYS E 439 25.05 15.92 43.66
N PHE E 440 25.41 16.83 44.56
CA PHE E 440 24.91 18.20 44.44
C PHE E 440 25.38 18.84 43.13
N ALA E 441 26.62 18.62 42.75
CA ALA E 441 27.09 19.13 41.46
C ALA E 441 26.25 18.57 40.32
N ALA E 442 25.91 17.29 40.39
CA ALA E 442 25.08 16.68 39.35
C ALA E 442 23.70 17.33 39.27
N CYS E 443 23.09 17.61 40.42
CA CYS E 443 21.77 18.26 40.43
C CYS E 443 21.85 19.66 39.83
N VAL E 444 22.92 20.40 40.13
CA VAL E 444 23.09 21.73 39.55
C VAL E 444 23.18 21.64 38.03
N VAL E 445 23.94 20.66 37.53
CA VAL E 445 24.04 20.46 36.09
C VAL E 445 22.67 20.15 35.50
N ASP E 446 21.89 19.31 36.19
CA ASP E 446 20.55 18.96 35.71
C ASP E 446 19.68 20.19 35.55
N ARG E 447 19.65 21.06 36.56
CA ARG E 447 18.81 22.26 36.44
C ARG E 447 19.30 23.20 35.36
N LEU E 448 20.64 23.36 35.24
CA LEU E 448 21.17 24.21 34.18
C LEU E 448 20.76 23.71 32.81
N CYS E 449 20.84 22.39 32.59
CA CYS E 449 20.43 21.84 31.30
C CYS E 449 18.93 21.93 31.08
N LEU E 450 18.13 21.82 32.14
CA LEU E 450 16.69 22.01 31.99
C LEU E 450 16.33 23.42 31.56
N MET E 451 17.02 24.43 32.09
CA MET E 451 16.64 25.81 31.82
C MET E 451 16.83 26.24 30.36
N ALA E 452 17.65 25.53 29.58
CA ALA E 452 18.01 25.97 28.24
C ALA E 452 17.30 25.22 27.13
N PHE E 453 17.05 23.92 27.30
CA PHE E 453 16.36 23.17 26.25
C PHE E 453 14.94 23.69 26.03
N SER E 454 14.30 24.20 27.08
CA SER E 454 12.96 24.74 26.94
C SER E 454 12.95 25.94 26.01
N VAL E 455 13.86 26.90 26.23
CA VAL E 455 13.90 28.07 25.35
C VAL E 455 14.33 27.66 23.95
N PHE E 456 15.22 26.68 23.83
CA PHE E 456 15.61 26.19 22.51
C PHE E 456 14.40 25.68 21.73
N THR E 457 13.62 24.78 22.34
CA THR E 457 12.51 24.19 21.62
C THR E 457 11.41 25.21 21.36
N ILE E 458 11.17 26.12 22.30
CA ILE E 458 10.15 27.15 22.09
C ILE E 458 10.55 28.05 20.90
N ILE E 459 11.81 28.49 20.88
CA ILE E 459 12.27 29.37 19.82
C ILE E 459 12.20 28.67 18.48
N CYS E 460 12.64 27.40 18.42
CA CYS E 460 12.61 26.68 17.15
C CYS E 460 11.17 26.50 16.66
N THR E 461 10.27 26.07 17.55
CA THR E 461 8.90 25.81 17.16
C THR E 461 8.21 27.07 16.67
N ILE E 462 8.41 28.19 17.37
CA ILE E 462 7.77 29.43 16.94
C ILE E 462 8.37 29.93 15.64
N GLY E 463 9.70 29.97 15.56
CA GLY E 463 10.36 30.58 14.41
C GLY E 463 10.16 29.82 13.12
N ILE E 464 10.22 28.48 13.17
CA ILE E 464 10.09 27.71 11.94
C ILE E 464 8.70 27.87 11.35
N LEU E 465 7.66 27.79 12.20
CA LEU E 465 6.30 27.89 11.70
C LEU E 465 5.96 29.32 11.28
N MET E 466 6.42 30.32 12.03
CA MET E 466 6.04 31.70 11.74
C MET E 466 6.82 32.31 10.58
N SER E 467 7.84 31.62 10.06
CA SER E 467 8.60 32.16 8.95
C SER E 467 7.86 32.10 7.62
N ALA E 468 6.89 31.19 7.49
CA ALA E 468 6.17 31.06 6.24
C ALA E 468 5.24 32.24 6.04
N PRO E 469 5.09 32.72 4.80
CA PRO E 469 4.13 33.78 4.52
C PRO E 469 2.71 33.26 4.56
N ASN E 470 1.75 34.20 4.60
CA ASN E 470 0.31 33.92 4.72
C ASN E 470 0.01 32.89 5.81
N PHE E 471 0.87 32.84 6.84
CA PHE E 471 0.59 31.98 7.99
C PHE E 471 -0.58 32.51 8.80
N VAL E 472 -0.60 33.82 9.06
CA VAL E 472 -1.70 34.43 9.80
C VAL E 472 -3.00 34.29 9.01
N GLU E 473 -2.95 34.48 7.69
CA GLU E 473 -4.13 34.30 6.86
C GLU E 473 -4.64 32.86 6.94
N ALA E 474 -3.74 31.89 6.87
CA ALA E 474 -4.15 30.49 6.92
C ALA E 474 -4.77 30.15 8.28
N VAL E 475 -4.16 30.59 9.37
CA VAL E 475 -4.70 30.25 10.68
C VAL E 475 -5.99 31.01 10.97
N SER E 476 -6.17 32.18 10.35
CA SER E 476 -7.42 32.92 10.54
C SER E 476 -8.56 32.29 9.75
N LYS E 477 -8.29 31.87 8.51
CA LYS E 477 -9.35 31.30 7.68
C LYS E 477 -9.68 29.87 8.07
N ASP E 478 -8.69 29.10 8.54
CA ASP E 478 -8.89 27.67 8.75
C ASP E 478 -9.42 27.37 10.15
N PHE E 479 -8.67 27.75 11.18
CA PHE E 479 -9.01 27.36 12.54
C PHE E 479 -10.19 28.17 13.07
N ALA E 480 -10.05 29.49 13.10
CA ALA E 480 -11.11 30.36 13.61
C ALA E 480 -12.30 30.37 12.66
#